data_6B6G
#
_entry.id   6B6G
#
_cell.length_a   69.633
_cell.length_b   228.022
_cell.length_c   70.816
_cell.angle_alpha   90.000
_cell.angle_beta   109.140
_cell.angle_gamma   90.000
#
_symmetry.space_group_name_H-M   'P 1 21 1'
#
loop_
_entity.id
_entity.type
_entity.pdbx_description
1 polymer '4-aminobutyrate aminotransferase, mitochondrial'
2 non-polymer 'FE2/S2 (INORGANIC) CLUSTER'
3 non-polymer '(3R,4E)-4-[({3-hydroxy-2-methyl-5-[(phosphonooxy)methyl]pyridin-4-yl}methyl)imino]cyclopent-1-ene-1,3-dicarboxylic acid'
4 non-polymer 'ACETATE ION'
5 non-polymer GLYCEROL
6 water water
#
_entity_poly.entity_id   1
_entity_poly.type   'polypeptide(L)'
_entity_poly.pdbx_seq_one_letter_code
;FDYDGPLMKTEVPGPRSRELMKQLNIIQNAEAVHFFCNYEESRGNYLVDVDGNRMLDLYSQISSIPIGYSHPALVKLVQQ
PQNVSTFINRPALGILPPENFVEKLRESLLSVAPKGMSQLITMACGSCSNENAFKTIFMWYRSKERGESAFSKEELETCM
INQAPGCPDYSILSFMGAFHGRTMGCLATTHSKAIHKIDIPSFDWPIAPFPRLKYPLEEFVKENQQEEARCLEEVEDLIV
KYRKKKKTVAGIIVEPIQSEGGDNHASDDFFRKLRDISRKHGCAFLVDEVQTGGGSTGKFWAHEHWGLDDPADVMTFSKK
MMTGGFFHKEEFRPNAPYRIFNTWLGDPSKNLLLAEVINIIKREDLLSNAAHAGKVLLTGLLDLQARYPQFISRVRGRGT
FCSFDTPDESIRNKLISIARNKGVMLGGCGDKSIRFRPTLVFRDHHAHLFLNIFSDILADFA
;
_entity_poly.pdbx_strand_id   A,B,C,D
#
loop_
_chem_comp.id
_chem_comp.type
_chem_comp.name
_chem_comp.formula
ACT non-polymer 'ACETATE ION' 'C2 H3 O2 -1'
FES non-polymer 'FE2/S2 (INORGANIC) CLUSTER' 'Fe2 S2'
GOL non-polymer GLYCEROL 'C3 H8 O3'
RMT non-polymer '(3R,4E)-4-[({3-hydroxy-2-methyl-5-[(phosphonooxy)methyl]pyridin-4-yl}methyl)imino]cyclopent-1-ene-1,3-dicarboxylic acid' 'C15 H17 N2 O9 P'
#
# COMPACT_ATOMS: atom_id res chain seq x y z
N PHE A 1 20.01 -1.47 28.05
CA PHE A 1 19.99 -0.01 27.91
C PHE A 1 21.24 0.68 28.47
N ASP A 2 21.86 0.12 29.51
CA ASP A 2 23.01 0.76 30.17
C ASP A 2 23.65 -0.22 31.14
N TYR A 3 24.90 0.08 31.51
CA TYR A 3 25.63 -0.63 32.57
C TYR A 3 25.45 0.09 33.90
N ASP A 4 25.97 -0.53 34.97
CA ASP A 4 25.84 -0.01 36.33
C ASP A 4 26.85 1.09 36.63
N GLY A 5 28.03 1.04 36.01
CA GLY A 5 29.11 1.94 36.30
C GLY A 5 30.37 1.44 35.60
N PRO A 6 31.46 2.19 35.66
CA PRO A 6 32.68 1.77 34.96
C PRO A 6 33.32 0.56 35.62
N LEU A 7 34.07 -0.18 34.81
CA LEU A 7 34.77 -1.39 35.26
C LEU A 7 36.11 -1.44 34.53
N MET A 8 37.20 -1.18 35.24
CA MET A 8 38.53 -1.06 34.65
C MET A 8 39.36 -2.32 34.90
N LYS A 9 40.00 -2.83 33.86
CA LYS A 9 40.89 -3.99 33.94
C LYS A 9 42.36 -3.65 33.77
N THR A 10 42.70 -2.73 32.87
CA THR A 10 44.08 -2.38 32.56
C THR A 10 44.21 -0.86 32.48
N GLU A 11 45.46 -0.40 32.38
CA GLU A 11 45.74 0.97 31.99
C GLU A 11 45.22 1.20 30.57
N VAL A 12 45.05 2.47 30.19
CA VAL A 12 44.47 2.82 28.90
C VAL A 12 45.43 3.74 28.15
N PRO A 13 45.85 3.39 26.92
CA PRO A 13 45.48 2.17 26.20
C PRO A 13 46.18 0.93 26.78
N GLY A 14 45.49 -0.19 26.80
CA GLY A 14 46.06 -1.43 27.27
C GLY A 14 46.80 -2.16 26.17
N PRO A 15 47.28 -3.37 26.47
CA PRO A 15 48.17 -4.06 25.52
C PRO A 15 47.53 -4.35 24.17
N ARG A 16 46.27 -4.76 24.14
CA ARG A 16 45.67 -5.06 22.86
C ARG A 16 45.50 -3.79 22.00
N SER A 17 45.15 -2.67 22.63
CA SER A 17 45.08 -1.41 21.88
C SER A 17 46.46 -1.02 21.33
N ARG A 18 47.50 -1.10 22.15
CA ARG A 18 48.82 -0.69 21.70
C ARG A 18 49.26 -1.54 20.50
N GLU A 19 48.94 -2.83 20.52
CA GLU A 19 49.27 -3.67 19.38
C GLU A 19 48.47 -3.27 18.14
N LEU A 20 47.15 -3.06 18.29
CA LEU A 20 46.36 -2.61 17.15
C LEU A 20 46.81 -1.23 16.67
N MET A 21 47.19 -0.35 17.60
CA MET A 21 47.69 0.97 17.22
C MET A 21 49.01 0.86 16.44
N LYS A 22 49.87 -0.06 16.87
CA LYS A 22 51.08 -0.35 16.12
C LYS A 22 50.77 -0.76 14.67
N GLN A 23 49.80 -1.66 14.49
CA GLN A 23 49.44 -2.08 13.13
C GLN A 23 48.92 -0.92 12.31
N LEU A 24 47.99 -0.14 12.87
CA LEU A 24 47.43 0.98 12.12
C LEU A 24 48.50 2.01 11.76
N ASN A 25 49.49 2.21 12.63
CA ASN A 25 50.53 3.20 12.37
C ASN A 25 51.37 2.87 11.13
N ILE A 26 51.31 1.64 10.64
CA ILE A 26 52.04 1.29 9.41
CA ILE A 26 52.03 1.28 9.42
C ILE A 26 51.46 2.00 8.20
N ILE A 27 50.13 2.13 8.14
CA ILE A 27 49.50 2.65 6.92
C ILE A 27 49.15 4.13 7.02
N GLN A 28 49.17 4.73 8.21
CA GLN A 28 48.87 6.14 8.35
C GLN A 28 49.40 6.61 9.69
N ASN A 29 49.54 7.92 9.83
CA ASN A 29 49.87 8.50 11.12
C ASN A 29 48.72 8.20 12.07
N ALA A 30 48.94 7.30 13.03
CA ALA A 30 47.91 6.91 13.99
C ALA A 30 48.15 7.54 15.36
N GLU A 31 48.97 8.59 15.42
CA GLU A 31 49.29 9.24 16.69
C GLU A 31 48.08 9.78 17.42
N ALA A 32 46.99 10.09 16.71
CA ALA A 32 45.80 10.62 17.40
C ALA A 32 44.98 9.55 18.08
N VAL A 33 45.21 8.27 17.80
CA VAL A 33 44.33 7.23 18.30
C VAL A 33 44.43 7.17 19.82
N HIS A 34 43.27 7.20 20.48
CA HIS A 34 43.27 7.09 21.93
C HIS A 34 43.36 5.64 22.37
N PHE A 35 42.52 4.78 21.80
CA PHE A 35 42.53 3.34 22.03
C PHE A 35 41.55 2.72 21.06
N PHE A 36 41.59 1.39 20.96
CA PHE A 36 40.69 0.66 20.08
C PHE A 36 39.50 0.14 20.89
N CYS A 37 38.34 0.03 20.24
CA CYS A 37 37.07 -0.13 20.94
C CYS A 37 36.32 -1.38 20.49
N ASN A 38 35.56 -1.94 21.43
CA ASN A 38 34.63 -3.05 21.19
C ASN A 38 33.22 -2.44 21.21
N TYR A 39 32.79 -1.96 20.05
CA TYR A 39 31.47 -1.33 19.97
C TYR A 39 30.34 -2.34 20.18
N GLU A 40 30.62 -3.64 20.02
CA GLU A 40 29.60 -4.67 20.20
C GLU A 40 29.16 -4.76 21.66
N GLU A 41 30.08 -4.54 22.60
CA GLU A 41 29.77 -4.63 24.02
C GLU A 41 29.52 -3.26 24.65
N SER A 42 29.75 -2.18 23.93
CA SER A 42 29.45 -0.84 24.43
C SER A 42 27.94 -0.64 24.51
N ARG A 43 27.49 0.08 25.53
CA ARG A 43 26.06 0.20 25.74
C ARG A 43 25.75 1.47 26.51
N GLY A 44 24.75 2.20 26.03
CA GLY A 44 24.30 3.42 26.69
C GLY A 44 25.43 4.43 26.79
N ASN A 45 25.76 4.82 28.03
CA ASN A 45 26.80 5.79 28.32
C ASN A 45 28.19 5.19 28.41
N TYR A 46 28.35 3.91 28.05
CA TYR A 46 29.59 3.22 28.37
C TYR A 46 30.27 2.70 27.11
N LEU A 47 31.54 3.06 26.97
CA LEU A 47 32.38 2.62 25.89
C LEU A 47 33.30 1.52 26.41
N VAL A 48 33.41 0.43 25.66
CA VAL A 48 34.24 -0.72 26.05
C VAL A 48 35.41 -0.81 25.08
N ASP A 49 36.61 -0.94 25.60
CA ASP A 49 37.76 -1.06 24.72
C ASP A 49 38.10 -2.52 24.48
N VAL A 50 39.13 -2.76 23.66
CA VAL A 50 39.50 -4.11 23.28
C VAL A 50 40.23 -4.86 24.38
N ASP A 51 40.58 -4.18 25.46
CA ASP A 51 41.16 -4.83 26.62
C ASP A 51 40.13 -5.07 27.72
N GLY A 52 38.84 -4.96 27.42
CA GLY A 52 37.80 -5.18 28.41
C GLY A 52 37.54 -4.06 29.39
N ASN A 53 38.21 -2.91 29.26
CA ASN A 53 37.89 -1.76 30.09
C ASN A 53 36.54 -1.19 29.68
N ARG A 54 35.78 -0.73 30.67
CA ARG A 54 34.45 -0.16 30.44
C ARG A 54 34.42 1.23 31.06
N MET A 55 34.34 2.26 30.20
CA MET A 55 34.47 3.63 30.65
C MET A 55 33.16 4.38 30.47
N LEU A 56 32.82 5.22 31.45
CA LEU A 56 31.76 6.19 31.29
C LEU A 56 32.19 7.24 30.26
N ASP A 57 31.48 7.31 29.14
CA ASP A 57 31.91 8.13 28.00
C ASP A 57 31.28 9.51 28.08
N LEU A 58 32.07 10.51 28.45
CA LEU A 58 31.58 11.88 28.45
C LEU A 58 32.08 12.66 27.26
N TYR A 59 32.59 11.95 26.25
CA TYR A 59 33.06 12.54 25.00
C TYR A 59 32.18 12.17 23.80
N SER A 60 31.59 10.98 23.81
CA SER A 60 30.59 10.51 22.82
C SER A 60 31.04 10.73 21.36
N GLN A 61 32.27 10.29 21.05
CA GLN A 61 32.78 10.30 19.67
C GLN A 61 32.79 11.73 19.11
N ILE A 62 33.34 12.66 19.90
CA ILE A 62 33.37 14.08 19.58
C ILE A 62 31.94 14.59 19.40
N SER A 63 31.07 14.25 20.34
CA SER A 63 29.72 14.80 20.43
C SER A 63 28.85 14.39 19.24
N SER A 64 29.00 13.14 18.78
CA SER A 64 28.28 12.67 17.60
C SER A 64 27.38 11.47 17.85
N ILE A 65 27.40 10.86 19.03
CA ILE A 65 26.52 9.76 19.37
C ILE A 65 25.32 10.33 20.11
N PRO A 66 24.09 10.27 19.54
CA PRO A 66 22.96 11.01 20.15
C PRO A 66 22.33 10.33 21.35
N ILE A 67 22.07 9.02 21.28
CA ILE A 67 21.37 8.35 22.37
C ILE A 67 22.11 7.10 22.84
N GLY A 68 23.43 7.20 22.94
CA GLY A 68 24.22 6.13 23.51
C GLY A 68 24.52 5.02 22.52
N TYR A 69 25.35 4.07 22.97
CA TYR A 69 25.81 2.97 22.15
C TYR A 69 24.79 1.84 22.14
N SER A 70 24.65 1.20 20.97
CA SER A 70 23.85 -0.02 20.83
C SER A 70 22.46 0.15 21.42
N HIS A 71 21.79 1.22 21.06
CA HIS A 71 20.48 1.48 21.64
C HIS A 71 19.49 0.43 21.12
N PRO A 72 18.71 -0.20 21.99
CA PRO A 72 17.84 -1.32 21.55
C PRO A 72 16.85 -0.93 20.46
N ALA A 73 16.39 0.32 20.43
CA ALA A 73 15.48 0.71 19.38
C ALA A 73 16.20 0.78 18.03
N LEU A 74 17.48 1.12 18.03
CA LEU A 74 18.23 1.13 16.77
C LEU A 74 18.63 -0.28 16.37
N VAL A 75 18.95 -1.14 17.33
CA VAL A 75 19.18 -2.55 17.00
C VAL A 75 17.98 -3.13 16.26
N LYS A 76 16.77 -2.91 16.80
CA LYS A 76 15.56 -3.42 16.17
C LYS A 76 15.41 -2.89 14.75
N LEU A 77 15.66 -1.60 14.55
CA LEU A 77 15.60 -1.03 13.19
C LEU A 77 16.41 -1.85 12.21
N VAL A 78 17.64 -2.22 12.58
CA VAL A 78 18.52 -2.91 11.65
C VAL A 78 18.08 -4.34 11.45
N GLN A 79 17.43 -4.94 12.47
CA GLN A 79 16.99 -6.31 12.37
C GLN A 79 15.81 -6.47 11.41
N GLN A 80 15.13 -5.40 11.05
CA GLN A 80 13.91 -5.50 10.26
C GLN A 80 14.25 -5.82 8.81
N PRO A 81 13.71 -6.91 8.24
CA PRO A 81 14.04 -7.25 6.84
C PRO A 81 13.69 -6.15 5.87
N GLN A 82 12.71 -5.31 6.18
CA GLN A 82 12.31 -4.26 5.25
C GLN A 82 13.37 -3.17 5.14
N ASN A 83 14.31 -3.10 6.08
CA ASN A 83 15.30 -2.04 6.06
C ASN A 83 16.62 -2.45 5.41
N VAL A 84 16.82 -3.73 5.11
CA VAL A 84 18.07 -4.19 4.51
C VAL A 84 18.45 -3.36 3.28
N SER A 85 17.47 -3.05 2.43
CA SER A 85 17.78 -2.32 1.21
C SER A 85 18.35 -0.93 1.50
N THR A 86 17.85 -0.27 2.55
CA THR A 86 18.35 1.06 2.86
C THR A 86 19.86 1.04 3.09
N PHE A 87 20.36 -0.05 3.67
CA PHE A 87 21.77 -0.15 4.01
C PHE A 87 22.67 -0.61 2.88
N ILE A 88 22.15 -1.25 1.84
CA ILE A 88 22.98 -1.79 0.77
C ILE A 88 22.74 -1.16 -0.58
N ASN A 89 21.73 -0.31 -0.73
CA ASN A 89 21.41 0.32 -2.01
C ASN A 89 21.44 1.83 -1.81
N ARG A 90 22.63 2.40 -1.84
CA ARG A 90 22.76 3.82 -1.58
C ARG A 90 22.47 4.61 -2.85
N PRO A 91 21.46 5.47 -2.86
CA PRO A 91 21.09 6.20 -4.08
C PRO A 91 21.82 7.53 -4.24
N ALA A 92 21.89 7.96 -5.49
CA ALA A 92 22.32 9.32 -5.82
C ALA A 92 21.12 10.21 -5.56
N LEU A 93 21.01 10.66 -4.30
CA LEU A 93 19.77 11.22 -3.76
C LEU A 93 19.23 12.38 -4.59
N GLY A 94 20.10 13.18 -5.20
CA GLY A 94 19.59 14.31 -5.92
C GLY A 94 18.96 14.01 -7.27
N ILE A 95 18.97 12.75 -7.70
CA ILE A 95 18.37 12.43 -8.99
C ILE A 95 17.43 11.24 -8.88
N LEU A 96 17.73 10.30 -7.98
CA LEU A 96 16.98 9.05 -7.88
C LEU A 96 16.62 8.75 -6.42
N PRO A 97 15.83 9.61 -5.79
CA PRO A 97 15.50 9.38 -4.38
C PRO A 97 14.64 8.14 -4.21
N PRO A 98 14.76 7.43 -3.09
CA PRO A 98 13.88 6.30 -2.82
C PRO A 98 12.47 6.78 -2.50
N GLU A 99 11.54 5.81 -2.54
CA GLU A 99 10.11 6.13 -2.48
C GLU A 99 9.78 6.90 -1.21
N ASN A 100 10.31 6.44 -0.07
CA ASN A 100 9.99 6.96 1.26
C ASN A 100 10.79 8.20 1.63
N PHE A 101 11.42 8.88 0.69
CA PHE A 101 12.40 9.91 1.02
C PHE A 101 11.74 11.08 1.74
N VAL A 102 10.64 11.58 1.20
CA VAL A 102 9.95 12.70 1.84
C VAL A 102 9.34 12.27 3.17
N GLU A 103 8.72 11.09 3.20
CA GLU A 103 8.09 10.65 4.44
C GLU A 103 9.11 10.46 5.55
N LYS A 104 10.31 9.98 5.22
CA LYS A 104 11.30 9.82 6.27
C LYS A 104 11.83 11.18 6.73
N LEU A 105 11.98 12.13 5.82
CA LEU A 105 12.35 13.48 6.24
C LEU A 105 11.27 14.09 7.14
N ARG A 106 9.99 13.87 6.81
CA ARG A 106 8.90 14.34 7.66
C ARG A 106 9.00 13.77 9.05
N GLU A 107 9.41 12.51 9.19
CA GLU A 107 9.54 11.91 10.50
C GLU A 107 10.82 12.33 11.21
N SER A 108 11.72 13.01 10.53
CA SER A 108 12.99 13.31 11.18
C SER A 108 13.28 14.81 11.04
N LEU A 109 14.11 15.20 10.07
CA LEU A 109 14.64 16.56 10.10
C LEU A 109 13.53 17.61 10.04
N LEU A 110 12.51 17.38 9.19
CA LEU A 110 11.49 18.42 9.04
C LEU A 110 10.72 18.63 10.33
N SER A 111 10.57 17.59 11.14
CA SER A 111 9.87 17.70 12.41
C SER A 111 10.63 18.54 13.45
N VAL A 112 11.87 18.97 13.18
CA VAL A 112 12.58 19.84 14.12
C VAL A 112 13.12 21.06 13.40
N ALA A 113 12.45 21.47 12.32
CA ALA A 113 12.94 22.61 11.56
C ALA A 113 13.03 23.86 12.44
N PRO A 114 14.10 24.62 12.32
CA PRO A 114 14.18 25.91 13.04
C PRO A 114 13.10 26.86 12.54
N LYS A 115 12.80 27.84 13.39
CA LYS A 115 11.75 28.81 13.08
CA LYS A 115 11.75 28.81 13.08
C LYS A 115 12.12 29.64 11.86
N GLY A 116 11.19 29.77 10.92
CA GLY A 116 11.41 30.59 9.74
C GLY A 116 12.18 29.93 8.61
N MET A 117 12.45 28.64 8.68
CA MET A 117 13.25 27.94 7.68
C MET A 117 12.45 26.78 7.06
N SER A 118 11.87 27.04 5.89
CA SER A 118 11.07 26.02 5.23
C SER A 118 11.91 25.05 4.39
N GLN A 119 13.14 25.41 4.07
CA GLN A 119 13.93 24.66 3.11
C GLN A 119 14.93 23.76 3.81
N LEU A 120 15.19 22.60 3.19
CA LEU A 120 16.10 21.63 3.76
C LEU A 120 16.83 20.92 2.64
N ILE A 121 18.16 20.89 2.74
CA ILE A 121 19.01 20.06 1.88
C ILE A 121 19.92 19.23 2.77
N THR A 122 20.07 17.95 2.45
CA THR A 122 20.90 17.05 3.24
C THR A 122 22.32 16.96 2.67
N MET A 123 23.28 16.67 3.57
CA MET A 123 24.70 16.57 3.26
C MET A 123 25.28 15.48 4.15
N ALA A 124 26.50 15.02 3.81
CA ALA A 124 27.04 13.87 4.52
C ALA A 124 27.83 14.23 5.78
N CYS A 125 28.36 15.45 5.91
CA CYS A 125 29.13 15.84 7.09
C CYS A 125 28.99 17.34 7.33
N GLY A 126 29.61 17.82 8.43
CA GLY A 126 29.48 19.22 8.76
C GLY A 126 30.29 20.13 7.85
N SER A 127 31.39 19.62 7.29
N SER A 127 31.38 19.61 7.30
CA SER A 127 32.20 20.46 6.41
CA SER A 127 32.21 20.44 6.42
C SER A 127 31.47 20.77 5.11
C SER A 127 31.46 20.76 5.13
N CYS A 128 30.93 19.74 4.45
CA CYS A 128 30.20 20.01 3.20
C CYS A 128 28.83 20.65 3.46
N SER A 129 28.27 20.50 4.67
CA SER A 129 27.14 21.34 5.05
C SER A 129 27.52 22.81 5.02
N ASN A 130 28.64 23.16 5.68
CA ASN A 130 29.00 24.57 5.78
C ASN A 130 29.46 25.11 4.43
N GLU A 131 30.22 24.31 3.67
CA GLU A 131 30.64 24.71 2.34
C GLU A 131 29.43 25.03 1.46
N ASN A 132 28.46 24.13 1.43
CA ASN A 132 27.30 24.35 0.57
C ASN A 132 26.39 25.43 1.12
N ALA A 133 26.45 25.69 2.42
CA ALA A 133 25.82 26.90 2.96
C ALA A 133 26.52 28.15 2.48
N PHE A 134 27.86 28.14 2.42
CA PHE A 134 28.58 29.29 1.89
C PHE A 134 28.14 29.57 0.46
N LYS A 135 28.03 28.51 -0.35
CA LYS A 135 27.71 28.67 -1.76
C LYS A 135 26.27 29.14 -1.93
N THR A 136 25.35 28.54 -1.17
CA THR A 136 23.96 29.02 -1.15
C THR A 136 23.90 30.51 -0.88
N ILE A 137 24.70 30.99 0.05
CA ILE A 137 24.70 32.40 0.41
C ILE A 137 25.34 33.24 -0.70
N PHE A 138 26.43 32.74 -1.28
CA PHE A 138 27.07 33.49 -2.37
C PHE A 138 26.10 33.64 -3.54
N MET A 139 25.38 32.58 -3.87
CA MET A 139 24.42 32.66 -4.96
C MET A 139 23.28 33.61 -4.62
N TRP A 140 22.81 33.58 -3.37
CA TRP A 140 21.76 34.48 -2.95
C TRP A 140 22.20 35.94 -3.07
N TYR A 141 23.43 36.24 -2.63
CA TYR A 141 23.91 37.62 -2.64
C TYR A 141 24.10 38.14 -4.06
N ARG A 142 24.60 37.29 -4.97
CA ARG A 142 24.72 37.68 -6.37
CA ARG A 142 24.72 37.69 -6.37
C ARG A 142 23.35 37.89 -6.99
N SER A 143 22.41 37.00 -6.68
CA SER A 143 21.03 37.16 -7.16
C SER A 143 20.43 38.46 -6.68
N LYS A 144 20.79 38.91 -5.48
CA LYS A 144 20.38 40.24 -5.03
C LYS A 144 20.98 41.32 -5.91
N GLU A 145 22.28 41.24 -6.20
CA GLU A 145 22.99 42.27 -6.95
C GLU A 145 22.72 42.24 -8.45
N ARG A 146 21.99 41.27 -8.96
CA ARG A 146 21.73 41.19 -10.39
C ARG A 146 20.25 41.11 -10.76
N GLY A 147 19.35 41.20 -9.78
CA GLY A 147 17.94 41.23 -10.12
C GLY A 147 17.33 39.88 -10.42
N GLU A 148 16.45 39.67 -11.42
CA GLU A 148 16.03 40.39 -12.67
C GLU A 148 16.99 40.08 -13.84
N SER A 149 18.24 40.57 -13.85
CA SER A 149 19.13 40.24 -14.95
C SER A 149 19.54 38.78 -14.88
N ALA A 150 19.69 38.16 -16.05
CA ALA A 150 20.16 36.78 -16.14
C ALA A 150 21.69 36.73 -16.05
N PHE A 151 22.24 35.52 -16.20
CA PHE A 151 23.68 35.32 -16.23
C PHE A 151 24.25 35.99 -17.48
N SER A 152 25.03 37.06 -17.30
CA SER A 152 25.83 37.58 -18.40
C SER A 152 26.88 36.54 -18.80
N LYS A 153 27.01 36.29 -20.10
CA LYS A 153 27.98 35.25 -20.44
C LYS A 153 29.43 35.73 -20.38
N GLU A 154 29.69 36.98 -20.07
CA GLU A 154 31.01 37.31 -19.53
C GLU A 154 31.23 36.58 -18.21
N GLU A 155 30.24 36.64 -17.32
CA GLU A 155 30.30 35.87 -16.09
C GLU A 155 30.43 34.37 -16.37
N LEU A 156 29.67 33.87 -17.36
CA LEU A 156 29.71 32.44 -17.65
C LEU A 156 31.07 32.02 -18.22
N GLU A 157 31.78 32.93 -18.90
CA GLU A 157 33.10 32.61 -19.42
C GLU A 157 34.17 32.72 -18.33
N THR A 158 34.10 33.77 -17.52
CA THR A 158 35.10 33.99 -16.47
C THR A 158 35.03 32.90 -15.40
N CYS A 159 33.83 32.42 -15.08
CA CYS A 159 33.67 31.52 -13.94
C CYS A 159 34.34 30.17 -14.20
N MET A 160 34.43 29.76 -15.47
CA MET A 160 35.10 28.53 -15.80
C MET A 160 36.62 28.61 -15.64
N ILE A 161 37.19 29.81 -15.51
CA ILE A 161 38.63 29.94 -15.36
C ILE A 161 38.98 30.67 -14.07
N ASN A 162 38.11 30.56 -13.06
CA ASN A 162 38.41 31.08 -11.72
C ASN A 162 38.69 32.58 -11.73
N GLN A 163 37.93 33.32 -12.52
CA GLN A 163 38.21 34.74 -12.70
C GLN A 163 36.96 35.58 -12.45
N ALA A 164 37.17 36.78 -11.93
CA ALA A 164 36.11 37.78 -11.85
C ALA A 164 35.63 38.14 -13.25
N PRO A 165 34.35 38.52 -13.42
CA PRO A 165 33.33 38.66 -12.38
C PRO A 165 32.54 37.38 -12.17
N GLY A 166 32.76 36.37 -13.03
CA GLY A 166 32.07 35.11 -12.85
C GLY A 166 32.35 34.50 -11.49
N CYS A 167 33.58 34.64 -11.02
CA CYS A 167 33.99 34.22 -9.68
C CYS A 167 34.16 35.46 -8.80
N PRO A 168 33.16 35.84 -8.03
CA PRO A 168 33.22 37.11 -7.29
C PRO A 168 34.21 37.04 -6.14
N ASP A 169 34.48 38.20 -5.57
CA ASP A 169 35.39 38.31 -4.43
C ASP A 169 34.63 38.45 -3.12
N TYR A 170 33.51 37.76 -2.99
CA TYR A 170 32.74 37.83 -1.75
C TYR A 170 33.50 37.16 -0.61
N SER A 171 33.18 37.58 0.60
CA SER A 171 33.78 37.02 1.79
C SER A 171 32.69 36.48 2.72
N ILE A 172 33.09 35.58 3.60
CA ILE A 172 32.29 35.16 4.74
C ILE A 172 33.01 35.65 5.99
N LEU A 173 32.29 36.32 6.89
CA LEU A 173 32.89 36.78 8.13
C LEU A 173 32.80 35.69 9.21
N SER A 174 33.90 35.50 9.95
CA SER A 174 33.99 34.45 10.95
C SER A 174 34.70 35.01 12.17
N PHE A 175 34.79 34.20 13.24
CA PHE A 175 35.23 34.67 14.53
C PHE A 175 36.49 33.95 14.98
N MET A 176 37.37 34.68 15.66
CA MET A 176 38.51 34.05 16.31
C MET A 176 38.00 32.98 17.27
N GLY A 177 38.71 31.85 17.33
CA GLY A 177 38.24 30.71 18.09
C GLY A 177 37.24 29.83 17.38
N ALA A 178 36.76 30.20 16.20
CA ALA A 178 35.73 29.40 15.54
C ALA A 178 36.30 28.08 15.03
N PHE A 179 35.40 27.12 14.85
CA PHE A 179 35.72 25.89 14.12
C PHE A 179 34.50 25.53 13.29
N HIS A 180 34.68 25.48 11.98
CA HIS A 180 33.60 25.16 11.06
C HIS A 180 33.94 24.05 10.08
N GLY A 181 35.05 23.37 10.25
CA GLY A 181 35.41 22.27 9.38
C GLY A 181 36.74 22.49 8.68
N ARG A 182 37.10 21.51 7.86
CA ARG A 182 38.47 21.32 7.43
C ARG A 182 38.69 21.42 5.93
N THR A 183 37.64 21.30 5.11
CA THR A 183 37.84 21.57 3.70
C THR A 183 38.15 23.05 3.52
N MET A 184 38.72 23.40 2.38
CA MET A 184 39.44 24.67 2.30
C MET A 184 38.52 25.88 2.44
N GLY A 185 37.23 25.76 2.09
CA GLY A 185 36.33 26.86 2.37
C GLY A 185 36.07 27.02 3.86
N CYS A 186 35.63 25.94 4.52
CA CYS A 186 35.41 25.98 5.98
C CYS A 186 36.65 26.43 6.71
N LEU A 187 37.82 25.95 6.25
CA LEU A 187 39.06 26.20 6.99
C LEU A 187 39.33 27.69 7.09
N ALA A 188 39.03 28.43 6.01
CA ALA A 188 39.22 29.87 6.03
C ALA A 188 38.44 30.51 7.16
N THR A 189 37.25 29.98 7.47
CA THR A 189 36.46 30.50 8.58
C THR A 189 36.79 29.87 9.92
N THR A 190 37.74 28.95 9.96
CA THR A 190 38.13 28.28 11.21
C THR A 190 39.36 28.98 11.81
N HIS A 191 39.32 29.20 13.12
CA HIS A 191 40.40 29.95 13.78
C HIS A 191 40.61 29.40 15.19
N SER A 192 40.82 28.09 15.25
CA SER A 192 40.84 27.34 16.49
C SER A 192 42.26 27.09 16.98
N LYS A 193 43.03 26.34 16.20
CA LYS A 193 44.39 25.95 16.56
C LYS A 193 45.28 26.09 15.33
N ALA A 194 46.54 26.47 15.57
CA ALA A 194 47.47 26.64 14.46
C ALA A 194 47.64 25.35 13.66
N ILE A 195 47.67 24.20 14.35
CA ILE A 195 47.91 22.94 13.65
C ILE A 195 46.81 22.63 12.64
N HIS A 196 45.61 23.20 12.83
CA HIS A 196 44.54 23.01 11.85
C HIS A 196 44.78 23.78 10.57
N LYS A 197 45.55 24.87 10.64
CA LYS A 197 45.65 25.89 9.60
C LYS A 197 47.00 25.98 8.92
N ILE A 198 48.06 25.63 9.63
CA ILE A 198 49.39 25.96 9.16
C ILE A 198 49.70 25.18 7.88
N ASP A 199 50.23 25.90 6.89
CA ASP A 199 50.71 25.42 5.58
C ASP A 199 49.58 25.28 4.54
N ILE A 200 48.35 25.70 4.84
CA ILE A 200 47.23 25.57 3.90
C ILE A 200 46.90 26.95 3.35
N PRO A 201 46.77 27.10 2.02
CA PRO A 201 46.26 28.35 1.44
C PRO A 201 44.88 28.68 1.98
N SER A 202 44.58 29.98 2.06
CA SER A 202 43.40 30.46 2.74
C SER A 202 42.75 31.55 1.91
N PHE A 203 41.69 32.15 2.47
CA PHE A 203 40.99 33.29 1.90
C PHE A 203 41.21 34.52 2.76
N ASP A 204 41.23 35.68 2.13
CA ASP A 204 41.33 36.95 2.85
C ASP A 204 39.91 37.37 3.22
N TRP A 205 39.44 36.82 4.34
CA TRP A 205 38.10 37.09 4.83
C TRP A 205 38.16 37.72 6.22
N PRO A 206 37.23 38.61 6.53
CA PRO A 206 37.27 39.28 7.83
C PRO A 206 37.10 38.29 8.97
N ILE A 207 37.91 38.48 10.01
CA ILE A 207 37.89 37.67 11.24
C ILE A 207 37.63 38.61 12.41
N ALA A 208 36.57 38.37 13.12
CA ALA A 208 36.16 39.22 14.23
C ALA A 208 36.46 38.58 15.57
N PRO A 209 36.65 39.36 16.63
CA PRO A 209 36.85 38.78 17.96
C PRO A 209 35.54 38.23 18.52
N PHE A 210 35.63 37.09 19.17
CA PHE A 210 34.53 36.51 19.92
C PHE A 210 34.63 36.94 21.39
N PRO A 211 33.53 37.35 22.01
CA PRO A 211 33.58 37.81 23.41
C PRO A 211 34.25 36.80 24.32
N ARG A 212 35.17 37.28 25.15
CA ARG A 212 35.72 36.46 26.23
C ARG A 212 35.08 36.92 27.54
N LEU A 213 34.24 36.05 28.11
CA LEU A 213 33.51 36.39 29.31
C LEU A 213 34.36 36.18 30.56
N LYS A 214 34.01 36.90 31.61
CA LYS A 214 34.67 36.75 32.90
C LYS A 214 33.74 36.05 33.89
N TYR A 215 34.30 35.13 34.67
CA TYR A 215 33.53 34.33 35.61
C TYR A 215 33.94 34.65 37.05
N PRO A 216 33.00 34.57 38.03
CA PRO A 216 31.56 34.28 37.93
C PRO A 216 30.78 35.31 37.15
N LEU A 217 29.87 34.87 36.28
CA LEU A 217 29.16 35.78 35.41
C LEU A 217 28.38 36.83 36.20
N GLU A 218 27.88 36.46 37.38
CA GLU A 218 27.03 37.37 38.14
C GLU A 218 27.81 38.49 38.81
N GLU A 219 29.14 38.39 38.86
CA GLU A 219 29.96 39.49 39.36
C GLU A 219 30.51 40.37 38.23
N PHE A 220 30.39 39.95 36.98
CA PHE A 220 31.03 40.70 35.90
C PHE A 220 30.04 41.15 34.84
N VAL A 221 28.81 41.48 35.27
CA VAL A 221 27.75 41.81 34.33
C VAL A 221 28.13 43.00 33.46
N LYS A 222 28.57 44.09 34.08
CA LYS A 222 28.90 45.29 33.33
C LYS A 222 30.08 45.05 32.39
N GLU A 223 31.11 44.36 32.86
CA GLU A 223 32.29 44.15 32.05
C GLU A 223 32.01 43.17 30.90
N ASN A 224 31.20 42.13 31.16
CA ASN A 224 30.83 41.23 30.08
C ASN A 224 29.96 41.94 29.06
N GLN A 225 29.09 42.84 29.51
CA GLN A 225 28.29 43.63 28.57
C GLN A 225 29.17 44.50 27.69
N GLN A 226 30.19 45.12 28.29
CA GLN A 226 31.09 45.99 27.53
C GLN A 226 31.90 45.18 26.52
N GLU A 227 32.41 44.02 26.94
CA GLU A 227 33.18 43.16 26.05
C GLU A 227 32.35 42.77 24.82
N GLU A 228 31.10 42.34 25.04
CA GLU A 228 30.27 41.95 23.91
C GLU A 228 30.02 43.13 22.96
N ALA A 229 29.77 44.32 23.51
CA ALA A 229 29.56 45.47 22.66
C ALA A 229 30.81 45.79 21.83
N ARG A 230 31.98 45.69 22.45
CA ARG A 230 33.24 45.84 21.71
C ARG A 230 33.26 44.91 20.50
N CYS A 231 33.01 43.62 20.72
CA CYS A 231 33.07 42.66 19.61
C CYS A 231 32.04 42.98 18.54
N LEU A 232 30.81 43.34 18.95
CA LEU A 232 29.80 43.71 17.99
C LEU A 232 30.24 44.91 17.15
N GLU A 233 30.88 45.89 17.77
CA GLU A 233 31.32 47.05 17.00
C GLU A 233 32.37 46.66 15.96
N GLU A 234 33.34 45.82 16.37
CA GLU A 234 34.36 45.36 15.43
C GLU A 234 33.76 44.55 14.30
N VAL A 235 32.74 43.74 14.57
CA VAL A 235 32.06 43.04 13.49
C VAL A 235 31.53 44.04 12.48
N GLU A 236 30.90 45.11 12.96
CA GLU A 236 30.31 46.07 12.04
C GLU A 236 31.38 46.83 11.26
N ASP A 237 32.47 47.23 11.93
CA ASP A 237 33.61 47.85 11.25
C ASP A 237 34.11 46.97 10.11
N LEU A 238 34.29 45.67 10.38
CA LEU A 238 34.86 44.77 9.38
C LEU A 238 33.97 44.66 8.15
N ILE A 239 32.65 44.69 8.34
CA ILE A 239 31.76 44.62 7.20
C ILE A 239 31.93 45.85 6.31
N VAL A 240 32.06 47.03 6.92
CA VAL A 240 32.25 48.26 6.16
C VAL A 240 33.64 48.28 5.52
N LYS A 241 34.66 47.89 6.28
CA LYS A 241 36.00 47.82 5.73
C LYS A 241 36.06 46.91 4.51
N TYR A 242 35.53 45.70 4.61
CA TYR A 242 35.63 44.76 3.50
C TYR A 242 34.66 45.10 2.38
N ARG A 243 33.63 45.91 2.64
CA ARG A 243 32.84 46.45 1.54
C ARG A 243 33.68 47.42 0.71
N LYS A 244 34.47 48.25 1.38
CA LYS A 244 35.35 49.19 0.69
C LYS A 244 36.54 48.50 0.04
N LYS A 245 36.89 47.28 0.47
CA LYS A 245 37.92 46.48 -0.19
C LYS A 245 37.39 45.72 -1.38
N LYS A 246 36.14 45.96 -1.77
CA LYS A 246 35.43 45.20 -2.80
C LYS A 246 35.40 43.70 -2.48
N LYS A 247 35.57 43.35 -1.20
CA LYS A 247 35.46 41.98 -0.72
C LYS A 247 34.20 41.87 0.15
N THR A 248 33.05 42.10 -0.47
CA THR A 248 31.81 42.30 0.28
C THR A 248 31.41 41.06 1.06
N VAL A 249 31.13 41.27 2.35
CA VAL A 249 30.70 40.19 3.24
C VAL A 249 29.30 39.75 2.84
N ALA A 250 29.19 38.54 2.29
CA ALA A 250 27.90 38.00 1.89
C ALA A 250 27.20 37.27 3.01
N GLY A 251 27.94 36.78 4.00
CA GLY A 251 27.33 36.10 5.13
C GLY A 251 28.23 36.15 6.35
N ILE A 252 27.62 35.90 7.50
CA ILE A 252 28.30 35.77 8.78
C ILE A 252 28.02 34.37 9.32
N ILE A 253 29.09 33.68 9.74
CA ILE A 253 28.94 32.35 10.32
C ILE A 253 29.40 32.40 11.77
N VAL A 254 28.64 31.73 12.66
CA VAL A 254 28.97 31.70 14.08
C VAL A 254 28.39 30.43 14.70
N GLU A 255 29.06 29.93 15.73
CA GLU A 255 28.57 28.83 16.54
C GLU A 255 27.86 29.38 17.78
N PRO A 256 26.74 28.79 18.21
CA PRO A 256 26.07 29.32 19.41
C PRO A 256 26.94 29.23 20.64
N ILE A 257 27.87 28.28 20.64
CA ILE A 257 28.93 28.08 21.63
C ILE A 257 30.13 27.59 20.83
N GLN A 258 31.26 28.27 20.95
CA GLN A 258 32.48 27.85 20.26
C GLN A 258 33.07 26.62 20.95
N SER A 259 33.16 25.50 20.24
CA SER A 259 33.57 24.23 20.87
C SER A 259 35.08 24.04 20.84
N GLU A 260 35.64 23.74 19.67
CA GLU A 260 37.06 23.43 19.58
C GLU A 260 37.94 24.60 19.99
N GLY A 261 37.44 25.84 19.87
CA GLY A 261 38.17 27.00 20.33
C GLY A 261 38.21 27.23 21.82
N GLY A 262 37.59 26.36 22.61
CA GLY A 262 37.72 26.45 24.06
C GLY A 262 36.44 26.68 24.82
N ASP A 263 35.32 26.18 24.30
CA ASP A 263 33.99 26.35 24.90
C ASP A 263 33.76 27.80 25.33
N ASN A 264 33.71 28.66 24.31
CA ASN A 264 33.51 30.08 24.55
C ASN A 264 32.03 30.39 24.39
N HIS A 265 31.44 30.90 25.47
CA HIS A 265 30.03 31.27 25.50
C HIS A 265 29.90 32.77 25.32
N ALA A 266 28.71 33.18 24.90
CA ALA A 266 28.33 34.57 24.88
C ALA A 266 26.86 34.65 25.22
N SER A 267 26.41 35.85 25.56
CA SER A 267 25.05 35.99 26.05
C SER A 267 24.06 35.83 24.90
N ASP A 268 22.85 35.44 25.24
CA ASP A 268 21.77 35.43 24.26
C ASP A 268 21.59 36.81 23.64
N ASP A 269 21.81 37.87 24.42
CA ASP A 269 21.66 39.23 23.92
C ASP A 269 22.68 39.51 22.82
N PHE A 270 23.91 39.02 22.99
CA PHE A 270 24.94 39.20 21.98
C PHE A 270 24.49 38.65 20.63
N PHE A 271 24.00 37.40 20.63
CA PHE A 271 23.62 36.74 19.38
C PHE A 271 22.41 37.42 18.73
N ARG A 272 21.44 37.86 19.53
CA ARG A 272 20.32 38.61 18.96
C ARG A 272 20.80 39.89 18.29
N LYS A 273 21.72 40.61 18.94
CA LYS A 273 22.28 41.82 18.34
C LYS A 273 23.10 41.49 17.10
N LEU A 274 23.86 40.39 17.13
CA LEU A 274 24.63 40.00 15.96
C LEU A 274 23.73 39.63 14.79
N ARG A 275 22.61 38.95 15.07
CA ARG A 275 21.65 38.64 14.02
C ARG A 275 21.10 39.93 13.41
N ASP A 276 20.92 40.96 14.23
CA ASP A 276 20.40 42.22 13.74
C ASP A 276 21.40 42.92 12.82
N ILE A 277 22.67 42.92 13.21
CA ILE A 277 23.73 43.52 12.40
C ILE A 277 23.80 42.84 11.04
N SER A 278 23.74 41.50 11.03
CA SER A 278 23.78 40.77 9.77
C SER A 278 22.63 41.19 8.84
N ARG A 279 21.42 41.30 9.37
N ARG A 279 21.42 41.33 9.38
CA ARG A 279 20.31 41.79 8.55
CA ARG A 279 20.30 41.79 8.56
C ARG A 279 20.57 43.20 8.06
C ARG A 279 20.52 43.22 8.08
N LYS A 280 21.05 44.08 8.95
CA LYS A 280 21.24 45.49 8.60
C LYS A 280 22.20 45.68 7.43
N HIS A 281 23.26 44.86 7.37
CA HIS A 281 24.25 44.99 6.31
C HIS A 281 24.00 44.01 5.18
N GLY A 282 22.83 43.39 5.13
CA GLY A 282 22.49 42.49 4.05
C GLY A 282 23.24 41.19 4.02
N CYS A 283 23.91 40.82 5.12
CA CYS A 283 24.63 39.57 5.21
C CYS A 283 23.70 38.45 5.66
N ALA A 284 23.80 37.30 5.00
CA ALA A 284 23.11 36.11 5.50
C ALA A 284 23.68 35.71 6.85
N PHE A 285 22.81 35.29 7.77
CA PHE A 285 23.24 34.90 9.11
C PHE A 285 23.25 33.38 9.15
N LEU A 286 24.45 32.80 9.23
CA LEU A 286 24.65 31.36 9.16
C LEU A 286 25.03 30.86 10.54
N VAL A 287 24.20 30.00 11.12
CA VAL A 287 24.41 29.46 12.45
C VAL A 287 24.84 28.01 12.32
N ASP A 288 26.00 27.71 12.83
CA ASP A 288 26.58 26.39 12.72
C ASP A 288 26.24 25.64 14.01
N GLU A 289 25.27 24.73 13.93
CA GLU A 289 24.90 23.89 15.05
C GLU A 289 25.42 22.47 14.89
N VAL A 290 26.50 22.30 14.12
CA VAL A 290 27.06 20.96 13.95
C VAL A 290 27.35 20.33 15.31
N GLN A 291 27.89 21.12 16.24
CA GLN A 291 28.18 20.56 17.56
C GLN A 291 27.14 20.90 18.62
N THR A 292 26.51 22.07 18.56
CA THR A 292 25.55 22.38 19.60
C THR A 292 24.17 21.79 19.33
N GLY A 293 23.87 21.38 18.09
CA GLY A 293 22.56 20.84 17.79
C GLY A 293 22.37 19.38 18.23
N GLY A 294 21.11 19.01 18.41
CA GLY A 294 20.77 17.67 18.86
C GLY A 294 20.33 17.57 20.31
N GLY A 295 20.35 18.67 21.07
CA GLY A 295 19.63 18.75 22.33
C GLY A 295 20.44 18.87 23.61
N SER A 296 21.76 18.84 23.55
CA SER A 296 22.51 18.77 24.80
CA SER A 296 22.54 18.79 24.79
C SER A 296 22.45 20.08 25.59
N THR A 297 22.14 21.21 24.95
CA THR A 297 22.01 22.44 25.72
C THR A 297 20.63 22.58 26.37
N GLY A 298 19.76 21.56 26.26
CA GLY A 298 18.41 21.60 26.83
C GLY A 298 17.33 22.01 25.85
N LYS A 299 17.71 22.53 24.68
CA LYS A 299 16.80 22.75 23.57
C LYS A 299 17.38 22.05 22.36
N PHE A 300 16.50 21.70 21.41
CA PHE A 300 16.97 20.87 20.32
C PHE A 300 18.09 21.58 19.55
N TRP A 301 17.86 22.82 19.19
CA TRP A 301 18.91 23.68 18.65
C TRP A 301 19.28 24.71 19.70
N ALA A 302 20.59 24.94 19.87
CA ALA A 302 21.05 25.85 20.92
C ALA A 302 20.58 27.28 20.67
N HIS A 303 20.39 27.67 19.41
CA HIS A 303 19.94 29.04 19.13
C HIS A 303 18.51 29.28 19.62
N GLU A 304 17.76 28.22 19.92
CA GLU A 304 16.42 28.41 20.47
C GLU A 304 16.47 29.20 21.77
N HIS A 305 17.56 29.12 22.50
CA HIS A 305 17.70 29.88 23.74
C HIS A 305 17.62 31.39 23.50
N TRP A 306 17.89 31.83 22.26
CA TRP A 306 17.92 33.27 22.00
C TRP A 306 16.52 33.87 21.99
N GLY A 307 15.50 33.05 21.77
CA GLY A 307 14.12 33.51 21.79
C GLY A 307 13.66 34.27 20.56
N LEU A 308 14.22 33.97 19.38
CA LEU A 308 13.92 34.74 18.17
C LEU A 308 12.99 33.97 17.25
N ASP A 309 11.99 34.67 16.70
CA ASP A 309 11.17 34.08 15.64
C ASP A 309 11.93 33.97 14.33
N ASP A 310 12.96 34.80 14.15
CA ASP A 310 13.79 34.83 12.95
C ASP A 310 15.24 34.70 13.41
N PRO A 311 15.66 33.51 13.82
CA PRO A 311 16.98 33.35 14.44
C PRO A 311 18.12 33.40 13.45
N ALA A 312 17.87 32.99 12.21
CA ALA A 312 18.97 32.88 11.25
C ALA A 312 18.41 32.69 9.86
N ASP A 313 19.28 32.89 8.87
CA ASP A 313 18.91 32.62 7.49
C ASP A 313 19.21 31.19 7.10
N VAL A 314 20.30 30.64 7.61
CA VAL A 314 20.75 29.29 7.32
C VAL A 314 21.26 28.68 8.61
N MET A 315 21.02 27.39 8.80
CA MET A 315 21.55 26.69 9.96
C MET A 315 22.02 25.31 9.53
N THR A 316 23.29 25.01 9.79
CA THR A 316 23.91 23.75 9.42
C THR A 316 23.99 22.84 10.63
N PHE A 317 24.03 21.53 10.36
CA PHE A 317 24.01 20.53 11.41
C PHE A 317 24.74 19.30 10.92
N SER A 318 25.04 18.41 11.87
CA SER A 318 25.63 17.12 11.60
C SER A 318 25.78 16.34 12.91
N LYS A 319 26.81 15.50 13.02
CA LYS A 319 27.14 14.76 14.24
C LYS A 319 25.94 14.04 14.87
N LYS A 320 25.35 14.59 15.95
CA LYS A 320 24.23 13.91 16.61
C LYS A 320 23.06 13.65 15.66
N MET A 321 22.87 14.49 14.65
CA MET A 321 21.85 14.30 13.62
C MET A 321 22.14 13.16 12.64
N MET A 322 23.28 12.46 12.80
CA MET A 322 23.61 11.27 11.99
CA MET A 322 23.69 11.30 12.02
C MET A 322 23.97 11.66 10.56
N THR A 323 23.14 12.49 9.95
CA THR A 323 23.40 13.08 8.64
C THR A 323 23.71 14.55 8.84
N GLY A 324 24.35 15.14 7.83
CA GLY A 324 24.51 16.58 7.76
C GLY A 324 23.43 17.21 6.90
N GLY A 325 23.57 18.51 6.70
CA GLY A 325 22.63 19.27 5.93
C GLY A 325 22.53 20.69 6.45
N PHE A 326 21.57 21.43 5.87
CA PHE A 326 21.29 22.77 6.38
C PHE A 326 19.85 23.14 6.07
N PHE A 327 19.18 23.73 7.06
CA PHE A 327 17.90 24.39 6.86
C PHE A 327 18.15 25.82 6.40
N HIS A 328 17.22 26.36 5.62
CA HIS A 328 17.35 27.77 5.27
C HIS A 328 15.99 28.37 4.93
N LYS A 329 15.95 29.71 4.94
CA LYS A 329 14.77 30.44 4.52
CA LYS A 329 14.75 30.43 4.53
C LYS A 329 14.46 30.16 3.07
N GLU A 330 13.18 30.35 2.71
CA GLU A 330 12.77 30.11 1.33
C GLU A 330 13.50 31.03 0.35
N GLU A 331 13.86 32.25 0.78
CA GLU A 331 14.47 33.15 -0.19
C GLU A 331 15.89 32.74 -0.57
N PHE A 332 16.47 31.75 0.10
CA PHE A 332 17.78 31.24 -0.28
C PHE A 332 17.68 30.00 -1.15
N ARG A 333 16.47 29.56 -1.46
CA ARG A 333 16.27 28.46 -2.36
C ARG A 333 16.94 28.76 -3.70
N PRO A 334 17.83 27.89 -4.18
CA PRO A 334 18.48 28.14 -5.46
C PRO A 334 17.47 28.14 -6.61
N ASN A 335 17.63 29.10 -7.51
CA ASN A 335 16.75 29.23 -8.66
C ASN A 335 16.91 28.08 -9.65
N ALA A 336 18.12 27.53 -9.77
CA ALA A 336 18.39 26.53 -10.79
C ALA A 336 18.95 25.27 -10.15
N PRO A 337 18.67 24.10 -10.74
CA PRO A 337 19.26 22.86 -10.23
C PRO A 337 20.75 22.81 -10.54
N TYR A 338 21.40 21.82 -9.92
CA TYR A 338 22.79 21.43 -10.14
C TYR A 338 23.80 22.47 -9.64
N ARG A 339 23.37 23.50 -8.94
CA ARG A 339 24.33 24.42 -8.34
C ARG A 339 24.74 23.97 -6.94
N ILE A 340 23.78 23.50 -6.16
CA ILE A 340 24.05 22.87 -4.87
C ILE A 340 23.79 21.39 -5.10
N PHE A 341 24.84 20.58 -5.17
CA PHE A 341 24.69 19.23 -5.67
C PHE A 341 25.95 18.43 -5.39
N ASN A 342 25.80 17.14 -5.13
CA ASN A 342 26.91 16.19 -5.20
C ASN A 342 26.30 14.79 -5.32
N THR A 343 27.17 13.78 -5.34
CA THR A 343 26.72 12.44 -5.70
C THR A 343 25.67 11.92 -4.73
N TRP A 344 25.94 12.01 -3.42
CA TRP A 344 25.16 11.27 -2.43
C TRP A 344 24.21 12.14 -1.60
N LEU A 345 24.57 13.38 -1.31
CA LEU A 345 23.72 14.32 -0.57
C LEU A 345 23.27 13.75 0.78
N GLY A 346 24.17 13.07 1.46
CA GLY A 346 23.78 12.41 2.68
C GLY A 346 23.67 10.92 2.42
N ASP A 347 22.76 10.27 3.13
CA ASP A 347 22.61 8.84 3.10
C ASP A 347 21.29 8.48 3.75
N PRO A 348 20.34 7.89 3.01
CA PRO A 348 19.02 7.61 3.60
C PRO A 348 19.07 6.67 4.77
N SER A 349 20.10 5.81 4.84
CA SER A 349 20.26 4.96 6.00
C SER A 349 20.46 5.78 7.28
N LYS A 350 21.10 6.95 7.16
CA LYS A 350 21.23 7.83 8.31
C LYS A 350 19.87 8.44 8.67
N ASN A 351 19.06 8.79 7.67
CA ASN A 351 17.73 9.33 7.94
C ASN A 351 16.85 8.30 8.64
N LEU A 352 16.94 7.03 8.20
CA LEU A 352 16.20 5.97 8.88
C LEU A 352 16.56 5.94 10.36
N LEU A 353 17.85 5.97 10.67
CA LEU A 353 18.26 5.96 12.08
C LEU A 353 17.80 7.23 12.80
N LEU A 354 17.97 8.38 12.16
CA LEU A 354 17.65 9.65 12.81
C LEU A 354 16.16 9.76 13.15
N ALA A 355 15.27 9.15 12.36
CA ALA A 355 13.85 9.26 12.69
C ALA A 355 13.54 8.53 13.99
N GLU A 356 14.17 7.39 14.20
CA GLU A 356 14.02 6.69 15.46
C GLU A 356 14.66 7.47 16.61
N VAL A 357 15.84 8.07 16.38
CA VAL A 357 16.50 8.87 17.42
C VAL A 357 15.59 9.99 17.89
N ILE A 358 15.07 10.78 16.94
CA ILE A 358 14.22 11.91 17.30
C ILE A 358 13.00 11.44 18.08
N ASN A 359 12.46 10.27 17.70
CA ASN A 359 11.30 9.73 18.39
C ASN A 359 11.65 9.36 19.84
N ILE A 360 12.86 8.85 20.07
CA ILE A 360 13.31 8.57 21.43
C ILE A 360 13.52 9.87 22.21
N ILE A 361 14.14 10.88 21.58
CA ILE A 361 14.39 12.15 22.27
C ILE A 361 13.09 12.75 22.75
N LYS A 362 12.04 12.70 21.92
CA LYS A 362 10.78 13.32 22.26
C LYS A 362 10.02 12.52 23.30
N ARG A 363 9.91 11.20 23.10
CA ARG A 363 9.13 10.37 24.01
C ARG A 363 9.77 10.21 25.38
N GLU A 364 11.10 10.17 25.43
CA GLU A 364 11.83 10.04 26.69
C GLU A 364 12.16 11.37 27.28
N ASP A 365 11.68 12.47 26.68
CA ASP A 365 11.80 13.80 27.25
C ASP A 365 13.27 14.18 27.48
N LEU A 366 14.12 13.89 26.48
CA LEU A 366 15.56 13.99 26.70
C LEU A 366 16.10 15.40 26.59
N LEU A 367 15.35 16.33 25.99
CA LEU A 367 15.76 17.73 26.07
C LEU A 367 15.71 18.23 27.50
N SER A 368 14.57 18.01 28.19
CA SER A 368 14.49 18.38 29.59
C SER A 368 15.47 17.60 30.45
N ASN A 369 15.70 16.33 30.11
CA ASN A 369 16.69 15.58 30.87
C ASN A 369 18.06 16.24 30.76
N ALA A 370 18.42 16.70 29.56
CA ALA A 370 19.76 17.28 29.40
C ALA A 370 19.88 18.55 30.22
N ALA A 371 18.82 19.37 30.26
CA ALA A 371 18.86 20.56 31.10
C ALA A 371 19.06 20.19 32.56
N HIS A 372 18.42 19.12 33.02
CA HIS A 372 18.52 18.74 34.43
C HIS A 372 19.87 18.11 34.75
N ALA A 373 20.25 17.07 33.99
CA ALA A 373 21.53 16.43 34.25
C ALA A 373 22.68 17.42 34.12
N GLY A 374 22.50 18.45 33.30
CA GLY A 374 23.53 19.45 33.11
C GLY A 374 23.62 20.40 34.29
N LYS A 375 22.48 20.79 34.85
CA LYS A 375 22.50 21.59 36.07
C LYS A 375 23.17 20.83 37.20
N VAL A 376 22.83 19.55 37.36
CA VAL A 376 23.46 18.74 38.39
C VAL A 376 24.97 18.69 38.17
N LEU A 377 25.39 18.37 36.94
CA LEU A 377 26.81 18.33 36.61
C LEU A 377 27.49 19.67 36.89
N LEU A 378 26.85 20.78 36.49
CA LEU A 378 27.48 22.09 36.66
C LEU A 378 27.57 22.48 38.13
N THR A 379 26.51 22.23 38.89
CA THR A 379 26.57 22.43 40.33
C THR A 379 27.75 21.68 40.95
N GLY A 380 27.97 20.43 40.53
CA GLY A 380 29.08 19.67 41.08
C GLY A 380 30.43 20.25 40.68
N LEU A 381 30.56 20.69 39.42
CA LEU A 381 31.81 21.30 38.97
C LEU A 381 32.09 22.61 39.71
N LEU A 382 31.05 23.40 39.98
CA LEU A 382 31.27 24.61 40.76
C LEU A 382 31.74 24.26 42.17
N ASP A 383 31.21 23.17 42.73
CA ASP A 383 31.67 22.73 44.04
C ASP A 383 33.13 22.33 44.00
N LEU A 384 33.52 21.56 42.98
CA LEU A 384 34.92 21.17 42.83
C LEU A 384 35.80 22.38 42.59
N GLN A 385 35.29 23.38 41.87
CA GLN A 385 36.04 24.61 41.63
C GLN A 385 36.34 25.33 42.94
N ALA A 386 35.38 25.38 43.85
CA ALA A 386 35.61 26.02 45.14
C ALA A 386 36.58 25.21 45.99
N ARG A 387 36.55 23.89 45.88
CA ARG A 387 37.40 23.05 46.70
C ARG A 387 38.81 22.89 46.14
N TYR A 388 39.01 23.10 44.84
CA TYR A 388 40.32 22.93 44.22
C TYR A 388 40.62 24.08 43.27
N PRO A 389 40.71 25.31 43.77
CA PRO A 389 40.96 26.45 42.88
C PRO A 389 42.36 26.48 42.28
N GLN A 390 43.29 25.66 42.77
CA GLN A 390 44.59 25.54 42.14
C GLN A 390 44.54 24.72 40.85
N PHE A 391 43.41 24.07 40.56
CA PHE A 391 43.29 23.23 39.37
C PHE A 391 42.15 23.61 38.45
N ILE A 392 41.09 24.26 38.95
CA ILE A 392 39.84 24.42 38.22
CA ILE A 392 39.84 24.43 38.22
C ILE A 392 39.44 25.89 38.21
N SER A 393 39.19 26.42 37.03
CA SER A 393 38.65 27.77 36.94
C SER A 393 37.70 27.86 35.75
N ARG A 394 36.91 28.92 35.72
CA ARG A 394 36.04 29.25 34.59
C ARG A 394 35.03 28.14 34.28
N VAL A 395 34.58 27.43 35.32
CA VAL A 395 33.48 26.49 35.19
C VAL A 395 32.30 27.16 34.48
N ARG A 396 31.78 26.50 33.44
CA ARG A 396 30.79 27.13 32.57
C ARG A 396 30.06 26.03 31.80
N GLY A 397 28.88 26.38 31.29
CA GLY A 397 28.07 25.37 30.65
C GLY A 397 26.64 25.81 30.37
N ARG A 398 26.01 25.11 29.42
CA ARG A 398 24.58 25.24 29.23
C ARG A 398 24.08 23.83 28.95
N GLY A 399 23.08 23.39 29.70
CA GLY A 399 22.76 21.97 29.68
C GLY A 399 23.99 21.14 30.01
N THR A 400 24.17 20.04 29.28
CA THR A 400 25.35 19.22 29.56
C THR A 400 26.57 19.67 28.79
N PHE A 401 26.47 20.78 28.06
CA PHE A 401 27.56 21.30 27.23
C PHE A 401 28.43 22.15 28.16
N CYS A 402 29.28 21.47 28.94
CA CYS A 402 30.01 22.09 30.06
C CYS A 402 31.52 22.00 29.87
N SER A 403 32.24 22.84 30.62
CA SER A 403 33.70 22.82 30.54
CA SER A 403 33.70 22.82 30.54
C SER A 403 34.30 23.59 31.72
N PHE A 404 35.61 23.45 31.88
CA PHE A 404 36.37 24.27 32.80
C PHE A 404 37.80 24.31 32.31
N ASP A 405 38.55 25.29 32.82
CA ASP A 405 39.95 25.48 32.48
C ASP A 405 40.85 24.95 33.59
N THR A 406 41.98 24.40 33.19
CA THR A 406 43.05 23.98 34.06
C THR A 406 44.24 24.93 33.87
N PRO A 407 45.28 24.85 34.72
CA PRO A 407 46.38 25.81 34.59
C PRO A 407 47.08 25.81 33.24
N ASP A 408 47.39 24.64 32.67
CA ASP A 408 48.11 24.59 31.41
C ASP A 408 47.75 23.30 30.67
N GLU A 409 48.28 23.15 29.45
CA GLU A 409 47.98 21.98 28.64
C GLU A 409 48.50 20.71 29.29
N SER A 410 49.65 20.80 29.96
CA SER A 410 50.23 19.62 30.57
C SER A 410 49.32 19.05 31.66
N ILE A 411 48.76 19.92 32.49
CA ILE A 411 47.87 19.46 33.56
C ILE A 411 46.56 18.92 32.98
N ARG A 412 45.99 19.63 32.01
CA ARG A 412 44.79 19.15 31.33
C ARG A 412 44.96 17.70 30.88
N ASN A 413 46.09 17.40 30.23
CA ASN A 413 46.28 16.08 29.66
C ASN A 413 46.49 15.02 30.73
N LYS A 414 47.16 15.36 31.83
CA LYS A 414 47.34 14.38 32.90
C LYS A 414 46.00 14.02 33.53
N LEU A 415 45.15 15.02 33.78
CA LEU A 415 43.84 14.77 34.38
C LEU A 415 42.98 13.90 33.46
N ILE A 416 42.99 14.20 32.16
CA ILE A 416 42.23 13.38 31.23
C ILE A 416 42.75 11.95 31.25
N SER A 417 44.08 11.80 31.29
CA SER A 417 44.67 10.47 31.27
C SER A 417 44.38 9.70 32.55
N ILE A 418 44.40 10.39 33.70
CA ILE A 418 44.06 9.71 34.95
C ILE A 418 42.58 9.33 34.97
N ALA A 419 41.72 10.27 34.60
CA ALA A 419 40.29 10.00 34.61
C ALA A 419 39.96 8.80 33.73
N ARG A 420 40.63 8.68 32.59
CA ARG A 420 40.45 7.52 31.74
C ARG A 420 40.84 6.24 32.46
N ASN A 421 41.96 6.25 33.18
CA ASN A 421 42.36 5.06 33.92
C ASN A 421 41.40 4.76 35.07
N LYS A 422 40.70 5.77 35.58
CA LYS A 422 39.66 5.57 36.59
C LYS A 422 38.28 5.33 35.98
N GLY A 423 38.18 5.11 34.66
CA GLY A 423 36.92 4.74 34.06
C GLY A 423 36.04 5.86 33.53
N VAL A 424 36.61 7.03 33.22
CA VAL A 424 35.84 8.14 32.68
C VAL A 424 36.56 8.69 31.45
N MET A 425 35.83 8.77 30.34
CA MET A 425 36.36 9.30 29.10
CA MET A 425 36.34 9.30 29.08
C MET A 425 36.00 10.77 28.98
N LEU A 426 37.02 11.63 28.93
CA LEU A 426 36.85 13.07 28.78
C LEU A 426 37.54 13.55 27.52
N GLY A 427 37.06 14.68 27.01
CA GLY A 427 37.72 15.32 25.89
C GLY A 427 38.28 16.68 26.26
N GLY A 428 39.18 17.20 25.43
CA GLY A 428 39.75 18.51 25.64
C GLY A 428 39.32 19.48 24.55
N CYS A 429 39.55 20.76 24.82
CA CYS A 429 39.44 21.79 23.80
C CYS A 429 40.31 22.98 24.20
N GLY A 430 40.57 23.84 23.23
CA GLY A 430 41.40 24.98 23.51
C GLY A 430 42.78 24.58 24.02
N ASP A 431 43.45 25.59 24.58
CA ASP A 431 44.75 25.37 25.21
C ASP A 431 44.65 24.33 26.33
N LYS A 432 43.78 24.59 27.31
CA LYS A 432 43.90 23.93 28.60
C LYS A 432 42.55 23.56 29.19
N SER A 433 41.53 23.38 28.37
CA SER A 433 40.19 23.17 28.87
C SER A 433 39.83 21.70 28.83
N ILE A 434 38.92 21.32 29.72
CA ILE A 434 38.31 20.00 29.73
C ILE A 434 36.84 20.21 29.40
N ARG A 435 36.34 19.48 28.41
CA ARG A 435 34.95 19.68 27.99
C ARG A 435 34.16 18.40 28.19
N PHE A 436 32.85 18.58 28.35
CA PHE A 436 31.92 17.48 28.55
C PHE A 436 30.98 17.46 27.37
N ARG A 437 30.88 16.30 26.72
CA ARG A 437 29.96 16.08 25.61
C ARG A 437 29.26 14.74 25.83
N PRO A 438 28.44 14.64 26.87
CA PRO A 438 27.74 13.38 27.14
C PRO A 438 26.64 13.13 26.12
N THR A 439 26.33 11.86 25.89
CA THR A 439 25.20 11.49 25.04
CA THR A 439 25.22 11.56 25.01
C THR A 439 23.90 11.95 25.69
N LEU A 440 22.80 11.89 24.94
CA LEU A 440 21.54 12.36 25.52
C LEU A 440 20.92 11.41 26.54
N VAL A 441 21.46 10.22 26.76
CA VAL A 441 20.96 9.35 27.81
C VAL A 441 21.79 9.46 29.08
N PHE A 442 22.69 10.43 29.13
CA PHE A 442 23.38 10.84 30.37
C PHE A 442 22.39 11.42 31.37
N ARG A 443 22.39 10.86 32.59
CA ARG A 443 21.43 11.17 33.65
C ARG A 443 22.14 11.83 34.82
N ASP A 444 21.35 12.41 35.74
CA ASP A 444 21.96 13.03 36.92
C ASP A 444 22.82 12.03 37.71
N HIS A 445 22.47 10.73 37.70
CA HIS A 445 23.33 9.76 38.41
C HIS A 445 24.66 9.54 37.70
N HIS A 446 24.71 9.74 36.37
CA HIS A 446 26.02 9.67 35.70
C HIS A 446 26.87 10.87 36.03
N ALA A 447 26.24 12.05 36.19
CA ALA A 447 26.95 13.22 36.68
C ALA A 447 27.59 12.95 38.04
N HIS A 448 26.86 12.30 38.96
CA HIS A 448 27.41 12.04 40.28
C HIS A 448 28.52 10.99 40.22
N LEU A 449 28.33 9.95 39.41
CA LEU A 449 29.40 8.98 39.17
C LEU A 449 30.70 9.68 38.80
N PHE A 450 30.64 10.55 37.79
CA PHE A 450 31.82 11.29 37.37
C PHE A 450 32.37 12.15 38.51
N LEU A 451 31.50 12.97 39.12
CA LEU A 451 32.00 13.93 40.10
C LEU A 451 32.67 13.23 41.28
N ASN A 452 32.13 12.09 41.71
CA ASN A 452 32.77 11.32 42.79
C ASN A 452 34.16 10.85 42.37
N ILE A 453 34.26 10.31 41.16
CA ILE A 453 35.56 9.87 40.67
C ILE A 453 36.51 11.05 40.58
N PHE A 454 36.04 12.17 40.00
CA PHE A 454 36.95 13.30 39.82
C PHE A 454 37.35 13.88 41.16
N SER A 455 36.48 13.79 42.17
CA SER A 455 36.83 14.28 43.51
C SER A 455 38.04 13.52 44.05
N ASP A 456 37.98 12.20 44.01
CA ASP A 456 39.10 11.38 44.48
C ASP A 456 40.37 11.64 43.66
N ILE A 457 40.23 11.89 42.35
CA ILE A 457 41.40 12.19 41.54
C ILE A 457 42.04 13.50 41.97
N LEU A 458 41.22 14.55 42.10
CA LEU A 458 41.79 15.84 42.47
C LEU A 458 42.37 15.82 43.88
N ALA A 459 41.80 15.00 44.77
CA ALA A 459 42.38 14.85 46.10
C ALA A 459 43.80 14.28 46.03
N ASP A 460 44.01 13.26 45.21
CA ASP A 460 45.29 12.58 45.11
C ASP A 460 46.25 13.26 44.14
N PHE A 461 45.82 14.29 43.44
CA PHE A 461 46.67 14.92 42.43
C PHE A 461 47.80 15.73 43.07
N PHE B 1 19.48 -13.06 -8.45
CA PHE B 1 20.68 -12.32 -8.79
C PHE B 1 20.42 -11.23 -9.82
N ASP B 2 19.41 -11.44 -10.66
CA ASP B 2 19.13 -10.52 -11.76
C ASP B 2 17.83 -10.90 -12.45
N TYR B 3 17.12 -9.89 -12.95
CA TYR B 3 16.06 -10.09 -13.92
C TYR B 3 16.69 -10.34 -15.28
N ASP B 4 15.87 -10.60 -16.30
CA ASP B 4 16.43 -10.85 -17.62
C ASP B 4 15.81 -9.99 -18.71
N GLY B 5 15.25 -8.84 -18.35
CA GLY B 5 14.81 -7.87 -19.32
C GLY B 5 14.03 -6.75 -18.69
N PRO B 6 14.06 -5.57 -19.30
CA PRO B 6 13.24 -4.47 -18.80
C PRO B 6 11.76 -4.83 -18.86
N LEU B 7 10.97 -4.11 -18.07
CA LEU B 7 9.53 -4.36 -17.96
C LEU B 7 8.87 -3.01 -17.68
N MET B 8 8.30 -2.40 -18.71
CA MET B 8 7.74 -1.06 -18.58
C MET B 8 6.23 -1.12 -18.40
N LYS B 9 5.69 -0.04 -17.82
CA LYS B 9 4.28 0.05 -17.46
C LYS B 9 3.69 1.45 -17.67
N THR B 10 4.49 2.51 -17.58
CA THR B 10 4.04 3.87 -17.81
C THR B 10 5.17 4.62 -18.50
N GLU B 11 4.91 5.89 -18.82
CA GLU B 11 5.99 6.78 -19.20
C GLU B 11 6.82 7.13 -17.96
N VAL B 12 7.98 7.75 -18.19
CA VAL B 12 8.90 8.04 -17.09
C VAL B 12 9.26 9.52 -17.07
N PRO B 13 9.08 10.24 -15.95
CA PRO B 13 8.55 9.72 -14.68
C PRO B 13 7.02 9.43 -14.67
N GLY B 14 6.66 8.29 -14.09
CA GLY B 14 5.28 7.92 -13.98
C GLY B 14 4.50 8.81 -13.00
N PRO B 15 3.21 8.52 -12.85
CA PRO B 15 2.36 9.39 -12.02
C PRO B 15 2.81 9.50 -10.57
N ARG B 16 3.16 8.39 -9.94
CA ARG B 16 3.59 8.45 -8.54
C ARG B 16 4.86 9.28 -8.39
N SER B 17 5.82 9.14 -9.31
CA SER B 17 7.04 9.95 -9.23
C SER B 17 6.72 11.43 -9.32
N ARG B 18 5.84 11.83 -10.23
CA ARG B 18 5.51 13.25 -10.36
C ARG B 18 4.86 13.76 -9.08
N GLU B 19 4.09 12.92 -8.39
CA GLU B 19 3.50 13.32 -7.12
C GLU B 19 4.58 13.48 -6.05
N LEU B 20 5.43 12.46 -5.90
CA LEU B 20 6.55 12.54 -4.97
C LEU B 20 7.45 13.73 -5.28
N MET B 21 7.65 14.02 -6.56
CA MET B 21 8.48 15.16 -6.95
C MET B 21 7.85 16.49 -6.55
N LYS B 22 6.53 16.61 -6.70
CA LYS B 22 5.86 17.82 -6.24
C LYS B 22 5.98 17.96 -4.72
N GLN B 23 5.86 16.85 -3.98
CA GLN B 23 6.04 16.92 -2.54
C GLN B 23 7.45 17.37 -2.18
N LEU B 24 8.46 16.76 -2.79
CA LEU B 24 9.83 17.13 -2.49
C LEU B 24 10.13 18.56 -2.90
N ASN B 25 9.50 19.04 -3.97
CA ASN B 25 9.81 20.39 -4.44
C ASN B 25 9.37 21.46 -3.45
N ILE B 26 8.58 21.10 -2.45
CA ILE B 26 8.16 22.05 -1.43
C ILE B 26 9.34 22.44 -0.53
N ILE B 27 10.20 21.47 -0.19
N ILE B 27 10.20 21.47 -0.18
CA ILE B 27 11.27 21.74 0.78
CA ILE B 27 11.27 21.74 0.78
C ILE B 27 12.62 22.03 0.14
C ILE B 27 12.60 22.11 0.13
N GLN B 28 12.76 21.83 -1.16
CA GLN B 28 14.02 22.08 -1.86
C GLN B 28 13.73 22.12 -3.34
N ASN B 29 14.59 22.80 -4.09
CA ASN B 29 14.57 22.71 -5.54
C ASN B 29 14.73 21.25 -5.96
N ALA B 30 13.69 20.68 -6.54
CA ALA B 30 13.75 19.29 -6.96
C ALA B 30 13.85 19.16 -8.48
N GLU B 31 14.26 20.21 -9.18
CA GLU B 31 14.26 20.20 -10.64
C GLU B 31 15.19 19.13 -11.22
N ALA B 32 16.17 18.65 -10.46
CA ALA B 32 17.10 17.66 -10.99
C ALA B 32 16.58 16.23 -10.88
N VAL B 33 15.53 15.99 -10.10
CA VAL B 33 15.08 14.63 -9.83
C VAL B 33 14.55 13.99 -11.11
N HIS B 34 15.03 12.78 -11.41
CA HIS B 34 14.56 12.04 -12.58
C HIS B 34 13.28 11.28 -12.27
N PHE B 35 13.29 10.53 -11.17
CA PHE B 35 12.11 9.81 -10.70
C PHE B 35 12.47 9.16 -9.37
N PHE B 36 11.45 8.69 -8.67
CA PHE B 36 11.63 8.00 -7.41
C PHE B 36 11.67 6.49 -7.63
N CYS B 37 12.38 5.79 -6.74
CA CYS B 37 12.74 4.40 -6.99
C CYS B 37 12.28 3.49 -5.88
N ASN B 38 12.06 2.23 -6.24
CA ASN B 38 11.72 1.16 -5.31
C ASN B 38 12.95 0.24 -5.21
N TYR B 39 13.91 0.65 -4.38
CA TYR B 39 15.16 -0.08 -4.32
C TYR B 39 14.98 -1.46 -3.74
N GLU B 40 13.93 -1.66 -2.93
CA GLU B 40 13.66 -2.98 -2.37
C GLU B 40 13.40 -4.01 -3.47
N GLU B 41 12.88 -3.56 -4.61
N GLU B 41 12.89 -3.57 -4.61
CA GLU B 41 12.58 -4.44 -5.74
CA GLU B 41 12.59 -4.45 -5.73
C GLU B 41 13.64 -4.37 -6.84
C GLU B 41 13.65 -4.38 -6.83
N SER B 42 14.64 -3.50 -6.70
CA SER B 42 15.69 -3.42 -7.69
C SER B 42 16.65 -4.59 -7.49
N ARG B 43 17.22 -5.07 -8.60
CA ARG B 43 18.03 -6.29 -8.60
C ARG B 43 19.08 -6.20 -9.70
N GLY B 44 20.29 -6.62 -9.38
CA GLY B 44 21.38 -6.60 -10.34
C GLY B 44 21.44 -5.31 -11.12
N ASN B 45 21.35 -5.40 -12.45
CA ASN B 45 21.43 -4.26 -13.34
C ASN B 45 20.12 -3.50 -13.50
N TYR B 46 19.07 -3.86 -12.78
CA TYR B 46 17.75 -3.30 -13.03
C TYR B 46 17.25 -2.47 -11.86
N LEU B 47 16.95 -1.20 -12.16
CA LEU B 47 16.38 -0.22 -11.24
C LEU B 47 14.86 -0.18 -11.44
N VAL B 48 14.11 -0.49 -10.37
CA VAL B 48 12.65 -0.45 -10.37
C VAL B 48 12.19 0.89 -9.80
N ASP B 49 11.30 1.58 -10.52
CA ASP B 49 10.79 2.86 -10.05
C ASP B 49 9.46 2.67 -9.31
N VAL B 50 8.90 3.78 -8.80
CA VAL B 50 7.71 3.66 -7.96
C VAL B 50 6.44 3.44 -8.77
N ASP B 51 6.50 3.66 -10.09
CA ASP B 51 5.40 3.34 -10.98
C ASP B 51 5.54 1.96 -11.61
N GLY B 52 6.24 1.05 -10.94
CA GLY B 52 6.38 -0.32 -11.38
C GLY B 52 7.32 -0.55 -12.54
N ASN B 53 7.83 0.50 -13.16
CA ASN B 53 8.74 0.35 -14.29
C ASN B 53 10.04 -0.32 -13.87
N ARG B 54 10.61 -1.10 -14.79
CA ARG B 54 11.87 -1.78 -14.57
C ARG B 54 12.79 -1.50 -15.73
N MET B 55 13.86 -0.74 -15.49
CA MET B 55 14.77 -0.32 -16.54
C MET B 55 16.14 -0.97 -16.36
N LEU B 56 16.81 -1.18 -17.49
CA LEU B 56 18.22 -1.57 -17.47
C LEU B 56 19.05 -0.35 -17.08
N ASP B 57 19.81 -0.46 -15.98
CA ASP B 57 20.51 0.68 -15.40
C ASP B 57 21.94 0.71 -15.92
N LEU B 58 22.22 1.64 -16.84
CA LEU B 58 23.57 1.85 -17.36
C LEU B 58 24.18 3.14 -16.81
N TYR B 59 23.61 3.69 -15.74
CA TYR B 59 24.12 4.86 -15.04
C TYR B 59 24.55 4.54 -13.62
N SER B 60 23.89 3.59 -12.96
CA SER B 60 24.31 3.03 -11.67
C SER B 60 24.60 4.13 -10.64
N GLN B 61 23.67 5.09 -10.55
CA GLN B 61 23.71 6.17 -9.56
C GLN B 61 24.99 7.01 -9.72
N ILE B 62 25.13 7.60 -10.91
CA ILE B 62 26.31 8.37 -11.29
C ILE B 62 27.57 7.56 -11.00
N SER B 63 27.56 6.28 -11.40
CA SER B 63 28.74 5.41 -11.40
C SER B 63 29.21 5.11 -9.98
N SER B 64 28.26 4.78 -9.10
CA SER B 64 28.59 4.56 -7.70
C SER B 64 28.12 3.22 -7.14
N ILE B 65 27.37 2.43 -7.91
CA ILE B 65 26.91 1.13 -7.43
C ILE B 65 27.87 0.07 -8.00
N PRO B 66 28.63 -0.63 -7.18
CA PRO B 66 29.67 -1.51 -7.71
C PRO B 66 29.14 -2.82 -8.30
N ILE B 67 28.36 -3.61 -7.56
CA ILE B 67 27.95 -4.92 -8.06
C ILE B 67 26.43 -5.09 -8.11
N GLY B 68 25.72 -4.09 -8.63
CA GLY B 68 24.29 -4.17 -8.82
C GLY B 68 23.49 -4.00 -7.55
N TYR B 69 22.17 -3.87 -7.74
CA TYR B 69 21.24 -3.59 -6.65
C TYR B 69 20.87 -4.84 -5.85
N SER B 70 20.82 -4.70 -4.53
CA SER B 70 20.35 -5.73 -3.60
C SER B 70 21.08 -7.07 -3.79
N HIS B 71 22.39 -7.01 -3.91
CA HIS B 71 23.14 -8.23 -4.19
C HIS B 71 23.02 -9.15 -2.97
N PRO B 72 22.76 -10.45 -3.19
CA PRO B 72 22.45 -11.34 -2.05
C PRO B 72 23.59 -11.50 -1.06
N ALA B 73 24.84 -11.33 -1.49
CA ALA B 73 25.95 -11.38 -0.53
C ALA B 73 25.97 -10.14 0.36
N LEU B 74 25.64 -8.97 -0.20
CA LEU B 74 25.46 -7.78 0.63
C LEU B 74 24.23 -7.92 1.53
N VAL B 75 23.15 -8.51 1.00
CA VAL B 75 21.99 -8.81 1.83
C VAL B 75 22.40 -9.71 2.99
N LYS B 76 23.17 -10.75 2.68
CA LYS B 76 23.59 -11.68 3.73
C LYS B 76 24.44 -10.98 4.78
N LEU B 77 25.16 -9.93 4.40
CA LEU B 77 25.95 -9.17 5.37
C LEU B 77 25.04 -8.49 6.40
N VAL B 78 24.10 -7.67 5.92
CA VAL B 78 23.26 -6.89 6.82
C VAL B 78 22.49 -7.78 7.79
N GLN B 79 22.25 -9.03 7.44
CA GLN B 79 21.43 -9.88 8.28
C GLN B 79 22.22 -10.64 9.34
N GLN B 80 23.55 -10.63 9.26
N GLN B 80 23.54 -10.62 9.28
CA GLN B 80 24.38 -11.24 10.30
CA GLN B 80 24.34 -11.30 10.29
C GLN B 80 24.25 -10.47 11.60
C GLN B 80 24.31 -10.50 11.59
N PRO B 81 23.80 -11.08 12.69
CA PRO B 81 23.68 -10.32 13.95
C PRO B 81 24.98 -9.74 14.45
N GLN B 82 26.13 -10.28 14.02
N GLN B 82 26.12 -10.27 14.01
CA GLN B 82 27.42 -9.72 14.41
CA GLN B 82 27.42 -9.74 14.40
C GLN B 82 27.64 -8.33 13.83
C GLN B 82 27.68 -8.37 13.80
N ASN B 83 26.96 -7.98 12.75
CA ASN B 83 27.21 -6.73 12.04
C ASN B 83 26.31 -5.58 12.48
N VAL B 84 25.36 -5.82 13.38
CA VAL B 84 24.42 -4.76 13.77
C VAL B 84 25.18 -3.56 14.33
N SER B 85 26.09 -3.81 15.28
CA SER B 85 26.87 -2.73 15.89
C SER B 85 27.51 -1.82 14.84
N THR B 86 28.03 -2.41 13.77
CA THR B 86 28.71 -1.63 12.74
C THR B 86 27.82 -0.56 12.14
N PHE B 87 26.53 -0.83 11.98
CA PHE B 87 25.63 0.13 11.36
C PHE B 87 25.09 1.19 12.32
N ILE B 88 25.06 0.91 13.63
CA ILE B 88 24.39 1.81 14.56
C ILE B 88 25.34 2.52 15.51
N ASN B 89 26.61 2.11 15.59
CA ASN B 89 27.62 2.71 16.46
C ASN B 89 28.72 3.27 15.57
N ARG B 90 28.55 4.49 15.09
CA ARG B 90 29.52 5.09 14.19
C ARG B 90 30.61 5.80 14.98
N PRO B 91 31.87 5.41 14.85
CA PRO B 91 32.92 6.01 15.66
C PRO B 91 33.58 7.21 15.00
N ALA B 92 34.27 7.97 15.85
CA ALA B 92 35.19 8.98 15.36
C ALA B 92 36.50 8.23 15.08
N LEU B 93 36.62 7.78 13.82
CA LEU B 93 37.65 6.82 13.43
C LEU B 93 39.06 7.27 13.76
N GLY B 94 39.33 8.57 13.66
CA GLY B 94 40.68 9.03 13.91
C GLY B 94 41.14 8.92 15.35
N ILE B 95 40.21 8.69 16.29
CA ILE B 95 40.61 8.66 17.69
C ILE B 95 40.20 7.37 18.38
N LEU B 96 39.11 6.73 17.94
CA LEU B 96 38.53 5.58 18.64
C LEU B 96 38.08 4.51 17.64
N PRO B 97 39.02 3.92 16.90
CA PRO B 97 38.63 2.99 15.84
C PRO B 97 38.11 1.69 16.41
N PRO B 98 37.26 0.98 15.70
CA PRO B 98 36.78 -0.31 16.19
C PRO B 98 37.87 -1.37 16.12
N GLU B 99 37.65 -2.45 16.87
CA GLU B 99 38.65 -3.51 17.01
C GLU B 99 39.12 -4.06 15.67
N ASN B 100 38.20 -4.26 14.72
CA ASN B 100 38.51 -4.91 13.45
C ASN B 100 38.90 -3.93 12.34
N PHE B 101 39.23 -2.68 12.69
CA PHE B 101 39.42 -1.65 11.68
C PHE B 101 40.56 -1.96 10.72
N VAL B 102 41.70 -2.38 11.27
CA VAL B 102 42.85 -2.64 10.41
C VAL B 102 42.61 -3.89 9.56
N GLU B 103 42.06 -4.96 10.16
CA GLU B 103 41.83 -6.18 9.40
C GLU B 103 40.85 -5.94 8.27
N LYS B 104 39.76 -5.22 8.55
CA LYS B 104 38.79 -4.93 7.50
C LYS B 104 39.41 -4.09 6.39
N LEU B 105 40.35 -3.21 6.72
CA LEU B 105 41.08 -2.52 5.67
C LEU B 105 41.96 -3.49 4.88
N ARG B 106 42.57 -4.48 5.55
CA ARG B 106 43.33 -5.50 4.83
C ARG B 106 42.44 -6.26 3.86
N GLU B 107 41.27 -6.69 4.32
CA GLU B 107 40.32 -7.35 3.42
C GLU B 107 39.86 -6.44 2.31
N SER B 108 39.90 -5.13 2.49
CA SER B 108 39.34 -4.26 1.47
C SER B 108 40.39 -3.37 0.81
N LEU B 109 40.42 -2.08 1.17
CA LEU B 109 41.20 -1.11 0.40
C LEU B 109 42.66 -1.51 0.27
N LEU B 110 43.27 -2.04 1.33
CA LEU B 110 44.69 -2.35 1.27
C LEU B 110 45.00 -3.48 0.27
N SER B 111 44.04 -4.35 -0.01
CA SER B 111 44.32 -5.40 -0.98
C SER B 111 44.30 -4.89 -2.43
N VAL B 112 43.95 -3.61 -2.66
CA VAL B 112 43.95 -3.05 -4.00
C VAL B 112 44.76 -1.77 -4.03
N ALA B 113 45.71 -1.64 -3.11
CA ALA B 113 46.57 -0.48 -3.07
C ALA B 113 47.30 -0.33 -4.41
N PRO B 114 47.33 0.85 -4.99
CA PRO B 114 48.11 1.03 -6.23
C PRO B 114 49.61 0.98 -5.97
N LYS B 115 50.35 0.87 -7.06
CA LYS B 115 51.79 0.64 -7.00
C LYS B 115 52.51 1.80 -6.32
N GLY B 116 53.38 1.47 -5.37
CA GLY B 116 54.19 2.50 -4.74
C GLY B 116 53.51 3.27 -3.63
N MET B 117 52.29 2.92 -3.24
CA MET B 117 51.55 3.72 -2.27
C MET B 117 51.20 2.87 -1.05
N SER B 118 52.02 2.95 0.00
CA SER B 118 51.76 2.16 1.20
C SER B 118 50.81 2.82 2.19
N GLN B 119 50.49 4.10 2.02
CA GLN B 119 49.71 4.85 3.00
C GLN B 119 48.26 4.96 2.55
N LEU B 120 47.34 5.01 3.53
CA LEU B 120 45.91 5.10 3.25
C LEU B 120 45.21 5.92 4.32
N ILE B 121 44.44 6.91 3.90
CA ILE B 121 43.54 7.61 4.80
C ILE B 121 42.15 7.56 4.19
N THR B 122 41.15 7.27 5.00
CA THR B 122 39.78 7.17 4.49
C THR B 122 39.02 8.47 4.73
N MET B 123 38.02 8.70 3.89
CA MET B 123 37.19 9.90 3.86
C MET B 123 35.80 9.47 3.42
N ALA B 124 34.80 10.33 3.64
CA ALA B 124 33.42 9.92 3.37
C ALA B 124 32.98 10.17 1.93
N CYS B 125 33.61 11.09 1.20
CA CYS B 125 33.17 11.36 -0.16
C CYS B 125 34.36 11.76 -1.03
N GLY B 126 34.09 11.93 -2.32
CA GLY B 126 35.14 12.29 -3.26
C GLY B 126 35.65 13.70 -3.05
N SER B 127 34.79 14.61 -2.55
CA SER B 127 35.22 16.00 -2.39
C SER B 127 36.19 16.16 -1.23
N CYS B 128 35.89 15.57 -0.07
CA CYS B 128 36.83 15.67 1.04
C CYS B 128 38.06 14.77 0.84
N SER B 129 37.95 13.77 -0.03
CA SER B 129 39.14 13.02 -0.44
C SER B 129 40.11 13.95 -1.15
N ASN B 130 39.62 14.67 -2.16
CA ASN B 130 40.50 15.54 -2.93
C ASN B 130 40.97 16.72 -2.09
N GLU B 131 40.10 17.28 -1.26
CA GLU B 131 40.47 18.38 -0.38
C GLU B 131 41.62 17.99 0.52
N ASN B 132 41.52 16.82 1.13
CA ASN B 132 42.57 16.38 2.04
C ASN B 132 43.81 15.90 1.28
N ALA B 133 43.63 15.40 0.06
CA ALA B 133 44.78 15.18 -0.82
C ALA B 133 45.51 16.50 -1.09
N PHE B 134 44.76 17.58 -1.41
CA PHE B 134 45.39 18.89 -1.62
C PHE B 134 46.23 19.30 -0.40
N LYS B 135 45.62 19.19 0.79
CA LYS B 135 46.27 19.65 2.01
C LYS B 135 47.50 18.81 2.31
N THR B 136 47.39 17.49 2.15
CA THR B 136 48.55 16.60 2.26
C THR B 136 49.67 17.04 1.31
N ILE B 137 49.30 17.44 0.10
CA ILE B 137 50.29 17.89 -0.88
C ILE B 137 50.91 19.21 -0.46
N PHE B 138 50.08 20.18 -0.01
CA PHE B 138 50.60 21.47 0.47
C PHE B 138 51.55 21.29 1.64
N MET B 139 51.18 20.42 2.60
CA MET B 139 52.03 20.19 3.78
C MET B 139 53.36 19.58 3.38
N TRP B 140 53.33 18.65 2.43
CA TRP B 140 54.54 18.00 1.96
C TRP B 140 55.45 19.00 1.26
N TYR B 141 54.87 19.92 0.49
CA TYR B 141 55.70 20.88 -0.21
C TYR B 141 56.36 21.85 0.75
N ARG B 142 55.60 22.38 1.71
CA ARG B 142 56.17 23.25 2.73
C ARG B 142 57.26 22.52 3.51
N SER B 143 57.03 21.24 3.80
CA SER B 143 58.03 20.42 4.50
C SER B 143 59.33 20.34 3.70
N LYS B 144 59.24 20.17 2.38
CA LYS B 144 60.43 20.25 1.54
C LYS B 144 61.14 21.59 1.73
N GLU B 145 60.38 22.67 1.67
CA GLU B 145 60.98 24.00 1.75
C GLU B 145 61.61 24.28 3.10
N ARG B 146 60.98 23.85 4.20
CA ARG B 146 61.49 24.20 5.52
C ARG B 146 62.42 23.14 6.08
N GLY B 147 62.48 21.96 5.45
CA GLY B 147 63.35 20.92 5.98
C GLY B 147 62.89 20.40 7.34
N GLU B 148 63.84 19.80 8.06
CA GLU B 148 63.56 19.27 9.39
C GLU B 148 63.77 20.37 10.43
N SER B 149 62.87 21.34 10.39
CA SER B 149 62.86 22.42 11.36
C SER B 149 61.42 22.65 11.79
N ALA B 150 61.27 23.28 12.94
CA ALA B 150 59.95 23.45 13.53
C ALA B 150 59.22 24.62 12.88
N PHE B 151 57.91 24.65 13.08
CA PHE B 151 57.12 25.79 12.67
C PHE B 151 57.70 27.05 13.28
N SER B 152 57.74 28.13 12.51
CA SER B 152 58.24 29.35 13.09
C SER B 152 57.13 30.06 13.86
N LYS B 153 57.56 30.89 14.82
CA LYS B 153 56.62 31.71 15.59
C LYS B 153 55.72 32.53 14.68
N GLU B 154 56.29 33.19 13.66
CA GLU B 154 55.51 34.01 12.75
C GLU B 154 54.53 33.17 11.92
N GLU B 155 54.94 31.96 11.54
CA GLU B 155 54.03 31.08 10.83
C GLU B 155 52.86 30.67 11.72
N LEU B 156 53.16 30.31 12.98
CA LEU B 156 52.10 29.88 13.87
C LEU B 156 51.10 31.01 14.13
N GLU B 157 51.57 32.25 14.18
CA GLU B 157 50.69 33.39 14.48
C GLU B 157 49.89 33.84 13.26
N THR B 158 50.52 33.87 12.09
CA THR B 158 49.80 34.40 10.93
C THR B 158 48.84 33.38 10.31
N CYS B 159 49.08 32.07 10.49
CA CYS B 159 48.16 31.10 9.90
C CYS B 159 46.78 31.18 10.58
N MET B 160 46.75 31.59 11.85
CA MET B 160 45.49 31.76 12.57
C MET B 160 44.62 32.87 11.99
N ILE B 161 45.19 33.78 11.19
CA ILE B 161 44.44 34.90 10.66
C ILE B 161 44.54 34.96 9.14
N ASN B 162 44.76 33.80 8.51
CA ASN B 162 44.64 33.63 7.06
C ASN B 162 45.71 34.43 6.28
N GLN B 163 46.90 34.58 6.84
CA GLN B 163 47.93 35.40 6.21
C GLN B 163 49.18 34.59 5.98
N ALA B 164 49.95 34.99 4.96
CA ALA B 164 51.31 34.48 4.80
C ALA B 164 52.19 34.97 5.94
N PRO B 165 53.27 34.25 6.26
CA PRO B 165 53.74 32.99 5.68
C PRO B 165 53.04 31.73 6.19
N GLY B 166 52.24 31.88 7.26
CA GLY B 166 51.54 30.73 7.82
C GLY B 166 50.64 30.04 6.80
N CYS B 167 49.87 30.84 6.05
CA CYS B 167 49.08 30.35 4.93
C CYS B 167 49.82 30.65 3.63
N PRO B 168 50.46 29.67 3.01
CA PRO B 168 51.20 29.93 1.77
C PRO B 168 50.26 30.24 0.62
N ASP B 169 50.86 30.69 -0.48
CA ASP B 169 50.12 30.97 -1.70
C ASP B 169 50.34 29.90 -2.77
N TYR B 170 50.51 28.64 -2.35
CA TYR B 170 50.67 27.55 -3.29
C TYR B 170 49.43 27.38 -4.15
N SER B 171 49.61 26.68 -5.26
CA SER B 171 48.53 26.40 -6.18
C SER B 171 48.49 24.90 -6.45
N ILE B 172 47.35 24.47 -7.00
CA ILE B 172 47.20 23.15 -7.59
C ILE B 172 46.87 23.37 -9.05
N LEU B 173 47.59 22.68 -9.93
CA LEU B 173 47.33 22.79 -11.37
C LEU B 173 46.27 21.79 -11.76
N SER B 174 45.28 22.25 -12.53
CA SER B 174 44.21 21.40 -13.01
C SER B 174 43.97 21.65 -14.49
N PHE B 175 43.08 20.85 -15.07
CA PHE B 175 42.83 20.81 -16.49
C PHE B 175 41.41 21.27 -16.83
N MET B 176 41.26 21.98 -17.95
CA MET B 176 39.94 22.29 -18.46
C MET B 176 39.15 21.00 -18.68
N GLY B 177 37.84 21.06 -18.41
CA GLY B 177 37.00 19.88 -18.47
C GLY B 177 37.08 18.99 -17.25
N ALA B 178 37.91 19.33 -16.28
CA ALA B 178 38.04 18.54 -15.08
C ALA B 178 36.85 18.75 -14.15
N PHE B 179 36.49 17.68 -13.44
CA PHE B 179 35.58 17.73 -12.32
C PHE B 179 36.22 16.99 -11.16
N HIS B 180 36.41 17.68 -10.04
CA HIS B 180 37.02 17.08 -8.85
C HIS B 180 36.22 17.29 -7.57
N GLY B 181 34.99 17.78 -7.67
CA GLY B 181 34.15 17.97 -6.50
C GLY B 181 33.70 19.41 -6.33
N ARG B 182 32.82 19.61 -5.34
CA ARG B 182 32.05 20.85 -5.23
C ARG B 182 32.42 21.73 -4.05
N THR B 183 33.17 21.23 -3.07
CA THR B 183 33.63 22.12 -2.02
C THR B 183 34.66 23.08 -2.62
N MET B 184 34.95 24.16 -1.88
CA MET B 184 35.56 25.32 -2.50
C MET B 184 36.99 25.05 -3.01
N GLY B 185 37.77 24.24 -2.30
CA GLY B 185 39.05 23.82 -2.85
C GLY B 185 38.91 22.99 -4.11
N CYS B 186 38.16 21.89 -4.02
CA CYS B 186 37.84 21.06 -5.17
C CYS B 186 37.33 21.89 -6.33
N LEU B 187 36.43 22.83 -6.04
CA LEU B 187 35.75 23.57 -7.09
C LEU B 187 36.73 24.40 -7.92
N ALA B 188 37.77 24.93 -7.28
CA ALA B 188 38.75 25.77 -8.00
C ALA B 188 39.58 24.96 -8.99
N THR B 189 39.63 23.64 -8.85
CA THR B 189 40.27 22.76 -9.83
C THR B 189 39.27 22.10 -10.77
N THR B 190 37.98 22.43 -10.63
CA THR B 190 36.93 21.89 -11.47
C THR B 190 36.62 22.88 -12.60
N HIS B 191 36.44 22.35 -13.80
CA HIS B 191 36.20 23.19 -14.97
C HIS B 191 35.29 22.45 -15.95
N SER B 192 34.11 22.03 -15.46
CA SER B 192 33.23 21.17 -16.23
C SER B 192 32.14 21.98 -16.93
N LYS B 193 31.13 22.42 -16.18
CA LYS B 193 30.04 23.24 -16.69
C LYS B 193 30.01 24.55 -15.91
N ALA B 194 29.60 25.63 -16.58
CA ALA B 194 29.56 26.92 -15.91
C ALA B 194 28.58 26.93 -14.75
N ILE B 195 27.52 26.11 -14.81
CA ILE B 195 26.51 26.09 -13.75
C ILE B 195 27.07 25.56 -12.45
N HIS B 196 28.23 24.92 -12.48
CA HIS B 196 28.89 24.47 -11.25
C HIS B 196 29.69 25.59 -10.59
N LYS B 197 30.12 26.59 -11.36
CA LYS B 197 31.15 27.50 -10.88
C LYS B 197 30.68 28.92 -10.63
N ILE B 198 29.54 29.32 -11.18
CA ILE B 198 29.23 30.74 -11.26
C ILE B 198 28.80 31.26 -9.89
N ASP B 199 29.26 32.46 -9.55
CA ASP B 199 28.97 33.21 -8.32
C ASP B 199 29.73 32.67 -7.11
N ILE B 200 30.64 31.73 -7.27
CA ILE B 200 31.39 31.16 -6.15
C ILE B 200 32.82 31.69 -6.19
N PRO B 201 33.33 32.29 -5.11
CA PRO B 201 34.74 32.68 -5.09
C PRO B 201 35.66 31.47 -5.28
N SER B 202 36.85 31.75 -5.80
CA SER B 202 37.73 30.71 -6.32
C SER B 202 39.17 31.09 -6.01
N PHE B 203 40.09 30.28 -6.52
CA PHE B 203 41.52 30.47 -6.32
C PHE B 203 42.17 30.73 -7.69
N ASP B 204 43.09 31.70 -7.71
CA ASP B 204 43.89 31.97 -8.92
C ASP B 204 44.97 30.89 -9.01
N TRP B 205 44.60 29.77 -9.60
CA TRP B 205 45.46 28.63 -9.80
C TRP B 205 45.57 28.33 -11.29
N PRO B 206 46.61 27.61 -11.72
CA PRO B 206 46.79 27.35 -13.15
C PRO B 206 45.84 26.30 -13.70
N ILE B 207 45.33 26.61 -14.90
CA ILE B 207 44.39 25.75 -15.61
C ILE B 207 45.01 25.40 -16.96
N ALA B 208 45.18 24.12 -17.21
CA ALA B 208 45.81 23.66 -18.44
C ALA B 208 44.78 23.04 -19.35
N PRO B 209 44.96 23.13 -20.68
CA PRO B 209 44.02 22.46 -21.57
C PRO B 209 44.26 20.96 -21.54
N PHE B 210 43.17 20.23 -21.57
CA PHE B 210 43.20 18.79 -21.74
C PHE B 210 43.13 18.45 -23.24
N PRO B 211 43.82 17.41 -23.70
CA PRO B 211 43.85 17.14 -25.15
C PRO B 211 42.49 16.70 -25.68
N ARG B 212 42.07 17.32 -26.78
CA ARG B 212 40.85 16.93 -27.48
C ARG B 212 41.26 16.08 -28.69
N LEU B 213 41.04 14.77 -28.59
CA LEU B 213 41.42 13.84 -29.63
C LEU B 213 40.42 13.84 -30.79
N LYS B 214 40.94 13.73 -32.00
CA LYS B 214 40.11 13.57 -33.20
C LYS B 214 39.94 12.09 -33.49
N TYR B 215 38.74 11.72 -33.94
CA TYR B 215 38.39 10.35 -34.20
C TYR B 215 38.05 10.17 -35.67
N PRO B 216 38.14 8.93 -36.21
CA PRO B 216 38.66 7.72 -35.56
C PRO B 216 40.15 7.83 -35.22
N LEU B 217 40.57 7.24 -34.10
CA LEU B 217 41.96 7.34 -33.68
C LEU B 217 42.89 6.80 -34.77
N GLU B 218 42.44 5.76 -35.48
CA GLU B 218 43.19 5.18 -36.59
C GLU B 218 43.64 6.25 -37.58
N GLU B 219 42.80 7.25 -37.81
CA GLU B 219 42.95 8.19 -38.91
C GLU B 219 43.67 9.47 -38.56
N PHE B 220 43.83 9.79 -37.27
CA PHE B 220 44.36 11.08 -36.87
C PHE B 220 45.59 10.95 -35.97
N VAL B 221 46.39 9.91 -36.16
CA VAL B 221 47.44 9.57 -35.19
C VAL B 221 48.39 10.75 -34.99
N LYS B 222 48.80 11.40 -36.07
CA LYS B 222 49.77 12.48 -35.93
C LYS B 222 49.14 13.76 -35.40
N GLU B 223 47.88 14.04 -35.77
CA GLU B 223 47.19 15.19 -35.21
C GLU B 223 47.05 15.05 -33.70
N ASN B 224 46.81 13.82 -33.23
CA ASN B 224 46.56 13.56 -31.82
C ASN B 224 47.83 13.60 -30.99
N GLN B 225 48.94 13.06 -31.52
CA GLN B 225 50.20 13.21 -30.80
C GLN B 225 50.65 14.66 -30.79
N GLN B 226 50.29 15.44 -31.81
CA GLN B 226 50.59 16.86 -31.80
C GLN B 226 49.77 17.59 -30.75
N GLU B 227 48.48 17.26 -30.67
CA GLU B 227 47.60 17.89 -29.69
C GLU B 227 48.07 17.58 -28.27
N GLU B 228 48.32 16.30 -27.98
CA GLU B 228 48.80 15.91 -26.67
C GLU B 228 50.13 16.58 -26.33
N ALA B 229 51.00 16.77 -27.33
CA ALA B 229 52.31 17.35 -27.06
C ALA B 229 52.22 18.81 -26.66
N ARG B 230 51.34 19.58 -27.31
CA ARG B 230 51.25 21.00 -26.98
C ARG B 230 50.55 21.23 -25.65
N CYS B 231 49.60 20.36 -25.30
CA CYS B 231 49.03 20.40 -23.95
C CYS B 231 50.12 20.20 -22.90
N LEU B 232 51.00 19.23 -23.13
CA LEU B 232 52.11 19.00 -22.22
C LEU B 232 53.01 20.22 -22.13
N GLU B 233 53.17 20.95 -23.22
CA GLU B 233 54.03 22.13 -23.19
C GLU B 233 53.37 23.26 -22.40
N GLU B 234 52.05 23.40 -22.50
CA GLU B 234 51.39 24.47 -21.74
C GLU B 234 51.40 24.17 -20.25
N VAL B 235 51.24 22.89 -19.88
CA VAL B 235 51.40 22.49 -18.48
C VAL B 235 52.72 23.01 -17.94
N GLU B 236 53.82 22.67 -18.62
CA GLU B 236 55.14 23.07 -18.15
C GLU B 236 55.28 24.59 -18.11
N ASP B 237 54.70 25.29 -19.08
CA ASP B 237 54.78 26.75 -19.09
C ASP B 237 54.06 27.36 -17.89
N LEU B 238 52.92 26.77 -17.51
CA LEU B 238 52.16 27.32 -16.39
C LEU B 238 52.90 27.16 -15.08
N ILE B 239 53.53 26.01 -14.86
CA ILE B 239 54.32 25.80 -13.65
C ILE B 239 55.41 26.86 -13.53
N VAL B 240 56.16 27.07 -14.63
CA VAL B 240 57.19 28.10 -14.62
C VAL B 240 56.58 29.46 -14.38
N LYS B 241 55.45 29.73 -15.03
CA LYS B 241 54.82 31.04 -14.91
C LYS B 241 54.31 31.29 -13.50
N TYR B 242 53.74 30.28 -12.85
CA TYR B 242 53.19 30.49 -11.52
C TYR B 242 54.27 30.46 -10.44
N ARG B 243 55.42 29.85 -10.68
CA ARG B 243 56.48 29.93 -9.69
C ARG B 243 57.02 31.34 -9.59
N LYS B 244 57.19 32.04 -10.72
CA LYS B 244 57.65 33.42 -10.62
C LYS B 244 56.58 34.33 -10.04
N LYS B 245 55.32 34.12 -10.41
CA LYS B 245 54.28 34.91 -9.76
C LYS B 245 54.06 34.54 -8.26
N LYS B 246 55.00 33.80 -7.66
CA LYS B 246 55.01 33.44 -6.23
C LYS B 246 53.76 32.66 -5.82
N LYS B 247 53.24 31.86 -6.74
CA LYS B 247 52.12 30.96 -6.53
C LYS B 247 52.50 29.55 -6.99
N THR B 248 53.64 29.10 -6.45
CA THR B 248 54.27 27.84 -6.78
C THR B 248 53.28 26.68 -6.88
N VAL B 249 53.40 25.91 -7.96
CA VAL B 249 52.55 24.74 -8.16
C VAL B 249 53.04 23.64 -7.23
N ALA B 250 52.24 23.28 -6.23
CA ALA B 250 52.62 22.21 -5.31
C ALA B 250 52.20 20.86 -5.84
N GLY B 251 51.14 20.81 -6.65
CA GLY B 251 50.69 19.53 -7.17
C GLY B 251 49.90 19.70 -8.45
N ILE B 252 49.71 18.56 -9.12
CA ILE B 252 48.90 18.48 -10.34
C ILE B 252 47.83 17.43 -10.12
N ILE B 253 46.59 17.79 -10.43
CA ILE B 253 45.47 16.85 -10.31
C ILE B 253 44.91 16.59 -11.71
N VAL B 254 44.58 15.34 -12.00
CA VAL B 254 44.00 15.00 -13.29
C VAL B 254 43.21 13.71 -13.14
N GLU B 255 42.14 13.58 -13.93
CA GLU B 255 41.45 12.29 -13.99
C GLU B 255 42.05 11.43 -15.11
N PRO B 256 42.16 10.12 -14.96
CA PRO B 256 42.59 9.30 -16.11
C PRO B 256 41.67 9.42 -17.32
N ILE B 257 40.36 9.52 -17.09
CA ILE B 257 39.37 9.85 -18.10
C ILE B 257 38.46 10.91 -17.52
N GLN B 258 38.44 12.11 -18.12
CA GLN B 258 37.55 13.15 -17.64
C GLN B 258 36.10 12.71 -17.85
N SER B 259 35.28 12.85 -16.81
CA SER B 259 33.89 12.39 -16.95
C SER B 259 32.94 13.55 -17.20
N GLU B 260 32.67 14.35 -16.18
CA GLU B 260 31.67 15.41 -16.28
C GLU B 260 32.00 16.43 -17.35
N GLY B 261 33.26 16.52 -17.78
CA GLY B 261 33.68 17.45 -18.80
C GLY B 261 33.46 17.01 -20.23
N GLY B 262 32.90 15.82 -20.45
CA GLY B 262 32.58 15.37 -21.79
C GLY B 262 33.37 14.15 -22.23
N ASP B 263 33.59 13.24 -21.29
CA ASP B 263 34.26 11.95 -21.52
C ASP B 263 35.51 12.09 -22.39
N ASN B 264 36.40 13.01 -21.97
CA ASN B 264 37.62 13.29 -22.70
C ASN B 264 38.69 12.24 -22.36
N HIS B 265 39.21 11.57 -23.39
CA HIS B 265 40.28 10.60 -23.22
C HIS B 265 41.61 11.21 -23.64
N ALA B 266 42.68 10.48 -23.32
CA ALA B 266 44.02 10.79 -23.79
C ALA B 266 44.84 9.50 -23.74
N SER B 267 45.92 9.48 -24.51
CA SER B 267 46.71 8.26 -24.64
C SER B 267 47.46 7.97 -23.35
N ASP B 268 47.71 6.68 -23.11
CA ASP B 268 48.58 6.29 -22.02
C ASP B 268 49.91 7.03 -22.07
N ASP B 269 50.42 7.30 -23.27
CA ASP B 269 51.67 8.04 -23.41
C ASP B 269 51.54 9.43 -22.80
N PHE B 270 50.37 10.06 -22.95
CA PHE B 270 50.22 11.41 -22.44
C PHE B 270 50.37 11.45 -20.93
N PHE B 271 49.75 10.49 -20.23
CA PHE B 271 49.78 10.52 -18.77
C PHE B 271 51.16 10.18 -18.24
N ARG B 272 51.86 9.23 -18.90
CA ARG B 272 53.23 8.94 -18.52
C ARG B 272 54.10 10.18 -18.67
N LYS B 273 53.93 10.92 -19.76
CA LYS B 273 54.73 12.14 -19.93
C LYS B 273 54.34 13.21 -18.94
N LEU B 274 53.05 13.30 -18.57
CA LEU B 274 52.64 14.26 -17.56
C LEU B 274 53.17 13.88 -16.19
N ARG B 275 53.14 12.58 -15.87
CA ARG B 275 53.76 12.08 -14.65
C ARG B 275 55.19 12.55 -14.50
N ASP B 276 55.97 12.55 -15.59
CA ASP B 276 57.38 12.90 -15.46
C ASP B 276 57.56 14.40 -15.37
N ILE B 277 56.72 15.15 -16.08
CA ILE B 277 56.72 16.60 -15.94
C ILE B 277 56.48 16.99 -14.49
N SER B 278 55.51 16.34 -13.83
CA SER B 278 55.25 16.62 -12.42
C SER B 278 56.50 16.39 -11.59
N ARG B 279 57.02 15.16 -11.61
CA ARG B 279 58.22 14.84 -10.86
C ARG B 279 59.37 15.82 -11.16
N LYS B 280 59.56 16.12 -12.45
CA LYS B 280 60.68 16.97 -12.87
C LYS B 280 60.62 18.35 -12.23
N HIS B 281 59.43 18.89 -12.00
CA HIS B 281 59.29 20.19 -11.35
C HIS B 281 59.01 20.10 -9.85
N GLY B 282 59.06 18.90 -9.26
CA GLY B 282 58.79 18.77 -7.84
C GLY B 282 57.33 18.95 -7.44
N CYS B 283 56.40 18.74 -8.37
CA CYS B 283 54.96 18.75 -8.09
C CYS B 283 54.47 17.35 -7.72
N ALA B 284 53.65 17.29 -6.68
CA ALA B 284 52.95 16.04 -6.40
C ALA B 284 52.01 15.73 -7.57
N PHE B 285 51.93 14.46 -7.93
CA PHE B 285 51.03 14.01 -8.98
C PHE B 285 49.82 13.35 -8.33
N LEU B 286 48.68 14.03 -8.38
CA LEU B 286 47.44 13.55 -7.76
C LEU B 286 46.52 13.00 -8.86
N VAL B 287 46.21 11.71 -8.80
CA VAL B 287 45.35 11.06 -9.77
C VAL B 287 43.97 10.82 -9.15
N ASP B 288 42.94 11.44 -9.72
CA ASP B 288 41.57 11.40 -9.19
C ASP B 288 40.87 10.21 -9.85
N GLU B 289 40.75 9.11 -9.13
CA GLU B 289 40.04 7.93 -9.61
C GLU B 289 38.67 7.77 -8.97
N VAL B 290 38.07 8.88 -8.53
CA VAL B 290 36.74 8.83 -7.93
C VAL B 290 35.75 8.16 -8.90
N GLN B 291 35.80 8.55 -10.17
CA GLN B 291 34.87 7.95 -11.12
C GLN B 291 35.45 6.75 -11.86
N THR B 292 36.73 6.78 -12.23
CA THR B 292 37.30 5.67 -13.01
C THR B 292 37.63 4.46 -12.15
N GLY B 293 37.74 4.63 -10.84
CA GLY B 293 38.14 3.51 -10.01
C GLY B 293 37.03 2.51 -9.81
N GLY B 294 37.43 1.30 -9.45
CA GLY B 294 36.51 0.24 -9.13
C GLY B 294 36.41 -0.85 -10.18
N GLY B 295 37.05 -0.69 -11.33
CA GLY B 295 37.20 -1.81 -12.26
C GLY B 295 36.53 -1.66 -13.60
N SER B 296 35.79 -0.57 -13.89
CA SER B 296 35.00 -0.50 -15.12
C SER B 296 35.86 -0.42 -16.37
N THR B 297 37.10 0.04 -16.28
CA THR B 297 37.99 0.05 -17.44
C THR B 297 38.66 -1.29 -17.67
N GLY B 298 38.30 -2.34 -16.94
CA GLY B 298 38.95 -3.62 -17.04
C GLY B 298 40.12 -3.82 -16.10
N LYS B 299 40.62 -2.75 -15.48
CA LYS B 299 41.59 -2.83 -14.40
C LYS B 299 41.02 -2.08 -13.20
N PHE B 300 41.44 -2.46 -12.00
CA PHE B 300 40.78 -1.92 -10.82
C PHE B 300 40.91 -0.41 -10.76
N TRP B 301 42.12 0.10 -10.95
CA TRP B 301 42.35 1.52 -11.17
C TRP B 301 42.69 1.75 -12.63
N ALA B 302 42.08 2.79 -13.21
CA ALA B 302 42.34 3.14 -14.61
C ALA B 302 43.83 3.35 -14.87
N HIS B 303 44.52 4.07 -13.97
CA HIS B 303 45.92 4.42 -14.20
C HIS B 303 46.80 3.18 -14.35
N GLU B 304 46.31 2.00 -13.96
CA GLU B 304 47.06 0.76 -14.15
C GLU B 304 47.36 0.51 -15.61
N HIS B 305 46.55 1.06 -16.51
CA HIS B 305 46.79 0.95 -17.95
C HIS B 305 48.06 1.68 -18.36
N TRP B 306 48.57 2.60 -17.54
CA TRP B 306 49.73 3.37 -17.95
C TRP B 306 51.02 2.55 -17.90
N GLY B 307 51.02 1.43 -17.17
CA GLY B 307 52.20 0.58 -17.08
C GLY B 307 53.39 1.22 -16.39
N LEU B 308 53.16 1.95 -15.30
CA LEU B 308 54.22 2.61 -14.55
C LEU B 308 54.40 1.96 -13.19
N ASP B 309 55.65 1.85 -12.75
CA ASP B 309 55.90 1.47 -11.36
C ASP B 309 55.68 2.63 -10.41
N ASP B 310 55.79 3.87 -10.89
CA ASP B 310 55.60 5.07 -10.09
C ASP B 310 54.49 5.89 -10.76
N PRO B 311 53.25 5.41 -10.69
CA PRO B 311 52.18 6.09 -11.44
C PRO B 311 51.78 7.42 -10.84
N ALA B 312 51.92 7.60 -9.53
CA ALA B 312 51.41 8.81 -8.90
C ALA B 312 51.97 8.91 -7.49
N ASP B 313 51.81 10.09 -6.91
CA ASP B 313 52.10 10.29 -5.49
C ASP B 313 50.87 10.11 -4.60
N VAL B 314 49.72 10.58 -5.04
CA VAL B 314 48.47 10.49 -4.30
C VAL B 314 47.40 10.01 -5.28
N MET B 315 46.47 9.19 -4.80
CA MET B 315 45.33 8.75 -5.63
C MET B 315 44.06 8.75 -4.79
N THR B 316 43.11 9.59 -5.15
CA THR B 316 41.82 9.63 -4.45
C THR B 316 40.79 8.70 -5.12
N PHE B 317 39.80 8.29 -4.33
CA PHE B 317 38.76 7.37 -4.77
C PHE B 317 37.48 7.62 -3.99
N SER B 318 36.36 7.15 -4.53
CA SER B 318 35.06 7.19 -3.87
C SER B 318 34.05 6.37 -4.69
N LYS B 319 32.78 6.78 -4.69
CA LYS B 319 31.73 6.16 -5.51
C LYS B 319 31.66 4.64 -5.37
N LYS B 320 32.19 3.91 -6.36
CA LYS B 320 32.14 2.46 -6.35
C LYS B 320 32.84 1.87 -5.12
N MET B 321 33.83 2.57 -4.57
CA MET B 321 34.53 2.07 -3.39
C MET B 321 33.70 2.21 -2.11
N MET B 322 32.47 2.71 -2.21
N MET B 322 32.53 2.86 -2.18
CA MET B 322 31.56 2.89 -1.09
CA MET B 322 31.53 2.93 -1.10
C MET B 322 32.05 4.00 -0.18
C MET B 322 31.97 3.80 0.07
N THR B 323 33.28 3.86 0.33
CA THR B 323 33.90 4.90 1.15
C THR B 323 34.82 5.71 0.24
N GLY B 324 35.14 6.93 0.69
CA GLY B 324 36.17 7.71 0.04
C GLY B 324 37.54 7.50 0.71
N GLY B 325 38.51 8.26 0.25
CA GLY B 325 39.81 8.26 0.89
C GLY B 325 40.90 8.50 -0.13
N PHE B 326 42.15 8.28 0.28
CA PHE B 326 43.23 8.38 -0.70
C PHE B 326 44.44 7.57 -0.26
N PHE B 327 45.05 6.89 -1.24
CA PHE B 327 46.35 6.27 -1.12
C PHE B 327 47.43 7.30 -1.40
N HIS B 328 48.59 7.10 -0.80
CA HIS B 328 49.67 8.03 -1.12
C HIS B 328 51.01 7.39 -0.75
N LYS B 329 52.07 7.97 -1.28
CA LYS B 329 53.41 7.49 -0.98
C LYS B 329 53.79 7.82 0.46
N GLU B 330 54.69 7.00 1.01
CA GLU B 330 55.11 7.16 2.41
C GLU B 330 55.67 8.56 2.68
N GLU B 331 56.36 9.16 1.71
CA GLU B 331 56.93 10.47 2.00
C GLU B 331 55.89 11.56 2.13
N PHE B 332 54.63 11.30 1.76
CA PHE B 332 53.57 12.28 1.93
C PHE B 332 52.85 12.14 3.26
N ARG B 333 53.22 11.15 4.05
CA ARG B 333 52.60 10.95 5.34
C ARG B 333 52.79 12.19 6.24
N PRO B 334 51.73 12.72 6.82
CA PRO B 334 51.89 13.89 7.70
C PRO B 334 52.79 13.58 8.89
N ASN B 335 53.65 14.56 9.20
CA ASN B 335 54.58 14.44 10.32
C ASN B 335 53.87 14.43 11.66
N ALA B 336 52.83 15.25 11.80
CA ALA B 336 52.14 15.44 13.07
C ALA B 336 50.68 15.08 12.92
N PRO B 337 50.04 14.61 13.98
CA PRO B 337 48.60 14.29 13.91
C PRO B 337 47.77 15.57 13.88
N TYR B 338 46.47 15.39 13.63
CA TYR B 338 45.46 16.45 13.65
C TYR B 338 45.60 17.46 12.52
N ARG B 339 46.49 17.22 11.56
CA ARG B 339 46.53 18.06 10.38
C ARG B 339 45.59 17.54 9.28
N ILE B 340 45.55 16.25 9.06
CA ILE B 340 44.56 15.64 8.17
C ILE B 340 43.58 14.90 9.08
N PHE B 341 42.37 15.43 9.21
CA PHE B 341 41.52 14.95 10.29
C PHE B 341 40.10 15.46 10.10
N ASN B 342 39.13 14.66 10.53
CA ASN B 342 37.76 15.15 10.76
C ASN B 342 37.03 14.11 11.62
N THR B 343 35.77 14.40 11.92
CA THR B 343 35.05 13.59 12.91
C THR B 343 34.99 12.12 12.52
N TRP B 344 34.51 11.84 11.30
CA TRP B 344 34.18 10.47 10.94
C TRP B 344 35.24 9.77 10.10
N LEU B 345 35.95 10.50 9.25
CA LEU B 345 36.97 9.92 8.37
C LEU B 345 36.42 8.71 7.60
N GLY B 346 35.20 8.84 7.09
CA GLY B 346 34.56 7.71 6.46
C GLY B 346 33.50 7.07 7.33
N ASP B 347 33.43 5.74 7.32
CA ASP B 347 32.37 5.01 7.98
C ASP B 347 32.66 3.52 7.95
N PRO B 348 32.82 2.87 9.11
CA PRO B 348 33.13 1.44 9.10
C PRO B 348 32.08 0.59 8.41
N SER B 349 30.82 1.06 8.40
CA SER B 349 29.75 0.30 7.74
C SER B 349 30.01 0.18 6.24
N LYS B 350 30.58 1.23 5.64
CA LYS B 350 30.96 1.18 4.24
C LYS B 350 32.14 0.24 4.02
N ASN B 351 33.14 0.28 4.90
CA ASN B 351 34.27 -0.65 4.78
C ASN B 351 33.80 -2.09 4.82
N LEU B 352 32.81 -2.39 5.67
CA LEU B 352 32.31 -3.75 5.79
C LEU B 352 31.68 -4.21 4.49
N LEU B 353 30.94 -3.31 3.82
CA LEU B 353 30.38 -3.61 2.51
C LEU B 353 31.46 -3.75 1.45
N LEU B 354 32.42 -2.82 1.44
CA LEU B 354 33.46 -2.84 0.41
C LEU B 354 34.28 -4.13 0.46
N ALA B 355 34.55 -4.66 1.66
CA ALA B 355 35.32 -5.89 1.74
C ALA B 355 34.60 -7.04 1.04
N GLU B 356 33.29 -7.16 1.25
CA GLU B 356 32.53 -8.18 0.54
C GLU B 356 32.45 -7.87 -0.95
N VAL B 357 32.33 -6.58 -1.30
CA VAL B 357 32.29 -6.18 -2.71
C VAL B 357 33.59 -6.57 -3.41
N ILE B 358 34.73 -6.34 -2.77
CA ILE B 358 36.01 -6.60 -3.40
C ILE B 358 36.25 -8.10 -3.51
N ASN B 359 35.81 -8.86 -2.51
CA ASN B 359 35.86 -10.31 -2.60
C ASN B 359 35.12 -10.84 -3.82
N ILE B 360 33.95 -10.25 -4.11
CA ILE B 360 33.14 -10.72 -5.24
C ILE B 360 33.76 -10.30 -6.56
N ILE B 361 34.39 -9.13 -6.62
CA ILE B 361 35.03 -8.69 -7.86
C ILE B 361 36.16 -9.63 -8.23
N LYS B 362 36.87 -10.14 -7.23
CA LYS B 362 37.98 -11.04 -7.51
C LYS B 362 37.48 -12.47 -7.73
N ARG B 363 36.69 -13.00 -6.80
CA ARG B 363 36.23 -14.38 -6.89
CA ARG B 363 36.23 -14.38 -6.89
C ARG B 363 35.49 -14.64 -8.20
N GLU B 364 34.73 -13.65 -8.68
CA GLU B 364 33.94 -13.82 -9.89
C GLU B 364 34.55 -13.10 -11.08
N ASP B 365 35.80 -12.64 -10.96
CA ASP B 365 36.59 -12.14 -12.10
C ASP B 365 35.86 -11.06 -12.86
N LEU B 366 35.36 -10.06 -12.14
CA LEU B 366 34.55 -9.02 -12.76
C LEU B 366 35.38 -8.02 -13.55
N LEU B 367 36.70 -7.96 -13.30
CA LEU B 367 37.57 -7.08 -14.08
C LEU B 367 37.68 -7.57 -15.53
N SER B 368 37.93 -8.87 -15.72
CA SER B 368 37.93 -9.46 -17.06
C SER B 368 36.59 -9.22 -17.74
N ASN B 369 35.50 -9.54 -17.03
CA ASN B 369 34.16 -9.35 -17.56
C ASN B 369 33.93 -7.93 -18.05
N ALA B 370 34.46 -6.94 -17.31
CA ALA B 370 34.25 -5.54 -17.70
C ALA B 370 35.02 -5.20 -18.96
N ALA B 371 36.26 -5.68 -19.06
CA ALA B 371 37.01 -5.51 -20.30
C ALA B 371 36.32 -6.24 -21.44
N HIS B 372 35.78 -7.43 -21.17
CA HIS B 372 35.11 -8.21 -22.20
C HIS B 372 33.76 -7.61 -22.58
N ALA B 373 32.86 -7.48 -21.60
CA ALA B 373 31.55 -6.90 -21.88
C ALA B 373 31.69 -5.45 -22.37
N GLY B 374 32.73 -4.75 -21.96
CA GLY B 374 32.98 -3.43 -22.50
C GLY B 374 33.35 -3.46 -23.96
N LYS B 375 34.05 -4.52 -24.40
CA LYS B 375 34.41 -4.63 -25.81
C LYS B 375 33.17 -4.83 -26.66
N VAL B 376 32.33 -5.80 -26.27
CA VAL B 376 31.06 -6.07 -26.97
C VAL B 376 30.26 -4.78 -27.09
N LEU B 377 30.07 -4.09 -25.97
CA LEU B 377 29.49 -2.75 -25.95
C LEU B 377 30.14 -1.91 -27.04
N LEU B 378 31.42 -1.55 -26.86
CA LEU B 378 32.10 -0.62 -27.76
C LEU B 378 32.11 -1.11 -29.21
N THR B 379 32.20 -2.43 -29.41
CA THR B 379 32.05 -2.98 -30.76
C THR B 379 30.69 -2.63 -31.32
N GLY B 380 29.63 -2.90 -30.55
CA GLY B 380 28.27 -2.59 -31.00
C GLY B 380 28.08 -1.13 -31.37
N LEU B 381 28.55 -0.21 -30.52
CA LEU B 381 28.37 1.21 -30.83
C LEU B 381 29.02 1.58 -32.14
N LEU B 382 30.21 1.03 -32.39
CA LEU B 382 30.90 1.37 -33.63
C LEU B 382 30.08 0.93 -34.83
N ASP B 383 29.43 -0.23 -34.73
CA ASP B 383 28.54 -0.67 -35.81
C ASP B 383 27.36 0.29 -35.95
N LEU B 384 26.77 0.70 -34.83
CA LEU B 384 25.67 1.66 -34.88
C LEU B 384 26.14 3.06 -35.26
N GLN B 385 27.41 3.40 -35.03
CA GLN B 385 27.93 4.67 -35.51
C GLN B 385 28.03 4.66 -37.03
N ALA B 386 28.40 3.51 -37.59
CA ALA B 386 28.51 3.39 -39.05
C ALA B 386 27.14 3.51 -39.71
N ARG B 387 26.15 2.78 -39.18
CA ARG B 387 24.83 2.74 -39.79
C ARG B 387 24.03 4.02 -39.61
N TYR B 388 24.44 4.90 -38.69
CA TYR B 388 23.75 6.16 -38.42
C TYR B 388 24.75 7.26 -38.13
N PRO B 389 25.52 7.69 -39.14
CA PRO B 389 26.53 8.73 -38.90
C PRO B 389 25.97 10.11 -38.63
N GLN B 390 24.68 10.34 -38.88
CA GLN B 390 24.11 11.66 -38.66
C GLN B 390 23.75 11.92 -37.21
N PHE B 391 23.81 10.89 -36.36
CA PHE B 391 23.45 11.02 -34.95
C PHE B 391 24.62 10.72 -34.02
N ILE B 392 25.30 9.59 -34.21
CA ILE B 392 26.34 9.14 -33.31
C ILE B 392 27.72 9.36 -33.92
N SER B 393 28.59 10.05 -33.17
CA SER B 393 29.98 10.26 -33.59
C SER B 393 30.91 10.07 -32.40
N ARG B 394 32.18 9.81 -32.70
CA ARG B 394 33.27 9.75 -31.72
C ARG B 394 33.02 8.71 -30.64
N VAL B 395 32.48 7.56 -31.03
CA VAL B 395 32.33 6.42 -30.13
C VAL B 395 33.67 6.09 -29.49
N ARG B 396 33.80 6.34 -28.19
CA ARG B 396 35.03 6.10 -27.44
C ARG B 396 34.73 5.29 -26.18
N GLY B 397 35.77 4.80 -25.53
CA GLY B 397 35.57 4.05 -24.31
C GLY B 397 36.80 3.26 -23.89
N ARG B 398 36.75 2.80 -22.65
CA ARG B 398 37.74 1.89 -22.10
C ARG B 398 37.01 0.96 -21.15
N GLY B 399 37.02 -0.34 -21.44
CA GLY B 399 36.12 -1.22 -20.72
C GLY B 399 34.68 -0.81 -20.96
N THR B 400 33.83 -0.94 -19.93
CA THR B 400 32.45 -0.46 -20.02
C THR B 400 32.33 1.05 -19.89
N PHE B 401 33.44 1.76 -19.66
CA PHE B 401 33.46 3.22 -19.49
C PHE B 401 33.43 3.93 -20.84
N CYS B 402 32.33 3.75 -21.57
CA CYS B 402 32.22 4.26 -22.93
C CYS B 402 31.29 5.46 -23.03
N SER B 403 31.42 6.16 -24.15
CA SER B 403 30.55 7.29 -24.47
C SER B 403 30.52 7.49 -25.98
N PHE B 404 29.71 8.48 -26.41
CA PHE B 404 29.69 8.95 -27.78
C PHE B 404 29.01 10.31 -27.79
N ASP B 405 29.15 11.02 -28.89
CA ASP B 405 28.56 12.34 -29.02
C ASP B 405 27.36 12.30 -29.97
N THR B 406 26.48 13.28 -29.78
CA THR B 406 25.35 13.54 -30.65
C THR B 406 25.46 14.96 -31.19
N PRO B 407 24.70 15.29 -32.25
CA PRO B 407 24.84 16.64 -32.83
C PRO B 407 24.64 17.77 -31.84
N ASP B 408 23.58 17.74 -31.03
CA ASP B 408 23.28 18.86 -30.15
C ASP B 408 22.65 18.37 -28.86
N GLU B 409 22.34 19.33 -27.97
CA GLU B 409 21.82 19.00 -26.65
C GLU B 409 20.44 18.37 -26.72
N SER B 410 19.61 18.81 -27.67
CA SER B 410 18.21 18.36 -27.68
C SER B 410 18.12 16.90 -28.08
N ILE B 411 18.94 16.46 -29.03
CA ILE B 411 18.94 15.07 -29.45
C ILE B 411 19.48 14.17 -28.34
N ARG B 412 20.50 14.66 -27.63
CA ARG B 412 20.99 13.98 -26.43
C ARG B 412 19.84 13.70 -25.47
N ASN B 413 19.13 14.75 -25.06
CA ASN B 413 18.04 14.59 -24.10
C ASN B 413 16.93 13.71 -24.67
N LYS B 414 16.56 13.93 -25.94
CA LYS B 414 15.47 13.14 -26.53
C LYS B 414 15.83 11.65 -26.55
N LEU B 415 17.05 11.32 -26.97
CA LEU B 415 17.47 9.93 -26.98
C LEU B 415 17.37 9.31 -25.58
N ILE B 416 17.76 10.07 -24.56
CA ILE B 416 17.69 9.53 -23.21
C ILE B 416 16.25 9.32 -22.78
N SER B 417 15.37 10.29 -23.03
CA SER B 417 13.95 10.10 -22.70
C SER B 417 13.35 8.92 -23.47
N ILE B 418 13.66 8.79 -24.76
CA ILE B 418 13.17 7.64 -25.53
C ILE B 418 13.68 6.35 -24.91
N ALA B 419 14.99 6.30 -24.68
CA ALA B 419 15.62 5.06 -24.20
C ALA B 419 15.10 4.70 -22.81
N ARG B 420 14.90 5.70 -21.96
CA ARG B 420 14.36 5.40 -20.63
C ARG B 420 12.93 4.89 -20.73
N ASN B 421 12.12 5.49 -21.61
CA ASN B 421 10.77 4.96 -21.79
C ASN B 421 10.82 3.54 -22.37
N LYS B 422 11.82 3.25 -23.20
CA LYS B 422 11.98 1.90 -23.72
C LYS B 422 12.64 0.94 -22.74
N GLY B 423 13.11 1.42 -21.59
CA GLY B 423 13.58 0.55 -20.53
C GLY B 423 15.08 0.56 -20.24
N VAL B 424 15.85 1.54 -20.70
CA VAL B 424 17.27 1.63 -20.42
C VAL B 424 17.61 3.05 -19.99
N MET B 425 18.37 3.18 -18.90
N MET B 425 18.36 3.16 -18.90
CA MET B 425 18.72 4.48 -18.34
CA MET B 425 18.76 4.45 -18.36
C MET B 425 20.16 4.83 -18.71
C MET B 425 20.17 4.80 -18.79
N LEU B 426 20.33 5.99 -19.34
CA LEU B 426 21.63 6.51 -19.73
C LEU B 426 21.81 7.87 -19.08
N GLY B 427 23.06 8.19 -18.75
CA GLY B 427 23.42 9.51 -18.28
C GLY B 427 24.07 10.33 -19.37
N GLY B 428 24.15 11.64 -19.12
CA GLY B 428 24.78 12.54 -20.06
C GLY B 428 25.87 13.38 -19.43
N CYS B 429 27.02 13.46 -20.11
CA CYS B 429 28.08 14.36 -19.75
C CYS B 429 28.24 15.44 -20.81
N GLY B 430 28.87 16.54 -20.44
CA GLY B 430 29.06 17.66 -21.33
C GLY B 430 27.75 18.23 -21.88
N ASP B 431 27.89 18.97 -22.98
CA ASP B 431 26.74 19.60 -23.60
C ASP B 431 25.95 18.64 -24.47
N LYS B 432 26.59 17.60 -25.02
CA LYS B 432 25.90 16.73 -25.96
C LYS B 432 26.56 15.36 -26.09
N SER B 433 26.67 14.62 -24.98
CA SER B 433 27.28 13.31 -25.02
C SER B 433 26.43 12.34 -24.20
N ILE B 434 26.61 11.05 -24.48
CA ILE B 434 25.88 9.99 -23.81
C ILE B 434 26.91 9.01 -23.26
N ARG B 435 26.88 8.77 -21.95
CA ARG B 435 27.89 7.96 -21.32
C ARG B 435 27.28 6.67 -20.78
N PHE B 436 28.15 5.68 -20.60
CA PHE B 436 27.76 4.37 -20.12
C PHE B 436 28.51 4.10 -18.82
N ARG B 437 27.78 3.99 -17.72
CA ARG B 437 28.35 3.71 -16.41
C ARG B 437 27.67 2.48 -15.82
N PRO B 438 27.90 1.32 -16.41
CA PRO B 438 27.24 0.11 -15.92
C PRO B 438 27.93 -0.44 -14.68
N THR B 439 27.14 -1.12 -13.85
CA THR B 439 27.74 -1.79 -12.72
CA THR B 439 27.71 -1.82 -12.72
C THR B 439 28.65 -2.91 -13.20
N LEU B 440 29.34 -3.55 -12.25
CA LEU B 440 30.29 -4.57 -12.66
C LEU B 440 29.66 -5.94 -12.86
N VAL B 441 28.36 -6.10 -12.60
CA VAL B 441 27.66 -7.31 -13.00
C VAL B 441 26.94 -7.14 -14.34
N PHE B 442 27.22 -6.04 -15.04
CA PHE B 442 26.80 -5.85 -16.41
C PHE B 442 27.59 -6.79 -17.32
N ARG B 443 26.90 -7.47 -18.23
CA ARG B 443 27.50 -8.60 -18.93
C ARG B 443 27.30 -8.49 -20.44
N ASP B 444 27.77 -9.55 -21.12
CA ASP B 444 27.57 -9.72 -22.56
C ASP B 444 26.13 -9.46 -22.97
N HIS B 445 25.20 -10.22 -22.39
CA HIS B 445 23.83 -10.15 -22.85
C HIS B 445 23.15 -8.85 -22.46
N HIS B 446 23.63 -8.17 -21.42
CA HIS B 446 23.13 -6.82 -21.12
C HIS B 446 23.61 -5.83 -22.16
N ALA B 447 24.86 -5.96 -22.62
CA ALA B 447 25.27 -5.19 -23.76
C ALA B 447 24.25 -5.42 -24.86
N HIS B 448 24.21 -6.65 -25.39
CA HIS B 448 23.33 -6.97 -26.53
C HIS B 448 21.91 -6.46 -26.31
N LEU B 449 21.38 -6.63 -25.10
CA LEU B 449 20.01 -6.17 -24.83
C LEU B 449 19.91 -4.65 -25.03
N PHE B 450 20.87 -3.89 -24.52
CA PHE B 450 20.89 -2.47 -24.83
C PHE B 450 21.06 -2.24 -26.32
N LEU B 451 21.99 -2.99 -26.95
CA LEU B 451 22.25 -2.80 -28.38
C LEU B 451 20.98 -3.00 -29.21
N ASN B 452 20.22 -4.06 -28.93
N ASN B 452 20.22 -4.07 -28.94
CA ASN B 452 19.01 -4.34 -29.70
CA ASN B 452 19.00 -4.33 -29.71
C ASN B 452 17.96 -3.25 -29.51
C ASN B 452 17.97 -3.22 -29.51
N ILE B 453 17.78 -2.78 -28.28
CA ILE B 453 16.81 -1.73 -27.99
C ILE B 453 17.22 -0.42 -28.66
N PHE B 454 18.47 -0.02 -28.48
CA PHE B 454 18.92 1.22 -29.12
C PHE B 454 18.88 1.08 -30.63
N SER B 455 19.01 -0.15 -31.14
CA SER B 455 18.87 -0.37 -32.59
C SER B 455 17.50 0.06 -33.08
N ASP B 456 16.44 -0.48 -32.47
CA ASP B 456 15.09 -0.13 -32.88
C ASP B 456 14.81 1.35 -32.65
N ILE B 457 15.29 1.90 -31.53
CA ILE B 457 15.20 3.35 -31.32
C ILE B 457 15.84 4.09 -32.49
N LEU B 458 16.96 3.56 -32.99
CA LEU B 458 17.68 4.24 -34.07
C LEU B 458 16.89 4.20 -35.38
N ALA B 459 16.19 3.09 -35.64
CA ALA B 459 15.46 2.89 -36.89
C ALA B 459 14.17 3.69 -36.96
N ASP B 460 13.65 4.14 -35.81
CA ASP B 460 12.42 4.93 -35.76
C ASP B 460 12.67 6.39 -35.42
N PHE B 461 13.93 6.83 -35.41
CA PHE B 461 14.23 8.18 -34.95
C PHE B 461 13.99 9.19 -36.07
N ALA B 462 13.43 10.34 -35.70
CA ALA B 462 13.08 11.40 -36.64
C ALA B 462 14.31 12.02 -37.29
N PHE C 1 -6.38 -17.16 17.68
CA PHE C 1 -7.82 -17.35 17.80
C PHE C 1 -8.55 -16.03 18.08
N ASP C 2 -7.91 -15.14 18.84
CA ASP C 2 -8.58 -13.95 19.36
C ASP C 2 -7.53 -12.97 19.87
N TYR C 3 -7.79 -11.67 19.73
CA TYR C 3 -7.00 -10.64 20.41
C TYR C 3 -7.42 -10.56 21.87
N ASP C 4 -6.70 -9.75 22.67
CA ASP C 4 -7.01 -9.62 24.09
C ASP C 4 -7.85 -8.38 24.42
N GLY C 5 -8.07 -7.51 23.46
CA GLY C 5 -8.91 -6.36 23.65
C GLY C 5 -8.78 -5.40 22.49
N PRO C 6 -9.59 -4.36 22.50
CA PRO C 6 -9.60 -3.40 21.40
C PRO C 6 -8.36 -2.52 21.40
N LEU C 7 -8.10 -1.90 20.23
CA LEU C 7 -6.97 -1.00 20.06
C LEU C 7 -7.33 0.01 18.98
N MET C 8 -7.64 1.23 19.39
CA MET C 8 -8.08 2.28 18.46
C MET C 8 -6.93 3.19 18.05
N LYS C 9 -6.92 3.58 16.79
CA LYS C 9 -5.94 4.49 16.22
C LYS C 9 -6.53 5.80 15.74
N THR C 10 -7.71 5.77 15.12
CA THR C 10 -8.38 6.97 14.62
C THR C 10 -9.84 6.94 15.04
N GLU C 11 -10.53 8.04 14.80
CA GLU C 11 -11.98 8.03 14.80
C GLU C 11 -12.50 7.13 13.68
N VAL C 12 -13.76 6.72 13.80
CA VAL C 12 -14.39 5.77 12.89
C VAL C 12 -15.63 6.44 12.30
N PRO C 13 -15.78 6.49 10.96
CA PRO C 13 -14.82 5.99 9.97
C PRO C 13 -13.58 6.85 9.88
N GLY C 14 -12.40 6.23 9.76
CA GLY C 14 -11.17 6.97 9.61
C GLY C 14 -10.98 7.48 8.19
N PRO C 15 -9.85 8.14 7.96
CA PRO C 15 -9.64 8.77 6.63
C PRO C 15 -9.58 7.77 5.47
N ARG C 16 -8.99 6.59 5.65
CA ARG C 16 -9.00 5.62 4.56
C ARG C 16 -10.41 5.10 4.29
N SER C 17 -11.18 4.79 5.34
CA SER C 17 -12.58 4.41 5.12
C SER C 17 -13.33 5.50 4.37
N ARG C 18 -13.17 6.76 4.81
CA ARG C 18 -13.87 7.87 4.18
C ARG C 18 -13.52 7.99 2.70
N GLU C 19 -12.26 7.77 2.34
CA GLU C 19 -11.90 7.80 0.93
C GLU C 19 -12.55 6.64 0.16
N LEU C 20 -12.56 5.43 0.72
CA LEU C 20 -13.19 4.31 0.02
C LEU C 20 -14.69 4.51 -0.08
N MET C 21 -15.30 5.11 0.96
CA MET C 21 -16.74 5.38 0.92
C MET C 21 -17.08 6.38 -0.17
N LYS C 22 -16.20 7.35 -0.40
CA LYS C 22 -16.39 8.29 -1.49
C LYS C 22 -16.33 7.61 -2.86
N GLN C 23 -15.39 6.68 -3.04
CA GLN C 23 -15.31 5.95 -4.31
C GLN C 23 -16.53 5.07 -4.54
N LEU C 24 -16.95 4.35 -3.51
CA LEU C 24 -18.11 3.49 -3.65
C LEU C 24 -19.38 4.30 -3.89
N ASN C 25 -19.48 5.49 -3.28
CA ASN C 25 -20.65 6.34 -3.48
C ASN C 25 -20.84 6.78 -4.93
N ILE C 26 -19.80 6.67 -5.77
N ILE C 26 -19.81 6.65 -5.78
CA ILE C 26 -19.95 6.96 -7.20
CA ILE C 26 -19.99 6.95 -7.20
C ILE C 26 -20.99 6.02 -7.84
C ILE C 26 -20.81 5.85 -7.89
N ILE C 27 -20.88 4.72 -7.56
N ILE C 27 -20.74 4.61 -7.39
CA ILE C 27 -21.67 3.73 -8.30
CA ILE C 27 -21.39 3.48 -8.04
C ILE C 27 -22.93 3.27 -7.58
C ILE C 27 -22.79 3.19 -7.52
N GLN C 28 -23.11 3.65 -6.31
CA GLN C 28 -24.34 3.30 -5.62
C GLN C 28 -24.47 4.22 -4.41
N ASN C 29 -25.68 4.31 -3.88
CA ASN C 29 -25.85 5.05 -2.63
C ASN C 29 -25.12 4.30 -1.52
N ALA C 30 -24.06 4.91 -0.99
CA ALA C 30 -23.26 4.24 0.04
C ALA C 30 -23.50 4.80 1.43
N GLU C 31 -24.60 5.55 1.64
CA GLU C 31 -24.82 6.20 2.93
C GLU C 31 -24.94 5.21 4.09
N ALA C 32 -25.35 3.97 3.84
CA ALA C 32 -25.42 3.04 4.96
C ALA C 32 -24.08 2.49 5.39
N VAL C 33 -23.01 2.68 4.61
CA VAL C 33 -21.73 2.09 4.95
C VAL C 33 -21.23 2.69 6.25
N HIS C 34 -20.82 1.82 7.18
CA HIS C 34 -20.27 2.28 8.45
C HIS C 34 -18.78 2.60 8.30
N PHE C 35 -18.02 1.65 7.77
CA PHE C 35 -16.59 1.83 7.48
C PHE C 35 -16.18 0.62 6.66
N PHE C 36 -14.97 0.67 6.10
CA PHE C 36 -14.41 -0.43 5.33
C PHE C 36 -13.52 -1.27 6.22
N CYS C 37 -13.42 -2.57 5.92
CA CYS C 37 -12.79 -3.51 6.83
C CYS C 37 -11.61 -4.26 6.23
N ASN C 38 -10.65 -4.62 7.09
CA ASN C 38 -9.57 -5.55 6.75
C ASN C 38 -9.90 -6.90 7.39
N TYR C 39 -10.67 -7.71 6.66
CA TYR C 39 -11.04 -9.01 7.19
C TYR C 39 -9.83 -9.92 7.36
N GLU C 40 -8.76 -9.70 6.58
CA GLU C 40 -7.55 -10.51 6.72
C GLU C 40 -6.95 -10.39 8.12
N GLU C 41 -7.02 -9.20 8.74
CA GLU C 41 -6.48 -9.00 10.09
C GLU C 41 -7.52 -9.15 11.19
N SER C 42 -8.80 -9.40 10.84
CA SER C 42 -9.80 -9.60 11.88
C SER C 42 -9.68 -11.03 12.41
N ARG C 43 -9.98 -11.20 13.70
CA ARG C 43 -9.79 -12.48 14.37
C ARG C 43 -10.78 -12.60 15.52
N GLY C 44 -11.42 -13.76 15.63
CA GLY C 44 -12.23 -14.02 16.80
C GLY C 44 -13.33 -12.98 16.89
N ASN C 45 -13.38 -12.28 18.02
CA ASN C 45 -14.39 -11.27 18.29
C ASN C 45 -14.03 -9.89 17.78
N TYR C 46 -12.94 -9.75 17.03
CA TYR C 46 -12.42 -8.42 16.71
C TYR C 46 -12.42 -8.16 15.22
N LEU C 47 -13.05 -7.05 14.85
CA LEU C 47 -13.06 -6.54 13.49
C LEU C 47 -12.02 -5.45 13.38
N VAL C 48 -11.20 -5.53 12.33
CA VAL C 48 -10.17 -4.53 12.06
C VAL C 48 -10.58 -3.72 10.85
N ASP C 49 -10.49 -2.40 10.94
CA ASP C 49 -10.90 -1.60 9.80
C ASP C 49 -9.66 -1.22 8.97
N VAL C 50 -9.89 -0.49 7.87
CA VAL C 50 -8.78 -0.17 6.97
C VAL C 50 -7.90 0.94 7.50
N ASP C 51 -8.29 1.59 8.58
CA ASP C 51 -7.43 2.57 9.22
C ASP C 51 -6.68 1.98 10.40
N GLY C 52 -6.79 0.67 10.61
CA GLY C 52 -6.04 0.00 11.66
C GLY C 52 -6.75 -0.09 12.99
N ASN C 53 -7.94 0.48 13.12
CA ASN C 53 -8.70 0.32 14.36
C ASN C 53 -9.14 -1.11 14.56
N ARG C 54 -9.05 -1.57 15.80
CA ARG C 54 -9.43 -2.93 16.14
C ARG C 54 -10.54 -2.87 17.18
N MET C 55 -11.76 -3.31 16.80
CA MET C 55 -12.94 -3.15 17.64
C MET C 55 -13.49 -4.49 18.09
N LEU C 56 -13.97 -4.51 19.32
CA LEU C 56 -14.78 -5.61 19.82
C LEU C 56 -16.12 -5.57 19.11
N ASP C 57 -16.41 -6.61 18.32
CA ASP C 57 -17.58 -6.60 17.44
C ASP C 57 -18.74 -7.29 18.14
N LEU C 58 -19.70 -6.49 18.60
CA LEU C 58 -20.88 -7.05 19.23
C LEU C 58 -22.08 -7.02 18.29
N TYR C 59 -21.84 -6.99 16.99
CA TYR C 59 -22.92 -6.94 16.01
C TYR C 59 -22.76 -8.04 14.96
N SER C 60 -21.51 -8.48 14.73
CA SER C 60 -21.15 -9.68 13.97
C SER C 60 -21.83 -9.74 12.61
N GLN C 61 -21.68 -8.65 11.83
CA GLN C 61 -22.22 -8.58 10.45
C GLN C 61 -23.73 -8.81 10.45
N ILE C 62 -24.44 -8.09 11.33
CA ILE C 62 -25.87 -8.25 11.50
C ILE C 62 -26.16 -9.70 11.88
N SER C 63 -25.42 -10.21 12.85
CA SER C 63 -25.72 -11.51 13.48
C SER C 63 -25.55 -12.67 12.51
N SER C 64 -24.54 -12.61 11.62
CA SER C 64 -24.37 -13.65 10.61
C SER C 64 -23.04 -14.38 10.69
N ILE C 65 -22.13 -13.97 11.59
CA ILE C 65 -20.82 -14.60 11.72
C ILE C 65 -20.90 -15.57 12.91
N PRO C 66 -20.80 -16.89 12.69
CA PRO C 66 -21.15 -17.82 13.79
C PRO C 66 -20.04 -18.01 14.81
N ILE C 67 -18.78 -18.19 14.38
CA ILE C 67 -17.73 -18.45 15.36
C ILE C 67 -16.54 -17.53 15.16
N GLY C 68 -16.80 -16.25 14.89
CA GLY C 68 -15.73 -15.27 14.86
C GLY C 68 -15.07 -15.17 13.49
N TYR C 69 -14.24 -14.13 13.36
CA TYR C 69 -13.50 -13.88 12.13
C TYR C 69 -12.30 -14.79 12.03
N SER C 70 -12.00 -15.21 10.80
CA SER C 70 -10.77 -15.96 10.47
C SER C 70 -10.55 -17.15 11.40
N HIS C 71 -11.59 -17.90 11.69
CA HIS C 71 -11.44 -19.04 12.60
C HIS C 71 -10.47 -20.06 12.00
N PRO C 72 -9.47 -20.52 12.76
CA PRO C 72 -8.43 -21.37 12.15
C PRO C 72 -8.94 -22.69 11.63
N ALA C 73 -10.03 -23.23 12.18
CA ALA C 73 -10.58 -24.44 11.61
C ALA C 73 -11.18 -24.20 10.23
N LEU C 74 -11.72 -23.01 9.99
CA LEU C 74 -12.22 -22.71 8.65
C LEU C 74 -11.06 -22.40 7.69
N VAL C 75 -10.05 -21.70 8.18
CA VAL C 75 -8.83 -21.53 7.40
C VAL C 75 -8.33 -22.89 6.89
N LYS C 76 -8.25 -23.88 7.77
CA LYS C 76 -7.73 -25.18 7.36
C LYS C 76 -8.61 -25.81 6.29
N LEU C 77 -9.93 -25.64 6.38
CA LEU C 77 -10.82 -26.17 5.36
C LEU C 77 -10.47 -25.62 3.98
N VAL C 78 -10.26 -24.31 3.90
CA VAL C 78 -10.03 -23.68 2.62
C VAL C 78 -8.66 -24.06 2.10
N GLN C 79 -7.72 -24.35 3.00
CA GLN C 79 -6.38 -24.74 2.60
C GLN C 79 -6.30 -26.17 2.05
N GLN C 80 -7.32 -27.01 2.24
CA GLN C 80 -7.24 -28.40 1.79
C GLN C 80 -7.46 -28.50 0.29
N PRO C 81 -6.55 -29.15 -0.44
CA PRO C 81 -6.70 -29.25 -1.90
C PRO C 81 -7.93 -30.00 -2.37
N GLN C 82 -8.44 -30.95 -1.60
CA GLN C 82 -9.65 -31.65 -2.03
C GLN C 82 -10.89 -30.77 -1.93
N ASN C 83 -10.80 -29.60 -1.32
CA ASN C 83 -11.95 -28.71 -1.24
C ASN C 83 -11.95 -27.63 -2.33
N VAL C 84 -10.93 -27.56 -3.19
CA VAL C 84 -10.89 -26.51 -4.20
C VAL C 84 -12.13 -26.59 -5.09
N SER C 85 -12.48 -27.80 -5.53
CA SER C 85 -13.60 -27.98 -6.45
C SER C 85 -14.86 -27.38 -5.88
N THR C 86 -15.08 -27.54 -4.57
CA THR C 86 -16.28 -27.03 -3.94
C THR C 86 -16.43 -25.52 -4.11
N PHE C 87 -15.31 -24.79 -4.18
CA PHE C 87 -15.41 -23.34 -4.27
C PHE C 87 -15.54 -22.82 -5.69
N ILE C 88 -15.14 -23.60 -6.69
CA ILE C 88 -15.09 -23.10 -8.06
C ILE C 88 -16.06 -23.80 -9.01
N ASN C 89 -16.72 -24.87 -8.61
CA ASN C 89 -17.69 -25.58 -9.46
C ASN C 89 -19.02 -25.54 -8.72
N ARG C 90 -19.76 -24.46 -8.87
CA ARG C 90 -21.03 -24.36 -8.18
C ARG C 90 -22.11 -25.12 -8.97
N PRO C 91 -22.75 -26.11 -8.36
CA PRO C 91 -23.73 -26.92 -9.10
C PRO C 91 -25.13 -26.32 -9.07
N ALA C 92 -25.93 -26.71 -10.05
CA ALA C 92 -27.37 -26.51 -9.98
C ALA C 92 -27.87 -27.64 -9.10
N LEU C 93 -27.98 -27.35 -7.79
CA LEU C 93 -28.12 -28.40 -6.79
C LEU C 93 -29.41 -29.20 -6.95
N GLY C 94 -30.46 -28.60 -7.50
CA GLY C 94 -31.69 -29.35 -7.64
C GLY C 94 -31.65 -30.43 -8.70
N ILE C 95 -30.68 -30.38 -9.63
CA ILE C 95 -30.66 -31.38 -10.70
C ILE C 95 -29.36 -32.18 -10.74
N LEU C 96 -28.24 -31.59 -10.30
CA LEU C 96 -26.92 -32.20 -10.45
C LEU C 96 -26.10 -32.05 -9.17
N PRO C 97 -26.56 -32.62 -8.06
CA PRO C 97 -25.86 -32.41 -6.77
C PRO C 97 -24.51 -33.09 -6.76
N PRO C 98 -23.56 -32.63 -5.95
CA PRO C 98 -22.26 -33.31 -5.86
C PRO C 98 -22.38 -34.62 -5.09
N GLU C 99 -21.44 -35.52 -5.37
CA GLU C 99 -21.42 -36.85 -4.74
C GLU C 99 -21.65 -36.80 -3.22
N ASN C 100 -20.98 -35.89 -2.51
CA ASN C 100 -21.01 -35.85 -1.06
C ASN C 100 -22.19 -35.06 -0.50
N PHE C 101 -23.13 -34.66 -1.36
CA PHE C 101 -24.17 -33.72 -0.94
C PHE C 101 -24.96 -34.23 0.26
N VAL C 102 -25.41 -35.49 0.21
CA VAL C 102 -26.19 -36.01 1.34
C VAL C 102 -25.32 -36.14 2.58
N GLU C 103 -24.09 -36.62 2.44
CA GLU C 103 -23.27 -36.82 3.63
C GLU C 103 -22.92 -35.48 4.30
N LYS C 104 -22.64 -34.45 3.51
CA LYS C 104 -22.36 -33.15 4.09
C LYS C 104 -23.59 -32.55 4.76
N LEU C 105 -24.79 -32.85 4.26
CA LEU C 105 -25.99 -32.47 4.98
C LEU C 105 -26.15 -33.25 6.29
N ARG C 106 -25.80 -34.54 6.28
CA ARG C 106 -25.85 -35.32 7.51
C ARG C 106 -24.91 -34.74 8.56
N GLU C 107 -23.76 -34.23 8.13
CA GLU C 107 -22.80 -33.66 9.05
C GLU C 107 -23.20 -32.28 9.54
N SER C 108 -24.13 -31.59 8.85
CA SER C 108 -24.39 -30.20 9.14
C SER C 108 -25.87 -30.09 9.52
N LEU C 109 -26.73 -29.70 8.59
CA LEU C 109 -28.09 -29.33 8.95
C LEU C 109 -28.90 -30.52 9.49
N LEU C 110 -28.73 -31.71 8.94
CA LEU C 110 -29.57 -32.78 9.46
C LEU C 110 -29.20 -33.13 10.90
N SER C 111 -27.97 -32.80 11.32
CA SER C 111 -27.60 -33.06 12.71
C SER C 111 -28.24 -32.08 13.70
N VAL C 112 -28.94 -31.05 13.24
CA VAL C 112 -29.56 -30.10 14.16
C VAL C 112 -31.01 -29.88 13.77
N ALA C 113 -31.63 -30.87 13.14
CA ALA C 113 -33.02 -30.72 12.70
C ALA C 113 -33.94 -30.49 13.90
N PRO C 114 -34.90 -29.56 13.81
CA PRO C 114 -35.91 -29.42 14.87
C PRO C 114 -36.80 -30.66 15.00
N LYS C 115 -37.43 -30.77 16.17
CA LYS C 115 -38.32 -31.89 16.46
C LYS C 115 -39.46 -31.96 15.47
N GLY C 116 -39.69 -33.16 14.94
CA GLY C 116 -40.83 -33.44 14.11
C GLY C 116 -40.67 -33.06 12.66
N MET C 117 -39.53 -32.52 12.26
CA MET C 117 -39.34 -32.03 10.90
C MET C 117 -38.28 -32.88 10.22
N SER C 118 -38.71 -33.83 9.41
CA SER C 118 -37.75 -34.71 8.75
C SER C 118 -37.28 -34.14 7.42
N GLN C 119 -38.00 -33.17 6.85
CA GLN C 119 -37.70 -32.66 5.52
C GLN C 119 -36.83 -31.41 5.59
N LEU C 120 -36.04 -31.19 4.53
CA LEU C 120 -35.09 -30.09 4.47
C LEU C 120 -34.87 -29.69 3.02
N ILE C 121 -35.05 -28.41 2.72
CA ILE C 121 -34.68 -27.81 1.45
C ILE C 121 -33.70 -26.67 1.71
N THR C 122 -32.63 -26.58 0.92
CA THR C 122 -31.66 -25.51 1.09
C THR C 122 -31.97 -24.35 0.16
N MET C 123 -31.54 -23.16 0.56
CA MET C 123 -31.77 -21.89 -0.11
C MET C 123 -30.58 -20.98 0.19
N ALA C 124 -30.41 -19.92 -0.59
CA ALA C 124 -29.19 -19.13 -0.43
C ALA C 124 -29.31 -18.01 0.60
N CYS C 125 -30.51 -17.59 0.98
CA CYS C 125 -30.64 -16.49 1.94
C CYS C 125 -31.95 -16.62 2.70
N GLY C 126 -32.14 -15.72 3.66
CA GLY C 126 -33.32 -15.76 4.50
C GLY C 126 -34.58 -15.43 3.72
N SER C 127 -34.47 -14.58 2.70
N SER C 127 -34.47 -14.55 2.72
CA SER C 127 -35.66 -14.12 1.98
CA SER C 127 -35.66 -14.12 1.98
C SER C 127 -36.23 -15.22 1.10
C SER C 127 -36.22 -15.26 1.13
N CYS C 128 -35.38 -15.92 0.33
CA CYS C 128 -35.90 -17.02 -0.46
C CYS C 128 -36.22 -18.23 0.41
N SER C 129 -35.65 -18.33 1.60
CA SER C 129 -36.10 -19.35 2.54
C SER C 129 -37.55 -19.10 2.95
N ASN C 130 -37.85 -17.87 3.40
CA ASN C 130 -39.23 -17.54 3.78
C ASN C 130 -40.18 -17.58 2.59
N GLU C 131 -39.77 -17.06 1.42
CA GLU C 131 -40.65 -17.09 0.25
C GLU C 131 -41.01 -18.53 -0.12
N ASN C 132 -40.03 -19.42 -0.10
CA ASN C 132 -40.34 -20.79 -0.51
C ASN C 132 -41.10 -21.52 0.57
N ALA C 133 -40.88 -21.15 1.84
CA ALA C 133 -41.72 -21.68 2.90
C ALA C 133 -43.18 -21.26 2.70
N PHE C 134 -43.43 -20.01 2.28
CA PHE C 134 -44.81 -19.59 2.00
C PHE C 134 -45.40 -20.46 0.90
N LYS C 135 -44.65 -20.65 -0.18
CA LYS C 135 -45.18 -21.40 -1.32
C LYS C 135 -45.50 -22.83 -0.91
N THR C 136 -44.58 -23.46 -0.15
CA THR C 136 -44.80 -24.79 0.40
C THR C 136 -46.09 -24.86 1.22
N ILE C 137 -46.32 -23.85 2.05
CA ILE C 137 -47.55 -23.77 2.83
C ILE C 137 -48.77 -23.58 1.93
N PHE C 138 -48.68 -22.69 0.94
CA PHE C 138 -49.81 -22.51 0.03
C PHE C 138 -50.13 -23.82 -0.71
N MET C 139 -49.10 -24.54 -1.14
CA MET C 139 -49.31 -25.79 -1.88
C MET C 139 -49.94 -26.83 -0.97
N TRP C 140 -49.50 -26.86 0.28
CA TRP C 140 -50.06 -27.77 1.27
C TRP C 140 -51.52 -27.47 1.57
N TYR C 141 -51.85 -26.19 1.81
CA TYR C 141 -53.23 -25.82 2.06
C TYR C 141 -54.14 -26.19 0.87
N ARG C 142 -53.69 -25.88 -0.35
CA ARG C 142 -54.50 -26.22 -1.52
C ARG C 142 -54.67 -27.73 -1.64
N SER C 143 -53.63 -28.50 -1.29
CA SER C 143 -53.73 -29.95 -1.36
C SER C 143 -54.77 -30.49 -0.39
N LYS C 144 -54.87 -29.90 0.82
CA LYS C 144 -55.96 -30.24 1.72
C LYS C 144 -57.32 -29.95 1.09
N GLU C 145 -57.45 -28.80 0.41
CA GLU C 145 -58.77 -28.43 -0.09
C GLU C 145 -59.18 -29.30 -1.28
N ARG C 146 -58.23 -29.72 -2.11
CA ARG C 146 -58.60 -30.47 -3.29
C ARG C 146 -58.48 -31.98 -3.08
N GLY C 147 -57.87 -32.42 -1.98
CA GLY C 147 -57.82 -33.83 -1.68
C GLY C 147 -57.16 -34.62 -2.80
N GLU C 148 -57.84 -35.67 -3.25
CA GLU C 148 -57.28 -36.57 -4.24
C GLU C 148 -57.49 -36.08 -5.67
N SER C 149 -58.30 -35.03 -5.88
CA SER C 149 -58.54 -34.55 -7.22
C SER C 149 -57.27 -34.02 -7.86
N ALA C 150 -57.23 -34.04 -9.19
CA ALA C 150 -56.08 -33.53 -9.92
C ALA C 150 -56.24 -32.03 -10.15
N PHE C 151 -55.17 -31.41 -10.67
CA PHE C 151 -55.27 -30.03 -11.14
C PHE C 151 -56.36 -29.97 -12.20
N SER C 152 -57.27 -29.01 -12.07
CA SER C 152 -58.29 -28.83 -13.10
C SER C 152 -57.75 -28.03 -14.27
N LYS C 153 -58.37 -28.23 -15.43
CA LYS C 153 -58.00 -27.47 -16.62
C LYS C 153 -58.15 -25.97 -16.37
N GLU C 154 -59.19 -25.59 -15.64
CA GLU C 154 -59.40 -24.17 -15.35
C GLU C 154 -58.29 -23.60 -14.46
N GLU C 155 -57.85 -24.36 -13.46
CA GLU C 155 -56.76 -23.88 -12.60
C GLU C 155 -55.46 -23.80 -13.38
N LEU C 156 -55.20 -24.79 -14.25
CA LEU C 156 -53.95 -24.83 -15.00
C LEU C 156 -53.85 -23.66 -15.98
N GLU C 157 -54.98 -23.26 -16.57
CA GLU C 157 -54.99 -22.14 -17.50
C GLU C 157 -54.98 -20.78 -16.80
N THR C 158 -55.73 -20.64 -15.70
CA THR C 158 -55.80 -19.34 -15.04
C THR C 158 -54.50 -19.00 -14.29
N CYS C 159 -53.75 -20.00 -13.80
CA CYS C 159 -52.54 -19.68 -13.05
C CYS C 159 -51.46 -19.08 -13.94
N MET C 160 -51.49 -19.38 -15.24
CA MET C 160 -50.52 -18.77 -16.14
C MET C 160 -50.74 -17.28 -16.34
N ILE C 161 -51.95 -16.80 -16.09
CA ILE C 161 -52.24 -15.38 -16.30
C ILE C 161 -52.62 -14.74 -14.97
N ASN C 162 -52.12 -15.28 -13.86
CA ASN C 162 -52.21 -14.65 -12.54
C ASN C 162 -53.64 -14.53 -12.04
N GLN C 163 -54.48 -15.53 -12.34
CA GLN C 163 -55.90 -15.42 -12.02
C GLN C 163 -56.38 -16.61 -11.21
N ALA C 164 -57.41 -16.36 -10.40
CA ALA C 164 -58.12 -17.45 -9.72
C ALA C 164 -58.92 -18.26 -10.73
N PRO C 165 -59.19 -19.54 -10.44
CA PRO C 165 -58.79 -20.33 -9.27
C PRO C 165 -57.35 -20.82 -9.28
N GLY C 166 -56.65 -20.77 -10.42
CA GLY C 166 -55.26 -21.21 -10.45
C GLY C 166 -54.41 -20.51 -9.39
N CYS C 167 -54.51 -19.19 -9.31
CA CYS C 167 -53.85 -18.41 -8.27
C CYS C 167 -54.84 -18.14 -7.16
N PRO C 168 -54.76 -18.81 -6.02
CA PRO C 168 -55.74 -18.59 -4.95
C PRO C 168 -55.44 -17.32 -4.17
N ASP C 169 -56.39 -16.96 -3.29
CA ASP C 169 -56.28 -15.75 -2.49
C ASP C 169 -55.89 -16.04 -1.05
N TYR C 170 -55.05 -17.04 -0.83
CA TYR C 170 -54.61 -17.37 0.52
C TYR C 170 -53.77 -16.23 1.08
N SER C 171 -53.75 -16.14 2.42
CA SER C 171 -52.92 -15.15 3.10
C SER C 171 -51.93 -15.84 4.04
N ILE C 172 -50.90 -15.08 4.43
CA ILE C 172 -50.05 -15.42 5.57
C ILE C 172 -50.26 -14.36 6.66
N LEU C 173 -50.56 -14.83 7.87
CA LEU C 173 -50.69 -13.92 8.99
C LEU C 173 -49.31 -13.62 9.58
N SER C 174 -49.04 -12.35 9.83
CA SER C 174 -47.77 -11.88 10.36
C SER C 174 -48.05 -10.87 11.47
N PHE C 175 -46.99 -10.40 12.14
CA PHE C 175 -47.10 -9.59 13.33
C PHE C 175 -46.47 -8.22 13.10
N MET C 176 -47.12 -7.19 13.65
CA MET C 176 -46.50 -5.87 13.77
C MET C 176 -45.15 -6.01 14.43
N GLY C 177 -44.17 -5.26 13.92
CA GLY C 177 -42.81 -5.41 14.37
C GLY C 177 -42.01 -6.50 13.69
N ALA C 178 -42.62 -7.34 12.85
CA ALA C 178 -41.89 -8.47 12.31
C ALA C 178 -40.90 -8.00 11.26
N PHE C 179 -39.85 -8.78 11.07
CA PHE C 179 -39.02 -8.63 9.89
C PHE C 179 -38.73 -10.02 9.32
N HIS C 180 -39.08 -10.22 8.05
CA HIS C 180 -38.95 -11.53 7.43
C HIS C 180 -38.22 -11.51 6.09
N GLY C 181 -37.73 -10.36 5.63
CA GLY C 181 -37.06 -10.28 4.35
C GLY C 181 -37.69 -9.21 3.48
N ARG C 182 -37.07 -9.01 2.31
CA ARG C 182 -37.29 -7.83 1.48
C ARG C 182 -37.84 -8.13 0.09
N THR C 183 -37.84 -9.38 -0.34
CA THR C 183 -38.55 -9.70 -1.57
C THR C 183 -40.05 -9.50 -1.31
N MET C 184 -40.82 -9.41 -2.39
CA MET C 184 -42.16 -8.84 -2.25
C MET C 184 -43.10 -9.73 -1.44
N GLY C 185 -42.90 -11.05 -1.44
CA GLY C 185 -43.67 -11.91 -0.54
C GLY C 185 -43.28 -11.71 0.92
N CYS C 186 -41.98 -11.82 1.22
CA CYS C 186 -41.47 -11.57 2.56
C CYS C 186 -41.86 -10.20 3.05
N LEU C 187 -41.75 -9.20 2.18
CA LEU C 187 -41.99 -7.83 2.59
C LEU C 187 -43.43 -7.66 3.06
N ALA C 188 -44.38 -8.36 2.44
CA ALA C 188 -45.76 -8.24 2.89
C ALA C 188 -45.92 -8.69 4.33
N THR C 189 -45.05 -9.59 4.81
CA THR C 189 -45.14 -10.06 6.19
C THR C 189 -44.22 -9.31 7.11
N THR C 190 -43.51 -8.30 6.58
CA THR C 190 -42.57 -7.49 7.34
C THR C 190 -43.23 -6.19 7.78
N HIS C 191 -43.07 -5.81 9.05
CA HIS C 191 -43.69 -4.59 9.57
C HIS C 191 -42.73 -3.95 10.55
N SER C 192 -41.52 -3.70 10.09
CA SER C 192 -40.42 -3.23 10.96
C SER C 192 -40.34 -1.70 10.99
N LYS C 193 -40.00 -1.08 9.86
CA LYS C 193 -39.85 0.36 9.73
C LYS C 193 -40.48 0.80 8.43
N ALA C 194 -41.04 2.01 8.41
CA ALA C 194 -41.69 2.46 7.19
C ALA C 194 -40.71 2.50 6.01
N ILE C 195 -39.44 2.81 6.26
CA ILE C 195 -38.47 2.88 5.16
C ILE C 195 -38.33 1.54 4.43
N HIS C 196 -38.60 0.41 5.10
CA HIS C 196 -38.56 -0.89 4.42
C HIS C 196 -39.74 -1.11 3.50
N LYS C 197 -40.85 -0.43 3.75
CA LYS C 197 -42.12 -0.78 3.15
C LYS C 197 -42.60 0.25 2.16
N ILE C 198 -42.24 1.51 2.35
CA ILE C 198 -42.91 2.58 1.63
C ILE C 198 -42.65 2.49 0.12
N ASP C 199 -43.70 2.75 -0.66
CA ASP C 199 -43.73 2.80 -2.12
C ASP C 199 -43.71 1.42 -2.79
N ILE C 200 -43.79 0.31 -2.07
CA ILE C 200 -43.71 -1.03 -2.66
C ILE C 200 -45.09 -1.67 -2.60
N PRO C 201 -45.60 -2.22 -3.72
CA PRO C 201 -46.89 -2.93 -3.68
C PRO C 201 -46.84 -4.11 -2.73
N SER C 202 -48.01 -4.42 -2.15
CA SER C 202 -48.09 -5.39 -1.06
C SER C 202 -49.29 -6.30 -1.25
N PHE C 203 -49.53 -7.13 -0.22
CA PHE C 203 -50.66 -8.05 -0.15
C PHE C 203 -51.56 -7.66 1.01
N ASP C 204 -52.88 -7.75 0.80
CA ASP C 204 -53.83 -7.56 1.90
C ASP C 204 -53.89 -8.87 2.68
N TRP C 205 -52.98 -9.01 3.63
CA TRP C 205 -52.86 -10.14 4.52
C TRP C 205 -52.99 -9.65 5.97
N PRO C 206 -53.47 -10.47 6.88
CA PRO C 206 -53.78 -9.98 8.22
C PRO C 206 -52.50 -9.75 9.03
N ILE C 207 -52.56 -8.72 9.88
CA ILE C 207 -51.43 -8.28 10.69
C ILE C 207 -51.88 -8.20 12.14
N ALA C 208 -51.37 -9.04 12.95
CA ALA C 208 -51.69 -9.11 14.37
C ALA C 208 -50.72 -8.30 15.22
N PRO C 209 -51.14 -7.84 16.40
CA PRO C 209 -50.20 -7.19 17.31
C PRO C 209 -49.29 -8.20 17.97
N PHE C 210 -48.01 -7.84 18.08
CA PHE C 210 -47.09 -8.62 18.89
C PHE C 210 -47.03 -8.02 20.30
N PRO C 211 -46.97 -8.84 21.34
CA PRO C 211 -46.99 -8.31 22.71
C PRO C 211 -45.89 -7.28 22.95
N ARG C 212 -46.23 -6.19 23.63
N ARG C 212 -46.23 -6.18 23.63
CA ARG C 212 -45.26 -5.23 24.15
CA ARG C 212 -45.23 -5.24 24.13
C ARG C 212 -45.22 -5.42 25.67
C ARG C 212 -45.19 -5.39 25.66
N LEU C 213 -44.18 -6.09 26.15
CA LEU C 213 -44.05 -6.34 27.57
C LEU C 213 -43.68 -5.07 28.32
N LYS C 214 -44.08 -5.01 29.59
CA LYS C 214 -43.69 -3.93 30.48
C LYS C 214 -42.58 -4.41 31.41
N TYR C 215 -41.57 -3.56 31.61
CA TYR C 215 -40.43 -3.95 32.44
C TYR C 215 -40.34 -3.06 33.68
N PRO C 216 -39.84 -3.58 34.79
CA PRO C 216 -39.31 -4.95 34.98
C PRO C 216 -40.40 -6.03 34.95
N LEU C 217 -40.04 -7.22 34.49
CA LEU C 217 -41.05 -8.26 34.27
C LEU C 217 -41.75 -8.64 35.57
N GLU C 218 -41.03 -8.66 36.70
N GLU C 218 -41.02 -8.65 36.69
CA GLU C 218 -41.60 -9.07 37.97
CA GLU C 218 -41.61 -9.07 37.96
C GLU C 218 -42.62 -8.07 38.51
C GLU C 218 -42.65 -8.08 38.48
N GLU C 219 -42.53 -6.80 38.12
CA GLU C 219 -43.47 -5.80 38.57
C GLU C 219 -44.73 -5.72 37.72
N PHE C 220 -44.82 -6.52 36.64
CA PHE C 220 -45.92 -6.37 35.69
C PHE C 220 -46.48 -7.70 35.23
N VAL C 221 -46.45 -8.71 36.11
CA VAL C 221 -46.88 -10.06 35.72
C VAL C 221 -48.30 -10.04 35.19
N LYS C 222 -49.22 -9.37 35.90
CA LYS C 222 -50.61 -9.37 35.48
C LYS C 222 -50.79 -8.58 34.18
N GLU C 223 -50.19 -7.40 34.11
CA GLU C 223 -50.33 -6.59 32.90
C GLU C 223 -49.81 -7.34 31.68
N ASN C 224 -48.66 -7.99 31.82
CA ASN C 224 -48.05 -8.69 30.70
C ASN C 224 -48.86 -9.93 30.30
N GLN C 225 -49.50 -10.60 31.26
CA GLN C 225 -50.40 -11.69 30.91
C GLN C 225 -51.61 -11.18 30.15
N GLN C 226 -52.12 -10.01 30.52
CA GLN C 226 -53.28 -9.49 29.81
C GLN C 226 -52.88 -9.01 28.41
N GLU C 227 -51.65 -8.53 28.26
CA GLU C 227 -51.17 -8.08 26.95
C GLU C 227 -51.04 -9.25 25.99
N GLU C 228 -50.42 -10.35 26.44
CA GLU C 228 -50.29 -11.52 25.57
C GLU C 228 -51.66 -12.12 25.25
N ALA C 229 -52.55 -12.17 26.24
CA ALA C 229 -53.88 -12.71 26.01
C ALA C 229 -54.64 -11.90 24.95
N ARG C 230 -54.57 -10.57 25.04
CA ARG C 230 -55.24 -9.74 24.04
C ARG C 230 -54.66 -9.96 22.65
N CYS C 231 -53.33 -10.12 22.56
CA CYS C 231 -52.69 -10.38 21.27
C CYS C 231 -53.13 -11.72 20.68
N LEU C 232 -53.14 -12.77 21.51
CA LEU C 232 -53.61 -14.08 21.05
C LEU C 232 -55.07 -14.04 20.63
N GLU C 233 -55.92 -13.31 21.36
CA GLU C 233 -57.31 -13.17 20.94
C GLU C 233 -57.41 -12.46 19.60
N GLU C 234 -56.56 -11.45 19.36
CA GLU C 234 -56.64 -10.75 18.08
C GLU C 234 -56.17 -11.64 16.93
N VAL C 235 -55.16 -12.48 17.16
CA VAL C 235 -54.75 -13.43 16.14
C VAL C 235 -55.95 -14.29 15.73
N GLU C 236 -56.65 -14.86 16.72
CA GLU C 236 -57.80 -15.71 16.42
C GLU C 236 -58.88 -14.94 15.67
N ASP C 237 -59.16 -13.71 16.10
CA ASP C 237 -60.16 -12.91 15.40
C ASP C 237 -59.78 -12.66 13.96
N LEU C 238 -58.48 -12.46 13.70
CA LEU C 238 -58.05 -12.10 12.34
C LEU C 238 -58.19 -13.28 11.41
N ILE C 239 -57.81 -14.47 11.87
CA ILE C 239 -57.99 -15.69 11.09
C ILE C 239 -59.44 -15.83 10.65
N VAL C 240 -60.36 -15.71 11.61
CA VAL C 240 -61.79 -15.85 11.31
C VAL C 240 -62.22 -14.78 10.31
N LYS C 241 -61.80 -13.54 10.53
CA LYS C 241 -62.19 -12.46 9.63
C LYS C 241 -61.68 -12.70 8.21
N TYR C 242 -60.44 -13.17 8.06
CA TYR C 242 -59.90 -13.36 6.71
C TYR C 242 -60.48 -14.61 6.04
N ARG C 243 -60.90 -15.60 6.81
CA ARG C 243 -61.71 -16.67 6.23
C ARG C 243 -62.98 -16.08 5.60
N LYS C 244 -63.70 -15.26 6.37
CA LYS C 244 -64.92 -14.65 5.85
C LYS C 244 -64.64 -13.79 4.63
N LYS C 245 -63.47 -13.15 4.57
CA LYS C 245 -63.14 -12.40 3.37
C LYS C 245 -62.73 -13.29 2.21
N LYS C 246 -62.73 -14.61 2.39
CA LYS C 246 -62.22 -15.56 1.38
C LYS C 246 -60.76 -15.30 1.08
N LYS C 247 -60.01 -14.90 2.11
CA LYS C 247 -58.58 -14.76 2.03
C LYS C 247 -57.98 -15.64 3.10
N THR C 248 -58.29 -16.94 3.01
CA THR C 248 -58.00 -17.86 4.11
C THR C 248 -56.55 -17.79 4.54
N VAL C 249 -56.33 -17.82 5.84
CA VAL C 249 -54.98 -17.84 6.40
C VAL C 249 -54.44 -19.25 6.25
N ALA C 250 -53.47 -19.42 5.35
CA ALA C 250 -52.81 -20.70 5.14
C ALA C 250 -51.72 -20.94 6.16
N GLY C 251 -51.10 -19.87 6.65
CA GLY C 251 -50.03 -19.99 7.62
C GLY C 251 -49.86 -18.75 8.47
N ILE C 252 -49.20 -18.96 9.61
CA ILE C 252 -48.77 -17.88 10.50
C ILE C 252 -47.26 -17.92 10.57
N ILE C 253 -46.61 -16.75 10.41
CA ILE C 253 -45.16 -16.65 10.51
C ILE C 253 -44.83 -15.75 11.71
N VAL C 254 -43.88 -16.18 12.53
CA VAL C 254 -43.43 -15.37 13.67
C VAL C 254 -41.95 -15.66 13.92
N GLU C 255 -41.25 -14.65 14.43
CA GLU C 255 -39.92 -14.79 14.99
C GLU C 255 -40.02 -15.11 16.47
N PRO C 256 -39.14 -15.96 17.00
CA PRO C 256 -39.16 -16.23 18.44
C PRO C 256 -38.80 -15.02 19.27
N ILE C 257 -38.03 -14.10 18.70
CA ILE C 257 -37.77 -12.78 19.25
C ILE C 257 -37.74 -11.82 18.06
N GLN C 258 -38.52 -10.75 18.09
CA GLN C 258 -38.55 -9.85 16.94
C GLN C 258 -37.27 -9.02 16.95
N SER C 259 -36.46 -9.11 15.90
CA SER C 259 -35.13 -8.47 15.89
C SER C 259 -35.18 -7.03 15.38
N GLU C 260 -35.38 -6.86 14.07
CA GLU C 260 -35.27 -5.51 13.53
C GLU C 260 -36.41 -4.62 13.99
N GLY C 261 -37.52 -5.21 14.42
CA GLY C 261 -38.59 -4.41 14.97
C GLY C 261 -38.33 -3.88 16.38
N GLY C 262 -37.17 -4.16 16.96
CA GLY C 262 -36.83 -3.61 18.26
C GLY C 262 -36.69 -4.58 19.41
N ASP C 263 -36.16 -5.78 19.13
CA ASP C 263 -35.98 -6.85 20.11
C ASP C 263 -37.19 -6.99 21.02
N ASN C 264 -38.30 -7.45 20.46
CA ASN C 264 -39.52 -7.62 21.23
C ASN C 264 -39.60 -9.09 21.62
N HIS C 265 -39.66 -9.34 22.92
CA HIS C 265 -39.79 -10.67 23.48
C HIS C 265 -41.25 -10.93 23.86
N ALA C 266 -41.60 -12.21 23.88
CA ALA C 266 -42.86 -12.67 24.46
C ALA C 266 -42.56 -13.95 25.23
N SER C 267 -43.44 -14.31 26.15
CA SER C 267 -43.17 -15.47 27.01
C SER C 267 -43.23 -16.76 26.19
N ASP C 268 -42.55 -17.80 26.70
CA ASP C 268 -42.67 -19.12 26.10
C ASP C 268 -44.13 -19.57 26.05
N ASP C 269 -44.89 -19.20 27.08
CA ASP C 269 -46.30 -19.55 27.12
C ASP C 269 -47.06 -18.96 25.95
N PHE C 270 -46.77 -17.70 25.61
CA PHE C 270 -47.43 -17.07 24.47
C PHE C 270 -47.20 -17.88 23.19
N PHE C 271 -45.96 -18.30 22.95
CA PHE C 271 -45.69 -19.05 21.72
C PHE C 271 -46.33 -20.43 21.74
N ARG C 272 -46.34 -21.10 22.90
CA ARG C 272 -47.07 -22.36 23.02
C ARG C 272 -48.55 -22.18 22.68
N LYS C 273 -49.17 -21.11 23.16
CA LYS C 273 -50.59 -20.91 22.87
C LYS C 273 -50.81 -20.54 21.41
N LEU C 274 -49.91 -19.72 20.85
CA LEU C 274 -50.00 -19.41 19.42
C LEU C 274 -49.89 -20.67 18.59
N ARG C 275 -48.98 -21.58 18.94
CA ARG C 275 -48.88 -22.80 18.17
C ARG C 275 -50.19 -23.57 18.21
N ASP C 276 -50.84 -23.61 19.38
CA ASP C 276 -52.15 -24.25 19.52
C ASP C 276 -53.19 -23.60 18.61
N ILE C 277 -53.23 -22.27 18.60
CA ILE C 277 -54.16 -21.55 17.73
C ILE C 277 -53.92 -21.93 16.27
N SER C 278 -52.65 -22.06 15.88
CA SER C 278 -52.33 -22.41 14.50
C SER C 278 -52.90 -23.79 14.16
N ARG C 279 -52.64 -24.77 15.03
CA ARG C 279 -53.19 -26.09 14.81
C ARG C 279 -54.71 -26.05 14.79
N LYS C 280 -55.31 -25.31 15.73
CA LYS C 280 -56.77 -25.28 15.86
C LYS C 280 -57.46 -24.81 14.59
N HIS C 281 -56.90 -23.80 13.92
CA HIS C 281 -57.52 -23.28 12.70
C HIS C 281 -56.95 -23.88 11.40
N GLY C 282 -56.14 -24.91 11.49
CA GLY C 282 -55.58 -25.50 10.28
C GLY C 282 -54.56 -24.65 9.52
N CYS C 283 -53.87 -23.74 10.20
CA CYS C 283 -52.82 -22.91 9.60
C CYS C 283 -51.47 -23.58 9.82
N ALA C 284 -50.59 -23.50 8.82
CA ALA C 284 -49.22 -23.93 9.05
C ALA C 284 -48.54 -22.94 9.98
N PHE C 285 -47.76 -23.45 10.95
CA PHE C 285 -47.02 -22.58 11.86
C PHE C 285 -45.59 -22.49 11.35
N LEU C 286 -45.19 -21.32 10.87
CA LEU C 286 -43.86 -21.11 10.29
C LEU C 286 -43.04 -20.27 11.25
N VAL C 287 -41.95 -20.83 11.77
CA VAL C 287 -41.09 -20.13 12.72
C VAL C 287 -39.86 -19.65 11.97
N ASP C 288 -39.64 -18.34 11.97
CA ASP C 288 -38.50 -17.73 11.27
C ASP C 288 -37.33 -17.63 12.24
N GLU C 289 -36.37 -18.55 12.13
CA GLU C 289 -35.15 -18.50 12.93
C GLU C 289 -33.95 -17.97 12.15
N VAL C 290 -34.18 -17.16 11.11
CA VAL C 290 -33.05 -16.60 10.37
C VAL C 290 -32.11 -15.86 11.31
N GLN C 291 -32.66 -15.12 12.25
CA GLN C 291 -31.80 -14.37 13.15
C GLN C 291 -31.60 -15.03 14.52
N THR C 292 -32.60 -15.72 15.05
CA THR C 292 -32.45 -16.33 16.36
C THR C 292 -31.70 -17.65 16.30
N GLY C 293 -31.68 -18.31 15.15
CA GLY C 293 -31.05 -19.61 15.06
C GLY C 293 -29.55 -19.53 15.08
N GLY C 294 -28.94 -20.65 15.47
CA GLY C 294 -27.50 -20.75 15.51
C GLY C 294 -26.90 -20.72 16.88
N GLY C 295 -27.70 -20.58 17.94
CA GLY C 295 -27.23 -20.89 19.29
C GLY C 295 -27.06 -19.71 20.24
N SER C 296 -27.29 -18.48 19.79
CA SER C 296 -26.96 -17.36 20.65
C SER C 296 -27.94 -17.25 21.83
N THR C 297 -29.15 -17.81 21.73
CA THR C 297 -30.04 -17.76 22.88
C THR C 297 -29.72 -18.82 23.93
N GLY C 298 -28.65 -19.59 23.77
CA GLY C 298 -28.37 -20.69 24.67
C GLY C 298 -28.88 -22.04 24.21
N LYS C 299 -29.73 -22.08 23.20
CA LYS C 299 -30.14 -23.32 22.54
C LYS C 299 -29.92 -23.12 21.06
N PHE C 300 -29.74 -24.22 20.32
CA PHE C 300 -29.38 -24.05 18.91
C PHE C 300 -30.45 -23.25 18.17
N TRP C 301 -31.70 -23.64 18.31
CA TRP C 301 -32.84 -22.91 17.78
C TRP C 301 -33.59 -22.28 18.96
N ALA C 302 -33.94 -21.00 18.83
CA ALA C 302 -34.60 -20.33 19.96
C ALA C 302 -35.95 -20.96 20.30
N HIS C 303 -36.65 -21.55 19.32
CA HIS C 303 -37.94 -22.17 19.63
C HIS C 303 -37.80 -23.35 20.59
N GLU C 304 -36.60 -23.89 20.75
CA GLU C 304 -36.42 -25.02 21.68
C GLU C 304 -36.75 -24.66 23.13
N HIS C 305 -36.61 -23.38 23.51
CA HIS C 305 -37.03 -22.94 24.85
C HIS C 305 -38.51 -23.20 25.11
N TRP C 306 -39.32 -23.30 24.06
CA TRP C 306 -40.75 -23.49 24.26
C TRP C 306 -41.05 -24.83 24.89
N GLY C 307 -40.14 -25.79 24.74
CA GLY C 307 -40.34 -27.14 25.25
C GLY C 307 -41.50 -27.89 24.61
N LEU C 308 -41.71 -27.74 23.30
CA LEU C 308 -42.83 -28.40 22.63
C LEU C 308 -42.37 -29.64 21.88
N ASP C 309 -43.17 -30.72 21.96
CA ASP C 309 -42.98 -31.87 21.09
C ASP C 309 -43.11 -31.49 19.63
N ASP C 310 -44.01 -30.54 19.31
CA ASP C 310 -44.36 -30.20 17.94
C ASP C 310 -44.28 -28.68 17.85
N PRO C 311 -43.06 -28.13 17.74
CA PRO C 311 -42.92 -26.68 17.82
C PRO C 311 -43.45 -25.93 16.62
N ALA C 312 -43.54 -26.56 15.44
CA ALA C 312 -43.81 -25.81 14.23
C ALA C 312 -43.98 -26.79 13.07
N ASP C 313 -44.54 -26.26 11.99
CA ASP C 313 -44.66 -27.06 10.77
C ASP C 313 -43.50 -26.84 9.81
N VAL C 314 -42.98 -25.60 9.78
CA VAL C 314 -41.89 -25.18 8.91
C VAL C 314 -41.02 -24.25 9.74
N MET C 315 -39.70 -24.31 9.52
CA MET C 315 -38.75 -23.45 10.23
C MET C 315 -37.67 -23.03 9.26
N THR C 316 -37.52 -21.71 9.07
CA THR C 316 -36.52 -21.15 8.19
C THR C 316 -35.29 -20.70 8.99
N PHE C 317 -34.16 -20.61 8.29
CA PHE C 317 -32.90 -20.26 8.90
C PHE C 317 -32.00 -19.62 7.83
N SER C 318 -30.97 -18.94 8.29
CA SER C 318 -29.93 -18.41 7.41
C SER C 318 -28.84 -17.82 8.28
N LYS C 319 -28.15 -16.78 7.80
CA LYS C 319 -27.17 -16.01 8.58
C LYS C 319 -26.09 -16.86 9.23
N LYS C 320 -26.20 -17.14 10.55
CA LYS C 320 -25.18 -17.96 11.22
C LYS C 320 -25.07 -19.36 10.59
N MET C 321 -26.15 -19.87 10.00
CA MET C 321 -26.10 -21.18 9.33
C MET C 321 -25.37 -21.14 7.99
N MET C 322 -24.84 -19.99 7.56
N MET C 322 -24.95 -19.95 7.54
CA MET C 322 -24.02 -19.87 6.35
CA MET C 322 -24.10 -19.76 6.36
C MET C 322 -24.87 -20.01 5.09
C MET C 322 -24.84 -20.02 5.06
N THR C 323 -25.68 -21.06 5.02
CA THR C 323 -26.66 -21.24 3.98
C THR C 323 -28.03 -20.96 4.57
N GLY C 324 -29.01 -20.75 3.69
CA GLY C 324 -30.39 -20.69 4.10
C GLY C 324 -31.09 -22.00 3.83
N GLY C 325 -32.40 -22.00 4.05
CA GLY C 325 -33.22 -23.16 3.78
C GLY C 325 -34.36 -23.24 4.78
N PHE C 326 -35.07 -24.37 4.76
CA PHE C 326 -36.09 -24.57 5.78
C PHE C 326 -36.29 -26.05 6.04
N PHE C 327 -36.39 -26.42 7.31
CA PHE C 327 -36.88 -27.73 7.69
C PHE C 327 -38.40 -27.72 7.65
N HIS C 328 -39.00 -28.91 7.50
CA HIS C 328 -40.46 -28.96 7.55
C HIS C 328 -40.97 -30.38 7.77
N LYS C 329 -42.21 -30.47 8.23
CA LYS C 329 -42.82 -31.76 8.45
C LYS C 329 -43.02 -32.49 7.12
N GLU C 330 -43.01 -33.82 7.21
CA GLU C 330 -43.16 -34.62 6.00
C GLU C 330 -44.47 -34.35 5.28
N GLU C 331 -45.54 -34.07 6.01
CA GLU C 331 -46.79 -33.78 5.31
C GLU C 331 -46.73 -32.53 4.43
N PHE C 332 -45.72 -31.67 4.61
CA PHE C 332 -45.57 -30.49 3.76
C PHE C 332 -44.70 -30.75 2.52
N ARG C 333 -44.11 -31.93 2.40
CA ARG C 333 -43.31 -32.26 1.22
C ARG C 333 -44.11 -32.10 -0.07
N PRO C 334 -43.61 -31.35 -1.06
CA PRO C 334 -44.34 -31.22 -2.32
C PRO C 334 -44.46 -32.56 -3.04
N ASN C 335 -45.67 -32.80 -3.57
CA ASN C 335 -45.98 -34.04 -4.27
C ASN C 335 -45.28 -34.14 -5.61
N ALA C 336 -44.94 -33.01 -6.22
CA ALA C 336 -44.39 -33.01 -7.58
C ALA C 336 -43.13 -32.17 -7.61
N PRO C 337 -42.14 -32.55 -8.43
CA PRO C 337 -40.92 -31.74 -8.55
C PRO C 337 -41.19 -30.43 -9.30
N TYR C 338 -40.22 -29.51 -9.18
CA TYR C 338 -40.17 -28.22 -9.87
C TYR C 338 -41.18 -27.19 -9.35
N ARG C 339 -41.82 -27.46 -8.22
CA ARG C 339 -42.68 -26.44 -7.62
C ARG C 339 -41.90 -25.56 -6.64
N ILE C 340 -40.99 -26.16 -5.90
CA ILE C 340 -40.03 -25.47 -5.05
C ILE C 340 -38.68 -25.71 -5.71
N PHE C 341 -38.11 -24.68 -6.30
CA PHE C 341 -36.94 -24.93 -7.15
C PHE C 341 -36.34 -23.59 -7.53
N ASN C 342 -35.02 -23.55 -7.64
CA ASN C 342 -34.37 -22.46 -8.35
C ASN C 342 -33.00 -22.97 -8.75
N THR C 343 -32.20 -22.11 -9.37
CA THR C 343 -30.99 -22.59 -10.04
C THR C 343 -30.02 -23.24 -9.05
N TRP C 344 -29.71 -22.55 -7.97
CA TRP C 344 -28.61 -22.93 -7.10
C TRP C 344 -29.06 -23.59 -5.80
N LEU C 345 -30.20 -23.19 -5.24
CA LEU C 345 -30.74 -23.76 -4.00
C LEU C 345 -29.69 -23.79 -2.90
N GLY C 346 -29.01 -22.67 -2.71
CA GLY C 346 -27.94 -22.64 -1.73
C GLY C 346 -26.60 -22.76 -2.43
N ASP C 347 -25.64 -23.42 -1.78
CA ASP C 347 -24.27 -23.44 -2.26
C ASP C 347 -23.48 -24.43 -1.44
N PRO C 348 -22.96 -25.50 -2.03
CA PRO C 348 -22.27 -26.53 -1.24
C PRO C 348 -21.04 -26.03 -0.54
N SER C 349 -20.50 -24.89 -0.98
CA SER C 349 -19.36 -24.32 -0.27
C SER C 349 -19.78 -23.83 1.12
N LYS C 350 -21.00 -23.30 1.24
CA LYS C 350 -21.50 -22.91 2.56
C LYS C 350 -21.76 -24.14 3.41
N ASN C 351 -22.26 -25.22 2.80
CA ASN C 351 -22.47 -26.48 3.52
C ASN C 351 -21.17 -27.03 4.05
N LEU C 352 -20.11 -26.95 3.24
CA LEU C 352 -18.80 -27.39 3.70
C LEU C 352 -18.37 -26.63 4.96
N LEU C 353 -18.49 -25.29 4.92
CA LEU C 353 -18.13 -24.47 6.08
C LEU C 353 -19.03 -24.77 7.26
N LEU C 354 -20.33 -24.92 7.01
CA LEU C 354 -21.28 -25.10 8.10
C LEU C 354 -21.03 -26.39 8.88
N ALA C 355 -20.69 -27.48 8.19
CA ALA C 355 -20.39 -28.73 8.88
C ALA C 355 -19.32 -28.53 9.94
N GLU C 356 -18.27 -27.78 9.60
CA GLU C 356 -17.20 -27.51 10.55
C GLU C 356 -17.65 -26.57 11.66
N VAL C 357 -18.45 -25.56 11.34
CA VAL C 357 -18.99 -24.67 12.35
C VAL C 357 -19.80 -25.46 13.37
N ILE C 358 -20.64 -26.38 12.90
CA ILE C 358 -21.50 -27.12 13.82
C ILE C 358 -20.66 -28.03 14.72
N ASN C 359 -19.66 -28.68 14.12
CA ASN C 359 -18.73 -29.49 14.90
C ASN C 359 -18.06 -28.67 15.99
N ILE C 360 -17.64 -27.45 15.66
CA ILE C 360 -17.01 -26.58 16.66
C ILE C 360 -17.99 -26.22 17.77
N ILE C 361 -19.20 -25.78 17.40
CA ILE C 361 -20.22 -25.45 18.39
C ILE C 361 -20.44 -26.61 19.34
N LYS C 362 -20.54 -27.83 18.80
CA LYS C 362 -20.77 -28.98 19.66
C LYS C 362 -19.53 -29.30 20.49
N ARG C 363 -18.34 -29.34 19.86
CA ARG C 363 -17.16 -29.80 20.56
C ARG C 363 -16.74 -28.84 21.66
N GLU C 364 -17.00 -27.56 21.50
CA GLU C 364 -16.53 -26.56 22.46
C GLU C 364 -17.64 -26.03 23.33
N ASP C 365 -18.82 -26.66 23.30
CA ASP C 365 -19.90 -26.36 24.23
C ASP C 365 -20.32 -24.90 24.13
N LEU C 366 -20.44 -24.41 22.88
CA LEU C 366 -20.69 -22.99 22.70
C LEU C 366 -22.13 -22.61 23.02
N LEU C 367 -23.05 -23.58 23.06
CA LEU C 367 -24.40 -23.27 23.50
C LEU C 367 -24.41 -22.93 24.98
N SER C 368 -23.78 -23.78 25.80
CA SER C 368 -23.64 -23.47 27.21
C SER C 368 -22.91 -22.15 27.40
N ASN C 369 -21.86 -21.92 26.60
CA ASN C 369 -21.10 -20.69 26.71
C ASN C 369 -21.96 -19.46 26.44
N ALA C 370 -22.84 -19.52 25.43
CA ALA C 370 -23.69 -18.38 25.14
C ALA C 370 -24.67 -18.11 26.27
N ALA C 371 -25.20 -19.16 26.90
CA ALA C 371 -26.05 -18.97 28.06
C ALA C 371 -25.31 -18.26 29.20
N HIS C 372 -24.08 -18.67 29.48
CA HIS C 372 -23.32 -18.09 30.58
C HIS C 372 -22.87 -16.67 30.25
N ALA C 373 -22.21 -16.48 29.10
CA ALA C 373 -21.76 -15.13 28.74
C ALA C 373 -22.94 -14.18 28.59
N GLY C 374 -24.08 -14.67 28.09
CA GLY C 374 -25.27 -13.85 28.03
C GLY C 374 -25.81 -13.48 29.41
N LYS C 375 -25.73 -14.42 30.35
CA LYS C 375 -26.09 -14.12 31.74
C LYS C 375 -25.23 -12.98 32.30
N VAL C 376 -23.91 -13.07 32.11
CA VAL C 376 -23.00 -12.03 32.58
C VAL C 376 -23.33 -10.69 31.93
N LEU C 377 -23.61 -10.70 30.62
CA LEU C 377 -23.90 -9.45 29.92
C LEU C 377 -25.15 -8.81 30.47
N LEU C 378 -26.21 -9.60 30.61
CA LEU C 378 -27.51 -9.09 31.02
C LEU C 378 -27.45 -8.59 32.46
N THR C 379 -26.75 -9.32 33.32
CA THR C 379 -26.60 -8.87 34.70
C THR C 379 -25.92 -7.51 34.73
N GLY C 380 -24.84 -7.35 33.96
CA GLY C 380 -24.15 -6.07 33.92
C GLY C 380 -25.02 -4.96 33.36
N LEU C 381 -25.80 -5.27 32.31
CA LEU C 381 -26.70 -4.26 31.76
C LEU C 381 -27.76 -3.86 32.79
N LEU C 382 -28.24 -4.82 33.58
CA LEU C 382 -29.22 -4.50 34.61
C LEU C 382 -28.62 -3.58 35.67
N ASP C 383 -27.35 -3.81 36.01
CA ASP C 383 -26.66 -2.89 36.93
C ASP C 383 -26.54 -1.51 36.32
N LEU C 384 -26.05 -1.42 35.08
CA LEU C 384 -25.94 -0.13 34.41
C LEU C 384 -27.30 0.55 34.30
N GLN C 385 -28.37 -0.24 34.13
CA GLN C 385 -29.71 0.34 34.10
C GLN C 385 -30.09 0.94 35.45
N ALA C 386 -29.71 0.27 36.53
CA ALA C 386 -30.06 0.77 37.86
C ALA C 386 -29.33 2.07 38.16
N ARG C 387 -28.10 2.19 37.68
CA ARG C 387 -27.32 3.38 37.94
C ARG C 387 -27.62 4.51 36.99
N TYR C 388 -28.10 4.24 35.77
CA TYR C 388 -28.38 5.30 34.78
C TYR C 388 -29.79 5.16 34.21
N PRO C 389 -30.82 5.22 35.05
CA PRO C 389 -32.18 5.12 34.52
C PRO C 389 -32.57 6.26 33.61
N GLN C 390 -31.79 7.35 33.58
CA GLN C 390 -32.09 8.42 32.64
C GLN C 390 -31.68 8.07 31.21
N PHE C 391 -30.80 7.10 31.02
CA PHE C 391 -30.39 6.70 29.68
C PHE C 391 -30.80 5.28 29.30
N ILE C 392 -30.94 4.37 30.27
CA ILE C 392 -31.12 2.94 30.03
CA ILE C 392 -31.13 2.95 30.00
C ILE C 392 -32.47 2.51 30.57
N SER C 393 -33.30 1.90 29.73
CA SER C 393 -34.54 1.30 30.18
C SER C 393 -34.78 -0.01 29.44
N ARG C 394 -35.63 -0.84 30.04
CA ARG C 394 -36.18 -2.03 29.39
C ARG C 394 -35.09 -3.02 28.99
N VAL C 395 -34.06 -3.15 29.83
CA VAL C 395 -33.03 -4.15 29.60
C VAL C 395 -33.68 -5.53 29.50
N ARG C 396 -33.29 -6.30 28.50
CA ARG C 396 -33.99 -7.54 28.17
C ARG C 396 -33.06 -8.44 27.36
N GLY C 397 -33.31 -9.74 27.40
CA GLY C 397 -32.49 -10.61 26.60
C GLY C 397 -32.73 -12.07 26.91
N ARG C 398 -32.21 -12.90 26.01
CA ARG C 398 -32.10 -14.33 26.24
C ARG C 398 -30.79 -14.79 25.62
N GLY C 399 -29.98 -15.50 26.41
CA GLY C 399 -28.64 -15.77 25.97
C GLY C 399 -27.94 -14.44 25.74
N THR C 400 -27.09 -14.40 24.72
CA THR C 400 -26.42 -13.15 24.39
C THR C 400 -27.26 -12.24 23.54
N PHE C 401 -28.49 -12.66 23.22
CA PHE C 401 -29.44 -11.92 22.40
C PHE C 401 -30.14 -10.84 23.24
N CYS C 402 -29.38 -9.77 23.55
CA CYS C 402 -29.77 -8.77 24.53
C CYS C 402 -29.97 -7.40 23.89
N SER C 403 -30.75 -6.56 24.57
CA SER C 403 -30.97 -5.18 24.14
C SER C 403 -31.41 -4.31 25.32
N PHE C 404 -31.41 -3.01 25.08
CA PHE C 404 -32.03 -2.03 25.97
C PHE C 404 -32.45 -0.83 25.14
N ASP C 405 -33.30 0.00 25.73
CA ASP C 405 -33.79 1.23 25.12
C ASP C 405 -33.09 2.44 25.71
N THR C 406 -32.89 3.44 24.87
CA THR C 406 -32.47 4.78 25.21
C THR C 406 -33.67 5.71 25.06
N PRO C 407 -33.57 6.97 25.52
CA PRO C 407 -34.77 7.84 25.48
C PRO C 407 -35.19 8.28 24.07
N ASP C 408 -34.27 8.39 23.12
CA ASP C 408 -34.68 8.72 21.75
C ASP C 408 -33.61 8.26 20.77
N GLU C 409 -33.92 8.41 19.48
CA GLU C 409 -33.02 7.92 18.42
C GLU C 409 -31.70 8.67 18.40
N SER C 410 -31.69 9.95 18.76
CA SER C 410 -30.45 10.72 18.72
C SER C 410 -29.48 10.25 19.80
N ILE C 411 -29.95 10.07 21.03
CA ILE C 411 -29.11 9.52 22.08
C ILE C 411 -28.63 8.11 21.70
N ARG C 412 -29.51 7.31 21.11
CA ARG C 412 -29.13 5.99 20.65
C ARG C 412 -27.93 6.05 19.71
N ASN C 413 -28.02 6.91 18.69
CA ASN C 413 -26.93 7.01 17.72
C ASN C 413 -25.67 7.59 18.34
N LYS C 414 -25.80 8.51 19.29
CA LYS C 414 -24.62 9.09 19.91
C LYS C 414 -23.86 8.06 20.72
N LEU C 415 -24.58 7.27 21.53
CA LEU C 415 -23.92 6.22 22.32
C LEU C 415 -23.22 5.21 21.41
N ILE C 416 -23.87 4.83 20.31
CA ILE C 416 -23.25 3.87 19.40
C ILE C 416 -21.99 4.48 18.79
N SER C 417 -22.07 5.73 18.38
CA SER C 417 -20.91 6.41 17.79
C SER C 417 -19.76 6.54 18.78
N ILE C 418 -20.05 6.88 20.03
CA ILE C 418 -18.97 7.01 21.01
C ILE C 418 -18.39 5.64 21.32
N ALA C 419 -19.25 4.64 21.54
CA ALA C 419 -18.76 3.30 21.80
C ALA C 419 -17.84 2.81 20.69
N ARG C 420 -18.20 3.08 19.44
CA ARG C 420 -17.37 2.66 18.32
C ARG C 420 -15.99 3.28 18.39
N ASN C 421 -15.94 4.59 18.64
CA ASN C 421 -14.64 5.25 18.75
C ASN C 421 -13.87 4.79 19.97
N LYS C 422 -14.56 4.30 20.99
CA LYS C 422 -13.89 3.73 22.16
C LYS C 422 -13.47 2.29 21.96
N GLY C 423 -13.89 1.64 20.87
CA GLY C 423 -13.45 0.31 20.55
C GLY C 423 -14.50 -0.81 20.63
N VAL C 424 -15.80 -0.49 20.61
CA VAL C 424 -16.82 -1.52 20.66
C VAL C 424 -17.87 -1.21 19.61
N MET C 425 -18.11 -2.17 18.73
N MET C 425 -18.11 -2.18 18.73
CA MET C 425 -19.11 -2.01 17.67
CA MET C 425 -19.14 -2.08 17.72
C MET C 425 -20.45 -2.59 18.12
C MET C 425 -20.46 -2.59 18.27
N LEU C 426 -21.46 -1.74 18.23
CA LEU C 426 -22.81 -2.12 18.60
C LEU C 426 -23.75 -1.89 17.43
N GLY C 427 -24.87 -2.61 17.43
CA GLY C 427 -25.91 -2.35 16.46
C GLY C 427 -27.12 -1.69 17.10
N GLY C 428 -27.97 -1.07 16.28
CA GLY C 428 -29.24 -0.57 16.78
C GLY C 428 -30.43 -1.29 16.16
N CYS C 429 -31.58 -1.22 16.82
CA CYS C 429 -32.82 -1.73 16.24
C CYS C 429 -33.97 -0.94 16.83
N GLY C 430 -35.12 -1.03 16.16
CA GLY C 430 -36.15 -0.10 16.52
C GLY C 430 -35.65 1.31 16.23
N ASP C 431 -36.30 2.28 16.86
CA ASP C 431 -35.86 3.66 16.70
C ASP C 431 -34.87 4.09 17.77
N LYS C 432 -34.91 3.47 18.96
CA LYS C 432 -34.06 3.94 20.04
C LYS C 432 -33.49 2.80 20.87
N SER C 433 -33.31 1.63 20.27
CA SER C 433 -32.77 0.48 21.01
C SER C 433 -31.34 0.17 20.59
N ILE C 434 -30.60 -0.41 21.53
CA ILE C 434 -29.25 -0.90 21.27
C ILE C 434 -29.29 -2.41 21.44
N ARG C 435 -28.80 -3.12 20.43
CA ARG C 435 -28.91 -4.56 20.39
C ARG C 435 -27.54 -5.18 20.40
N PHE C 436 -27.44 -6.37 20.97
CA PHE C 436 -26.20 -7.13 21.01
C PHE C 436 -26.37 -8.39 20.19
N ARG C 437 -25.44 -8.63 19.26
CA ARG C 437 -25.43 -9.88 18.48
C ARG C 437 -24.00 -10.39 18.40
N PRO C 438 -23.46 -10.86 19.51
CA PRO C 438 -22.07 -11.33 19.49
C PRO C 438 -21.96 -12.68 18.80
N THR C 439 -20.78 -12.95 18.25
CA THR C 439 -20.49 -14.26 17.72
CA THR C 439 -20.56 -14.26 17.71
C THR C 439 -20.48 -15.29 18.85
N LEU C 440 -20.47 -16.57 18.47
CA LEU C 440 -20.55 -17.61 19.50
C LEU C 440 -19.24 -17.85 20.20
N VAL C 441 -18.16 -17.16 19.84
CA VAL C 441 -16.92 -17.21 20.63
C VAL C 441 -16.81 -16.03 21.58
N PHE C 442 -17.89 -15.26 21.75
CA PHE C 442 -18.02 -14.25 22.80
C PHE C 442 -18.11 -14.92 24.17
N ARG C 443 -17.24 -14.51 25.11
CA ARG C 443 -17.15 -15.07 26.45
C ARG C 443 -17.50 -14.03 27.50
N ASP C 444 -17.59 -14.49 28.76
CA ASP C 444 -17.91 -13.57 29.84
C ASP C 444 -16.88 -12.44 29.95
N HIS C 445 -15.61 -12.70 29.61
CA HIS C 445 -14.66 -11.60 29.72
C HIS C 445 -14.78 -10.59 28.59
N HIS C 446 -15.34 -10.97 27.43
CA HIS C 446 -15.72 -9.94 26.47
C HIS C 446 -16.88 -9.12 26.96
N ALA C 447 -17.84 -9.73 27.66
CA ALA C 447 -18.93 -8.96 28.23
C ALA C 447 -18.40 -7.94 29.24
N HIS C 448 -17.44 -8.37 30.07
CA HIS C 448 -16.85 -7.46 31.05
C HIS C 448 -16.10 -6.33 30.36
N LEU C 449 -15.42 -6.65 29.26
CA LEU C 449 -14.75 -5.63 28.47
C LEU C 449 -15.74 -4.55 28.02
N PHE C 450 -16.84 -4.97 27.39
CA PHE C 450 -17.86 -4.02 26.98
C PHE C 450 -18.44 -3.25 28.17
N LEU C 451 -18.76 -3.95 29.26
CA LEU C 451 -19.40 -3.30 30.40
C LEU C 451 -18.47 -2.25 31.00
N ASN C 452 -17.17 -2.54 31.05
CA ASN C 452 -16.20 -1.56 31.54
C ASN C 452 -16.22 -0.31 30.68
N ILE C 453 -16.12 -0.50 29.36
CA ILE C 453 -16.00 0.65 28.47
C ILE C 453 -17.28 1.46 28.50
N PHE C 454 -18.42 0.77 28.59
CA PHE C 454 -19.70 1.45 28.50
C PHE C 454 -20.05 2.17 29.80
N SER C 455 -19.65 1.64 30.95
CA SER C 455 -19.82 2.41 32.17
C SER C 455 -19.01 3.71 32.12
N ASP C 456 -17.77 3.65 31.60
CA ASP C 456 -16.98 4.86 31.42
C ASP C 456 -17.70 5.85 30.51
N ILE C 457 -18.34 5.37 29.46
CA ILE C 457 -19.05 6.27 28.56
C ILE C 457 -20.20 6.93 29.31
N LEU C 458 -21.00 6.13 30.01
CA LEU C 458 -22.17 6.65 30.69
C LEU C 458 -21.78 7.64 31.79
N ALA C 459 -20.64 7.44 32.44
CA ALA C 459 -20.25 8.35 33.53
C ALA C 459 -20.02 9.77 33.01
N ASP C 460 -19.66 9.93 31.74
CA ASP C 460 -19.39 11.25 31.19
C ASP C 460 -20.37 11.67 30.10
N PHE C 461 -21.49 10.97 29.95
CA PHE C 461 -22.40 11.25 28.86
C PHE C 461 -23.29 12.45 29.18
N ALA C 462 -23.49 13.32 28.19
CA ALA C 462 -24.32 14.53 28.24
C ALA C 462 -25.34 14.59 29.39
N PHE D 1 -6.95 -28.65 -19.39
CA PHE D 1 -8.06 -27.74 -19.61
C PHE D 1 -9.33 -28.47 -20.11
N ASP D 2 -9.17 -29.67 -20.65
CA ASP D 2 -10.31 -30.35 -21.28
C ASP D 2 -9.97 -31.82 -21.48
N TYR D 3 -11.01 -32.64 -21.64
CA TYR D 3 -10.84 -33.99 -22.16
C TYR D 3 -10.98 -33.97 -23.68
N ASP D 4 -10.71 -35.10 -24.32
CA ASP D 4 -10.75 -35.16 -25.78
C ASP D 4 -12.06 -35.71 -26.34
N GLY D 5 -12.95 -36.20 -25.49
CA GLY D 5 -14.26 -36.65 -25.93
C GLY D 5 -14.95 -37.31 -24.77
N PRO D 6 -16.23 -37.60 -24.93
CA PRO D 6 -16.98 -38.27 -23.88
C PRO D 6 -16.61 -39.74 -23.78
N LEU D 7 -17.10 -40.38 -22.72
CA LEU D 7 -16.75 -41.77 -22.46
C LEU D 7 -17.76 -42.31 -21.46
N MET D 8 -18.59 -43.26 -21.90
CA MET D 8 -19.68 -43.77 -21.08
C MET D 8 -19.31 -45.14 -20.53
N LYS D 9 -19.53 -45.32 -19.23
CA LYS D 9 -19.39 -46.60 -18.53
C LYS D 9 -20.72 -47.24 -18.18
N THR D 10 -21.78 -46.45 -18.01
CA THR D 10 -23.08 -46.98 -17.62
C THR D 10 -24.15 -46.13 -18.27
N GLU D 11 -25.39 -46.61 -18.20
CA GLU D 11 -26.50 -45.71 -18.48
C GLU D 11 -26.62 -44.67 -17.36
N VAL D 12 -27.24 -43.55 -17.67
CA VAL D 12 -27.37 -42.42 -16.75
C VAL D 12 -28.84 -42.30 -16.35
N PRO D 13 -29.17 -42.25 -15.05
CA PRO D 13 -28.27 -42.37 -13.90
C PRO D 13 -27.77 -43.81 -13.66
N GLY D 14 -26.50 -43.92 -13.30
CA GLY D 14 -25.88 -45.20 -13.02
C GLY D 14 -26.17 -45.69 -11.61
N PRO D 15 -25.58 -46.84 -11.28
CA PRO D 15 -25.87 -47.46 -9.97
C PRO D 15 -25.55 -46.55 -8.79
N ARG D 16 -24.42 -45.86 -8.83
CA ARG D 16 -24.09 -45.02 -7.68
C ARG D 16 -25.01 -43.81 -7.59
N SER D 17 -25.40 -43.24 -8.75
CA SER D 17 -26.34 -42.14 -8.72
C SER D 17 -27.70 -42.58 -8.19
N ARG D 18 -28.19 -43.73 -8.65
CA ARG D 18 -29.51 -44.18 -8.19
C ARG D 18 -29.51 -44.40 -6.67
N GLU D 19 -28.40 -44.90 -6.13
CA GLU D 19 -28.34 -45.10 -4.69
C GLU D 19 -28.35 -43.75 -3.94
N LEU D 20 -27.62 -42.75 -4.44
CA LEU D 20 -27.60 -41.43 -3.80
C LEU D 20 -28.96 -40.74 -3.95
N MET D 21 -29.61 -40.91 -5.11
CA MET D 21 -30.94 -40.34 -5.28
C MET D 21 -31.92 -40.95 -4.29
N LYS D 22 -31.78 -42.24 -4.00
CA LYS D 22 -32.61 -42.87 -2.99
CA LYS D 22 -32.62 -42.87 -3.00
C LYS D 22 -32.38 -42.25 -1.62
N GLN D 23 -31.12 -42.02 -1.27
CA GLN D 23 -30.78 -41.41 0.02
C GLN D 23 -31.34 -39.98 0.12
N LEU D 24 -31.14 -39.18 -0.92
CA LEU D 24 -31.61 -37.80 -0.88
C LEU D 24 -33.13 -37.75 -0.86
N ASN D 25 -33.79 -38.68 -1.56
CA ASN D 25 -35.25 -38.66 -1.56
C ASN D 25 -35.87 -38.84 -0.18
N ILE D 26 -35.11 -39.35 0.80
CA ILE D 26 -35.61 -39.43 2.17
C ILE D 26 -35.95 -38.05 2.73
N ILE D 27 -35.10 -37.06 2.46
CA ILE D 27 -35.23 -35.77 3.15
C ILE D 27 -35.95 -34.71 2.30
N GLN D 28 -36.15 -34.96 1.01
CA GLN D 28 -36.79 -33.97 0.16
C GLN D 28 -37.22 -34.67 -1.12
N ASN D 29 -38.09 -34.01 -1.86
CA ASN D 29 -38.48 -34.53 -3.16
C ASN D 29 -37.28 -34.43 -4.07
N ALA D 30 -36.70 -35.57 -4.44
CA ALA D 30 -35.52 -35.61 -5.32
C ALA D 30 -35.88 -35.99 -6.75
N GLU D 31 -37.15 -35.87 -7.14
CA GLU D 31 -37.52 -36.37 -8.47
C GLU D 31 -36.86 -35.59 -9.61
N ALA D 32 -36.47 -34.33 -9.36
CA ALA D 32 -35.82 -33.55 -10.41
C ALA D 32 -34.35 -33.91 -10.59
N VAL D 33 -33.72 -34.62 -9.66
CA VAL D 33 -32.30 -34.92 -9.81
C VAL D 33 -32.06 -35.76 -11.06
N HIS D 34 -31.10 -35.33 -11.87
CA HIS D 34 -30.74 -36.08 -13.08
C HIS D 34 -29.77 -37.20 -12.74
N PHE D 35 -28.71 -36.86 -12.00
CA PHE D 35 -27.69 -37.78 -11.52
C PHE D 35 -26.77 -37.02 -10.58
N PHE D 36 -25.92 -37.76 -9.87
CA PHE D 36 -24.95 -37.14 -8.97
C PHE D 36 -23.59 -37.01 -9.66
N CYS D 37 -22.85 -35.96 -9.29
CA CYS D 37 -21.69 -35.54 -10.04
C CYS D 37 -20.40 -35.64 -9.23
N ASN D 38 -19.31 -35.92 -9.96
CA ASN D 38 -17.94 -35.83 -9.45
C ASN D 38 -17.33 -34.53 -10.00
N TYR D 39 -17.52 -33.43 -9.26
CA TYR D 39 -17.01 -32.16 -9.77
C TYR D 39 -15.50 -32.07 -9.69
N GLU D 40 -14.90 -32.86 -8.82
CA GLU D 40 -13.44 -32.92 -8.76
C GLU D 40 -12.82 -33.44 -10.06
N GLU D 41 -13.49 -34.39 -10.73
N GLU D 41 -13.49 -34.39 -10.73
CA GLU D 41 -12.96 -34.95 -11.97
CA GLU D 41 -12.94 -34.94 -11.97
C GLU D 41 -13.48 -34.25 -13.22
C GLU D 41 -13.48 -34.23 -13.22
N SER D 42 -14.46 -33.34 -13.08
CA SER D 42 -14.97 -32.62 -14.23
C SER D 42 -13.97 -31.56 -14.67
N ARG D 43 -13.90 -31.33 -15.97
CA ARG D 43 -12.90 -30.43 -16.54
C ARG D 43 -13.45 -29.80 -17.81
N GLY D 44 -13.30 -28.49 -17.96
CA GLY D 44 -13.63 -27.90 -19.25
C GLY D 44 -15.08 -28.10 -19.60
N ASN D 45 -15.35 -28.66 -20.79
CA ASN D 45 -16.69 -28.92 -21.29
C ASN D 45 -17.31 -30.21 -20.76
N TYR D 46 -16.64 -30.95 -19.90
CA TYR D 46 -17.04 -32.32 -19.61
C TYR D 46 -17.42 -32.47 -18.13
N LEU D 47 -18.64 -32.93 -17.90
CA LEU D 47 -19.11 -33.26 -16.56
C LEU D 47 -18.90 -34.76 -16.32
N VAL D 48 -18.33 -35.10 -15.18
CA VAL D 48 -18.13 -36.50 -14.78
C VAL D 48 -19.14 -36.85 -13.67
N ASP D 49 -19.82 -37.97 -13.81
CA ASP D 49 -20.76 -38.34 -12.76
C ASP D 49 -20.11 -39.36 -11.81
N VAL D 50 -20.85 -39.76 -10.78
CA VAL D 50 -20.30 -40.66 -9.76
C VAL D 50 -20.16 -42.09 -10.24
N ASP D 51 -20.66 -42.41 -11.43
CA ASP D 51 -20.43 -43.73 -12.00
C ASP D 51 -19.31 -43.73 -13.01
N GLY D 52 -18.54 -42.64 -13.10
CA GLY D 52 -17.44 -42.58 -14.02
C GLY D 52 -17.81 -42.20 -15.44
N ASN D 53 -19.07 -41.88 -15.71
CA ASN D 53 -19.44 -41.39 -17.03
C ASN D 53 -18.90 -39.98 -17.23
N ARG D 54 -18.44 -39.71 -18.43
CA ARG D 54 -17.90 -38.41 -18.79
C ARG D 54 -18.66 -37.88 -19.99
N MET D 55 -19.43 -36.82 -19.77
CA MET D 55 -20.38 -36.30 -20.76
C MET D 55 -19.98 -34.91 -21.22
N LEU D 56 -20.07 -34.68 -22.53
CA LEU D 56 -19.98 -33.33 -23.05
C LEU D 56 -21.19 -32.55 -22.56
N ASP D 57 -20.96 -31.47 -21.83
CA ASP D 57 -22.02 -30.80 -21.10
C ASP D 57 -22.44 -29.56 -21.89
N LEU D 58 -23.60 -29.65 -22.52
CA LEU D 58 -24.16 -28.50 -23.25
C LEU D 58 -25.34 -27.88 -22.52
N TYR D 59 -25.41 -28.08 -21.20
CA TYR D 59 -26.43 -27.46 -20.37
C TYR D 59 -25.82 -26.58 -19.27
N SER D 60 -24.57 -26.85 -18.87
CA SER D 60 -23.73 -26.03 -18.01
C SER D 60 -24.46 -25.56 -16.75
N GLN D 61 -25.07 -26.51 -16.05
CA GLN D 61 -25.74 -26.25 -14.77
C GLN D 61 -26.81 -25.17 -14.94
N ILE D 62 -27.67 -25.35 -15.95
CA ILE D 62 -28.67 -24.38 -16.37
C ILE D 62 -28.00 -23.06 -16.72
N SER D 63 -26.98 -23.13 -17.57
CA SER D 63 -26.39 -21.93 -18.15
C SER D 63 -25.71 -21.05 -17.11
N SER D 64 -25.08 -21.67 -16.10
CA SER D 64 -24.46 -20.89 -15.01
C SER D 64 -22.96 -21.06 -14.85
N ILE D 65 -22.32 -21.97 -15.59
CA ILE D 65 -20.88 -22.22 -15.49
C ILE D 65 -20.21 -21.46 -16.64
N PRO D 66 -19.44 -20.37 -16.38
CA PRO D 66 -18.98 -19.51 -17.47
C PRO D 66 -17.84 -20.07 -18.30
N ILE D 67 -16.77 -20.56 -17.66
CA ILE D 67 -15.62 -20.98 -18.46
C ILE D 67 -15.24 -22.41 -18.14
N GLY D 68 -16.23 -23.26 -17.92
CA GLY D 68 -15.98 -24.68 -17.79
C GLY D 68 -15.71 -25.10 -16.37
N TYR D 69 -15.65 -26.42 -16.19
CA TYR D 69 -15.38 -26.97 -14.86
C TYR D 69 -13.89 -26.92 -14.53
N SER D 70 -13.60 -26.75 -13.24
CA SER D 70 -12.24 -26.85 -12.71
C SER D 70 -11.24 -26.08 -13.58
N HIS D 71 -11.57 -24.86 -13.91
CA HIS D 71 -10.66 -24.09 -14.75
C HIS D 71 -9.36 -23.81 -14.00
N PRO D 72 -8.20 -24.07 -14.59
CA PRO D 72 -6.93 -23.95 -13.83
C PRO D 72 -6.67 -22.56 -13.31
N ALA D 73 -7.14 -21.50 -13.97
CA ALA D 73 -6.94 -20.15 -13.42
C ALA D 73 -7.74 -19.95 -12.14
N LEU D 74 -8.90 -20.61 -12.01
CA LEU D 74 -9.68 -20.46 -10.79
C LEU D 74 -9.13 -21.34 -9.68
N VAL D 75 -8.65 -22.54 -10.03
CA VAL D 75 -7.92 -23.37 -9.09
C VAL D 75 -6.84 -22.55 -8.41
N LYS D 76 -6.06 -21.83 -9.22
CA LYS D 76 -4.93 -21.06 -8.70
C LYS D 76 -5.40 -19.95 -7.76
N LEU D 77 -6.47 -19.23 -8.13
CA LEU D 77 -6.99 -18.21 -7.24
C LEU D 77 -7.26 -18.78 -5.85
N VAL D 78 -7.91 -19.94 -5.79
CA VAL D 78 -8.32 -20.50 -4.52
C VAL D 78 -7.11 -21.04 -3.74
N GLN D 79 -6.02 -21.34 -4.44
CA GLN D 79 -4.80 -21.78 -3.75
C GLN D 79 -4.00 -20.62 -3.14
N GLN D 80 -4.31 -19.37 -3.45
CA GLN D 80 -3.52 -18.23 -2.95
C GLN D 80 -3.85 -17.93 -1.50
N PRO D 81 -2.86 -17.92 -0.60
CA PRO D 81 -3.16 -17.66 0.83
C PRO D 81 -3.87 -16.35 1.04
N GLN D 82 -3.58 -15.36 0.21
CA GLN D 82 -4.19 -14.05 0.35
C GLN D 82 -5.70 -14.09 0.21
N ASN D 83 -6.25 -15.15 -0.38
CA ASN D 83 -7.66 -15.21 -0.70
C ASN D 83 -8.47 -16.03 0.29
N VAL D 84 -7.82 -16.62 1.29
CA VAL D 84 -8.55 -17.47 2.25
C VAL D 84 -9.62 -16.65 2.97
N SER D 85 -9.27 -15.44 3.42
CA SER D 85 -10.20 -14.62 4.19
C SER D 85 -11.49 -14.36 3.42
N THR D 86 -11.40 -14.20 2.11
CA THR D 86 -12.58 -13.93 1.30
C THR D 86 -13.57 -15.09 1.38
N PHE D 87 -13.07 -16.31 1.46
CA PHE D 87 -13.99 -17.45 1.45
C PHE D 87 -14.59 -17.75 2.81
N ILE D 88 -13.99 -17.29 3.91
CA ILE D 88 -14.46 -17.66 5.23
C ILE D 88 -15.01 -16.50 6.03
N ASN D 89 -14.87 -15.27 5.57
CA ASN D 89 -15.29 -14.08 6.31
C ASN D 89 -16.29 -13.34 5.45
N ARG D 90 -17.54 -13.77 5.45
CA ARG D 90 -18.51 -13.14 4.55
C ARG D 90 -19.10 -11.89 5.20
N PRO D 91 -18.97 -10.73 4.58
CA PRO D 91 -19.45 -9.50 5.23
C PRO D 91 -20.88 -9.16 4.88
N ALA D 92 -21.48 -8.37 5.76
CA ALA D 92 -22.70 -7.64 5.46
C ALA D 92 -22.25 -6.51 4.57
N LEU D 93 -22.30 -6.74 3.25
CA LEU D 93 -21.66 -5.85 2.28
C LEU D 93 -22.22 -4.44 2.32
N GLY D 94 -23.49 -4.31 2.71
CA GLY D 94 -24.07 -2.97 2.66
C GLY D 94 -23.56 -2.08 3.76
N ILE D 95 -22.92 -2.64 4.78
CA ILE D 95 -22.55 -1.78 5.91
C ILE D 95 -21.05 -1.86 6.19
N LEU D 96 -20.44 -3.02 5.92
CA LEU D 96 -19.04 -3.26 6.28
C LEU D 96 -18.28 -3.91 5.11
N PRO D 97 -18.17 -3.20 3.99
CA PRO D 97 -17.50 -3.80 2.82
C PRO D 97 -16.03 -4.00 3.06
N PRO D 98 -15.42 -4.99 2.40
CA PRO D 98 -13.98 -5.21 2.51
C PRO D 98 -13.17 -4.15 1.78
N GLU D 99 -11.92 -3.95 2.25
CA GLU D 99 -11.06 -2.92 1.69
C GLU D 99 -11.01 -2.94 0.16
N ASN D 100 -10.97 -4.13 -0.45
CA ASN D 100 -10.79 -4.23 -1.90
C ASN D 100 -12.12 -4.27 -2.67
N PHE D 101 -13.24 -3.95 -2.01
CA PHE D 101 -14.55 -4.12 -2.63
C PHE D 101 -14.65 -3.33 -3.94
N VAL D 102 -14.24 -2.06 -3.91
CA VAL D 102 -14.43 -1.24 -5.10
C VAL D 102 -13.44 -1.64 -6.18
N GLU D 103 -12.18 -1.87 -5.81
CA GLU D 103 -11.20 -2.30 -6.79
C GLU D 103 -11.63 -3.59 -7.46
N LYS D 104 -12.14 -4.55 -6.68
CA LYS D 104 -12.55 -5.80 -7.27
C LYS D 104 -13.75 -5.62 -8.19
N LEU D 105 -14.65 -4.69 -7.86
CA LEU D 105 -15.73 -4.37 -8.80
C LEU D 105 -15.18 -3.76 -10.09
N ARG D 106 -14.15 -2.93 -9.98
CA ARG D 106 -13.54 -2.34 -11.18
C ARG D 106 -12.94 -3.40 -12.09
N GLU D 107 -12.43 -4.48 -11.51
CA GLU D 107 -11.83 -5.54 -12.30
C GLU D 107 -12.87 -6.48 -12.89
N SER D 108 -14.10 -6.42 -12.43
CA SER D 108 -15.12 -7.36 -12.86
C SER D 108 -16.33 -6.61 -13.39
N LEU D 109 -17.40 -6.49 -12.59
CA LEU D 109 -18.66 -6.01 -13.12
C LEU D 109 -18.56 -4.61 -13.75
N LEU D 110 -17.81 -3.70 -13.12
CA LEU D 110 -17.76 -2.34 -13.68
C LEU D 110 -17.06 -2.29 -15.02
N SER D 111 -16.22 -3.29 -15.34
CA SER D 111 -15.54 -3.29 -16.63
C SER D 111 -16.43 -3.79 -17.77
N VAL D 112 -17.64 -4.27 -17.50
CA VAL D 112 -18.54 -4.69 -18.57
C VAL D 112 -19.90 -4.03 -18.40
N ALA D 113 -19.92 -2.83 -17.81
CA ALA D 113 -21.18 -2.15 -17.54
C ALA D 113 -21.88 -1.80 -18.85
N PRO D 114 -23.20 -1.99 -18.96
CA PRO D 114 -23.91 -1.64 -20.20
C PRO D 114 -23.93 -0.14 -20.42
N LYS D 115 -24.15 0.24 -21.69
CA LYS D 115 -24.16 1.64 -22.06
C LYS D 115 -25.21 2.40 -21.29
N GLY D 116 -24.82 3.55 -20.75
CA GLY D 116 -25.73 4.46 -20.09
C GLY D 116 -26.06 4.12 -18.65
N MET D 117 -25.45 3.09 -18.07
CA MET D 117 -25.79 2.64 -16.72
C MET D 117 -24.56 2.79 -15.83
N SER D 118 -24.53 3.84 -15.05
CA SER D 118 -23.37 4.10 -14.22
C SER D 118 -23.49 3.48 -12.84
N GLN D 119 -24.67 2.97 -12.47
CA GLN D 119 -24.89 2.46 -11.13
C GLN D 119 -24.88 0.94 -11.14
N LEU D 120 -24.49 0.39 -9.99
CA LEU D 120 -24.42 -1.07 -9.82
C LEU D 120 -24.75 -1.39 -8.38
N ILE D 121 -25.61 -2.40 -8.18
CA ILE D 121 -25.86 -2.98 -6.86
C ILE D 121 -25.73 -4.48 -7.01
N THR D 122 -25.11 -5.17 -6.05
CA THR D 122 -24.97 -6.61 -6.17
C THR D 122 -26.03 -7.34 -5.36
N MET D 123 -26.40 -8.55 -5.81
CA MET D 123 -27.35 -9.47 -5.16
C MET D 123 -26.87 -10.89 -5.35
N ALA D 124 -27.43 -11.80 -4.55
CA ALA D 124 -26.89 -13.16 -4.58
C ALA D 124 -27.48 -14.04 -5.68
N CYS D 125 -28.64 -13.71 -6.27
CA CYS D 125 -29.21 -14.57 -7.30
C CYS D 125 -30.11 -13.78 -8.25
N GLY D 126 -30.63 -14.47 -9.27
CA GLY D 126 -31.44 -13.80 -10.26
C GLY D 126 -32.77 -13.31 -9.72
N SER D 127 -33.38 -14.07 -8.81
CA SER D 127 -34.68 -13.66 -8.25
C SER D 127 -34.58 -12.39 -7.43
N CYS D 128 -33.62 -12.31 -6.51
CA CYS D 128 -33.56 -11.07 -5.76
C CYS D 128 -32.99 -9.91 -6.58
N SER D 129 -32.24 -10.19 -7.65
CA SER D 129 -31.88 -9.10 -8.56
C SER D 129 -33.13 -8.50 -9.16
N ASN D 130 -34.03 -9.36 -9.67
CA ASN D 130 -35.23 -8.84 -10.31
C ASN D 130 -36.17 -8.21 -9.27
N GLU D 131 -36.32 -8.85 -8.11
CA GLU D 131 -37.14 -8.27 -7.05
C GLU D 131 -36.66 -6.87 -6.70
N ASN D 132 -35.35 -6.70 -6.50
CA ASN D 132 -34.86 -5.39 -6.12
C ASN D 132 -34.87 -4.43 -7.29
N ALA D 133 -34.76 -4.92 -8.52
CA ALA D 133 -34.97 -4.02 -9.65
C ALA D 133 -36.41 -3.50 -9.68
N PHE D 134 -37.40 -4.38 -9.44
CA PHE D 134 -38.78 -3.93 -9.32
C PHE D 134 -38.91 -2.84 -8.26
N LYS D 135 -38.40 -3.11 -7.08
CA LYS D 135 -38.48 -2.12 -6.00
C LYS D 135 -37.80 -0.82 -6.40
N THR D 136 -36.63 -0.92 -7.03
CA THR D 136 -35.98 0.31 -7.47
C THR D 136 -36.88 1.08 -8.42
N ILE D 137 -37.57 0.35 -9.29
CA ILE D 137 -38.42 1.00 -10.29
C ILE D 137 -39.65 1.62 -9.62
N PHE D 138 -40.26 0.90 -8.67
CA PHE D 138 -41.42 1.42 -7.94
C PHE D 138 -41.09 2.70 -7.17
N MET D 139 -39.93 2.72 -6.48
N MET D 139 -39.93 2.76 -6.50
CA MET D 139 -39.47 3.89 -5.75
CA MET D 139 -39.61 3.97 -5.75
C MET D 139 -39.23 5.06 -6.70
C MET D 139 -39.16 5.11 -6.67
N TRP D 140 -38.58 4.79 -7.83
CA TRP D 140 -38.36 5.82 -8.84
C TRP D 140 -39.67 6.41 -9.36
N TYR D 141 -40.66 5.54 -9.62
CA TYR D 141 -41.93 6.05 -10.13
C TYR D 141 -42.62 6.93 -9.11
N ARG D 142 -42.63 6.50 -7.86
CA ARG D 142 -43.20 7.29 -6.78
C ARG D 142 -42.45 8.61 -6.61
N SER D 143 -41.13 8.59 -6.76
CA SER D 143 -40.36 9.81 -6.66
C SER D 143 -40.72 10.82 -7.77
N LYS D 144 -41.02 10.32 -8.98
CA LYS D 144 -41.51 11.20 -10.04
C LYS D 144 -42.84 11.84 -9.65
N GLU D 145 -43.71 11.08 -8.99
CA GLU D 145 -45.03 11.61 -8.68
C GLU D 145 -45.01 12.58 -7.50
N ARG D 146 -44.14 12.38 -6.51
CA ARG D 146 -44.18 13.28 -5.36
C ARG D 146 -43.14 14.40 -5.46
N GLY D 147 -42.23 14.35 -6.43
CA GLY D 147 -41.25 15.38 -6.64
C GLY D 147 -40.55 15.78 -5.34
N GLU D 148 -40.66 17.05 -4.97
CA GLU D 148 -39.93 17.55 -3.82
C GLU D 148 -40.67 17.33 -2.49
N SER D 149 -41.90 16.81 -2.50
CA SER D 149 -42.59 16.50 -1.25
C SER D 149 -41.91 15.33 -0.54
N ALA D 150 -41.96 15.35 0.79
CA ALA D 150 -41.50 14.22 1.60
C ALA D 150 -42.56 13.12 1.64
N PHE D 151 -42.16 11.94 2.14
CA PHE D 151 -43.14 10.92 2.51
C PHE D 151 -44.22 11.54 3.38
N SER D 152 -45.48 11.32 3.01
CA SER D 152 -46.55 11.96 3.79
C SER D 152 -46.93 11.13 5.02
N LYS D 153 -47.62 11.79 5.96
CA LYS D 153 -48.07 11.11 7.17
C LYS D 153 -48.92 9.88 6.84
N GLU D 154 -49.89 10.05 5.94
CA GLU D 154 -50.77 8.94 5.56
C GLU D 154 -49.97 7.80 4.91
N GLU D 155 -49.01 8.14 4.04
CA GLU D 155 -48.20 7.10 3.41
C GLU D 155 -47.37 6.34 4.45
N LEU D 156 -46.77 7.06 5.41
CA LEU D 156 -45.96 6.37 6.41
C LEU D 156 -46.78 5.43 7.27
N GLU D 157 -48.04 5.79 7.54
CA GLU D 157 -48.89 4.95 8.39
C GLU D 157 -49.40 3.73 7.60
N THR D 158 -49.87 3.94 6.37
CA THR D 158 -50.52 2.85 5.65
C THR D 158 -49.51 1.81 5.16
N CYS D 159 -48.28 2.24 4.85
CA CYS D 159 -47.30 1.28 4.33
C CYS D 159 -46.97 0.22 5.36
N MET D 160 -47.05 0.57 6.65
CA MET D 160 -46.75 -0.41 7.69
C MET D 160 -47.84 -1.48 7.81
N ILE D 161 -49.04 -1.23 7.31
CA ILE D 161 -50.11 -2.22 7.37
C ILE D 161 -50.58 -2.62 5.98
N ASN D 162 -49.67 -2.54 5.00
CA ASN D 162 -49.92 -3.09 3.65
C ASN D 162 -51.08 -2.41 2.92
N GLN D 163 -51.26 -1.11 3.12
CA GLN D 163 -52.38 -0.42 2.50
C GLN D 163 -51.90 0.74 1.63
N ALA D 164 -52.70 1.05 0.61
CA ALA D 164 -52.54 2.29 -0.12
C ALA D 164 -52.88 3.47 0.80
N PRO D 165 -52.28 4.65 0.57
CA PRO D 165 -51.30 5.00 -0.48
C PRO D 165 -49.85 4.61 -0.16
N GLY D 166 -49.53 4.26 1.09
CA GLY D 166 -48.16 3.87 1.39
C GLY D 166 -47.65 2.76 0.48
N CYS D 167 -48.45 1.71 0.27
CA CYS D 167 -48.17 0.62 -0.65
C CYS D 167 -48.98 0.86 -1.90
N PRO D 168 -48.40 1.37 -2.98
CA PRO D 168 -49.20 1.73 -4.15
C PRO D 168 -49.60 0.48 -4.92
N ASP D 169 -50.55 0.66 -5.82
CA ASP D 169 -51.02 -0.44 -6.68
C ASP D 169 -50.32 -0.46 -8.03
N TYR D 170 -49.03 -0.09 -8.07
CA TYR D 170 -48.28 -0.12 -9.32
C TYR D 170 -48.10 -1.55 -9.83
N SER D 171 -47.88 -1.66 -11.13
CA SER D 171 -47.69 -2.95 -11.79
C SER D 171 -46.38 -2.96 -12.58
N ILE D 172 -45.87 -4.17 -12.86
CA ILE D 172 -44.78 -4.40 -13.81
C ILE D 172 -45.38 -5.19 -14.98
N LEU D 173 -45.19 -4.71 -16.19
CA LEU D 173 -45.71 -5.44 -17.35
C LEU D 173 -44.72 -6.51 -17.76
N SER D 174 -45.19 -7.73 -18.02
CA SER D 174 -44.33 -8.86 -18.38
C SER D 174 -44.96 -9.58 -19.58
N PHE D 175 -44.26 -10.58 -20.09
CA PHE D 175 -44.64 -11.23 -21.34
C PHE D 175 -44.98 -12.70 -21.12
N MET D 176 -46.07 -13.15 -21.75
CA MET D 176 -46.33 -14.57 -21.84
C MET D 176 -45.08 -15.31 -22.30
N GLY D 177 -44.82 -16.44 -21.66
CA GLY D 177 -43.61 -17.18 -21.91
C GLY D 177 -42.41 -16.73 -21.09
N ALA D 178 -42.53 -15.65 -20.31
CA ALA D 178 -41.36 -15.14 -19.59
C ALA D 178 -40.98 -16.05 -18.42
N PHE D 179 -39.72 -15.96 -18.01
CA PHE D 179 -39.29 -16.52 -16.74
C PHE D 179 -38.33 -15.54 -16.09
N HIS D 180 -38.68 -15.04 -14.90
CA HIS D 180 -37.88 -14.04 -14.19
C HIS D 180 -37.58 -14.43 -12.76
N GLY D 181 -38.01 -15.61 -12.31
CA GLY D 181 -37.69 -16.09 -10.99
C GLY D 181 -38.93 -16.57 -10.29
N ARG D 182 -38.75 -16.98 -9.05
CA ARG D 182 -39.82 -17.70 -8.39
C ARG D 182 -40.19 -17.20 -6.99
N THR D 183 -39.51 -16.18 -6.46
CA THR D 183 -40.07 -15.47 -5.33
C THR D 183 -41.33 -14.73 -5.81
N MET D 184 -42.14 -14.28 -4.86
CA MET D 184 -43.53 -14.00 -5.21
C MET D 184 -43.68 -12.80 -6.16
N GLY D 185 -42.77 -11.84 -6.10
CA GLY D 185 -42.82 -10.75 -7.06
C GLY D 185 -42.34 -11.19 -8.44
N CYS D 186 -41.16 -11.82 -8.49
CA CYS D 186 -40.67 -12.41 -9.74
C CYS D 186 -41.69 -13.33 -10.34
N LEU D 187 -42.31 -14.17 -9.51
CA LEU D 187 -43.25 -15.16 -10.02
C LEU D 187 -44.42 -14.50 -10.73
N ALA D 188 -44.88 -13.35 -10.25
CA ALA D 188 -46.00 -12.69 -10.91
C ALA D 188 -45.66 -12.25 -12.34
N THR D 189 -44.38 -12.00 -12.64
CA THR D 189 -43.98 -11.68 -14.00
C THR D 189 -43.54 -12.91 -14.80
N THR D 190 -43.63 -14.10 -14.22
CA THR D 190 -43.21 -15.34 -14.86
C THR D 190 -44.43 -16.06 -15.44
N HIS D 191 -44.35 -16.47 -16.71
CA HIS D 191 -45.47 -17.12 -17.40
C HIS D 191 -44.98 -18.26 -18.28
N SER D 192 -44.23 -19.17 -17.70
CA SER D 192 -43.49 -20.18 -18.45
C SER D 192 -44.21 -21.52 -18.46
N LYS D 193 -44.59 -22.02 -17.28
CA LYS D 193 -45.18 -23.35 -17.12
C LYS D 193 -46.11 -23.32 -15.94
N ALA D 194 -47.26 -23.99 -16.06
CA ALA D 194 -48.25 -24.01 -14.98
C ALA D 194 -47.66 -24.52 -13.67
N ILE D 195 -46.79 -25.53 -13.72
CA ILE D 195 -46.28 -26.10 -12.48
C ILE D 195 -45.49 -25.07 -11.67
N HIS D 196 -44.94 -24.04 -12.33
CA HIS D 196 -44.25 -22.98 -11.59
C HIS D 196 -45.21 -22.06 -10.85
N LYS D 197 -46.47 -22.01 -11.28
CA LYS D 197 -47.40 -20.97 -10.88
C LYS D 197 -48.58 -21.46 -10.06
N ILE D 198 -49.03 -22.71 -10.23
CA ILE D 198 -50.32 -23.11 -9.70
C ILE D 198 -50.27 -23.16 -8.17
N ASP D 199 -51.36 -22.73 -7.54
CA ASP D 199 -51.57 -22.64 -6.08
C ASP D 199 -50.81 -21.51 -5.37
N ILE D 200 -50.16 -20.60 -6.09
CA ILE D 200 -49.41 -19.49 -5.48
C ILE D 200 -50.19 -18.20 -5.69
N PRO D 201 -50.49 -17.43 -4.64
CA PRO D 201 -51.07 -16.09 -4.83
C PRO D 201 -50.18 -15.21 -5.71
N SER D 202 -50.82 -14.30 -6.44
CA SER D 202 -50.14 -13.51 -7.47
C SER D 202 -50.61 -12.07 -7.40
N PHE D 203 -50.18 -11.28 -8.39
CA PHE D 203 -50.55 -9.89 -8.59
C PHE D 203 -51.28 -9.74 -9.91
N ASP D 204 -52.32 -8.89 -9.93
CA ASP D 204 -53.01 -8.57 -11.18
C ASP D 204 -52.19 -7.51 -11.91
N TRP D 205 -51.20 -7.97 -12.66
CA TRP D 205 -50.33 -7.13 -13.46
C TRP D 205 -50.48 -7.48 -14.95
N PRO D 206 -50.30 -6.52 -15.87
CA PRO D 206 -50.56 -6.81 -17.29
C PRO D 206 -49.54 -7.79 -17.88
N ILE D 207 -50.05 -8.63 -18.77
CA ILE D 207 -49.29 -9.70 -19.42
C ILE D 207 -49.49 -9.57 -20.92
N ALA D 208 -48.45 -9.28 -21.63
CA ALA D 208 -48.49 -9.07 -23.05
C ALA D 208 -48.02 -10.32 -23.80
N PRO D 209 -48.47 -10.52 -25.04
CA PRO D 209 -47.91 -11.62 -25.85
C PRO D 209 -46.51 -11.29 -26.33
N PHE D 210 -45.63 -12.30 -26.31
CA PHE D 210 -44.31 -12.22 -26.93
C PHE D 210 -44.40 -12.77 -28.35
N PRO D 211 -43.71 -12.16 -29.31
CA PRO D 211 -43.81 -12.59 -30.70
C PRO D 211 -43.51 -14.08 -30.86
N ARG D 212 -44.27 -14.72 -31.74
CA ARG D 212 -44.01 -16.11 -32.11
CA ARG D 212 -44.04 -16.11 -32.12
C ARG D 212 -43.56 -16.12 -33.58
N LEU D 213 -42.25 -16.21 -33.77
CA LEU D 213 -41.70 -16.15 -35.12
C LEU D 213 -41.98 -17.42 -35.89
N LYS D 214 -42.12 -17.26 -37.21
CA LYS D 214 -42.27 -18.38 -38.13
C LYS D 214 -40.96 -18.62 -38.87
N TYR D 215 -40.60 -19.89 -38.99
CA TYR D 215 -39.34 -20.29 -39.57
C TYR D 215 -39.56 -21.08 -40.87
N PRO D 216 -38.67 -20.98 -41.85
CA PRO D 216 -37.42 -20.20 -41.84
C PRO D 216 -37.70 -18.71 -41.88
N LEU D 217 -36.85 -17.92 -41.21
CA LEU D 217 -37.11 -16.49 -41.10
C LEU D 217 -37.21 -15.83 -42.48
N GLU D 218 -36.37 -16.27 -43.43
CA GLU D 218 -36.29 -15.64 -44.74
C GLU D 218 -37.57 -15.82 -45.56
N GLU D 219 -38.39 -16.82 -45.25
CA GLU D 219 -39.64 -17.02 -45.95
C GLU D 219 -40.80 -16.30 -45.29
N PHE D 220 -40.62 -15.75 -44.09
CA PHE D 220 -41.76 -15.23 -43.35
C PHE D 220 -41.50 -13.81 -42.87
N VAL D 221 -40.79 -13.02 -43.68
CA VAL D 221 -40.40 -11.67 -43.26
C VAL D 221 -41.63 -10.83 -42.97
N LYS D 222 -42.56 -10.76 -43.92
CA LYS D 222 -43.75 -9.93 -43.74
C LYS D 222 -44.61 -10.44 -42.59
N GLU D 223 -44.80 -11.76 -42.52
CA GLU D 223 -45.62 -12.32 -41.45
C GLU D 223 -44.99 -12.09 -40.08
N ASN D 224 -43.66 -12.21 -39.99
CA ASN D 224 -43.00 -11.99 -38.70
C ASN D 224 -43.04 -10.52 -38.31
N GLN D 225 -42.89 -9.60 -39.27
CA GLN D 225 -43.06 -8.18 -38.98
C GLN D 225 -44.44 -7.87 -38.44
N GLN D 226 -45.47 -8.47 -39.01
CA GLN D 226 -46.83 -8.17 -38.54
C GLN D 226 -47.07 -8.77 -37.16
N GLU D 227 -46.48 -9.94 -36.89
CA GLU D 227 -46.59 -10.56 -35.57
C GLU D 227 -45.95 -9.68 -34.51
N GLU D 228 -44.79 -9.11 -34.82
CA GLU D 228 -44.10 -8.26 -33.87
C GLU D 228 -44.83 -6.93 -33.69
N ALA D 229 -45.37 -6.36 -34.77
CA ALA D 229 -46.16 -5.14 -34.63
C ALA D 229 -47.40 -5.38 -33.77
N ARG D 230 -48.08 -6.52 -33.98
N ARG D 230 -48.06 -6.54 -33.94
CA ARG D 230 -49.25 -6.84 -33.16
CA ARG D 230 -49.27 -6.82 -33.16
C ARG D 230 -48.90 -6.85 -31.68
C ARG D 230 -48.96 -6.95 -31.67
N CYS D 231 -47.81 -7.51 -31.32
CA CYS D 231 -47.45 -7.62 -29.91
C CYS D 231 -47.12 -6.26 -29.32
N LEU D 232 -46.32 -5.45 -30.05
CA LEU D 232 -46.03 -4.09 -29.60
C LEU D 232 -47.31 -3.29 -29.38
N GLU D 233 -48.29 -3.46 -30.28
CA GLU D 233 -49.58 -2.79 -30.11
CA GLU D 233 -49.57 -2.79 -30.11
C GLU D 233 -50.25 -3.22 -28.82
N GLU D 234 -50.25 -4.54 -28.54
CA GLU D 234 -50.91 -5.00 -27.33
C GLU D 234 -50.19 -4.53 -26.07
N VAL D 235 -48.87 -4.34 -26.14
CA VAL D 235 -48.14 -3.77 -25.00
C VAL D 235 -48.68 -2.37 -24.69
N GLU D 236 -48.76 -1.51 -25.72
CA GLU D 236 -49.23 -0.15 -25.51
C GLU D 236 -50.65 -0.12 -24.98
N ASP D 237 -51.54 -0.91 -25.59
CA ASP D 237 -52.92 -0.97 -25.12
C ASP D 237 -52.98 -1.40 -23.66
N LEU D 238 -52.10 -2.31 -23.25
CA LEU D 238 -52.10 -2.76 -21.86
C LEU D 238 -51.62 -1.67 -20.91
N ILE D 239 -50.61 -0.90 -21.32
CA ILE D 239 -50.13 0.18 -20.48
C ILE D 239 -51.26 1.20 -20.26
N VAL D 240 -51.98 1.53 -21.33
CA VAL D 240 -53.05 2.51 -21.24
C VAL D 240 -54.20 1.96 -20.40
N LYS D 241 -54.55 0.70 -20.60
CA LYS D 241 -55.62 0.10 -19.83
C LYS D 241 -55.29 0.11 -18.34
N TYR D 242 -54.08 -0.31 -17.99
CA TYR D 242 -53.77 -0.46 -16.57
C TYR D 242 -53.62 0.89 -15.88
N ARG D 243 -53.22 1.94 -16.62
CA ARG D 243 -53.28 3.27 -16.04
C ARG D 243 -54.73 3.64 -15.68
N LYS D 244 -55.68 3.28 -16.55
CA LYS D 244 -57.08 3.59 -16.25
C LYS D 244 -57.64 2.74 -15.12
N LYS D 245 -57.08 1.53 -14.90
CA LYS D 245 -57.43 0.73 -13.73
C LYS D 245 -56.80 1.26 -12.43
N LYS D 246 -56.08 2.37 -12.49
CA LYS D 246 -55.29 2.87 -11.37
C LYS D 246 -54.24 1.85 -10.92
N LYS D 247 -53.72 1.07 -11.87
CA LYS D 247 -52.66 0.11 -11.60
C LYS D 247 -51.49 0.42 -12.51
N THR D 248 -51.01 1.66 -12.44
CA THR D 248 -50.07 2.20 -13.41
C THR D 248 -48.85 1.31 -13.59
N VAL D 249 -48.49 1.08 -14.85
CA VAL D 249 -47.31 0.29 -15.20
C VAL D 249 -46.07 1.13 -14.90
N ALA D 250 -45.34 0.77 -13.83
CA ALA D 250 -44.12 1.51 -13.53
C ALA D 250 -42.93 1.04 -14.37
N GLY D 251 -42.92 -0.25 -14.79
CA GLY D 251 -41.82 -0.81 -15.56
C GLY D 251 -42.28 -1.94 -16.45
N ILE D 252 -41.48 -2.22 -17.48
CA ILE D 252 -41.65 -3.38 -18.36
C ILE D 252 -40.41 -4.25 -18.18
N ILE D 253 -40.61 -5.54 -17.89
CA ILE D 253 -39.48 -6.48 -17.81
C ILE D 253 -39.53 -7.40 -19.03
N VAL D 254 -38.37 -7.67 -19.63
CA VAL D 254 -38.30 -8.61 -20.75
C VAL D 254 -36.91 -9.22 -20.79
N GLU D 255 -36.83 -10.47 -21.26
CA GLU D 255 -35.59 -11.18 -21.63
C GLU D 255 -35.25 -10.92 -23.09
N PRO D 256 -33.97 -10.68 -23.43
CA PRO D 256 -33.62 -10.54 -24.86
C PRO D 256 -33.92 -11.79 -25.68
N ILE D 257 -33.92 -12.96 -25.04
CA ILE D 257 -34.39 -14.23 -25.60
C ILE D 257 -35.07 -14.97 -24.46
N GLN D 258 -36.33 -15.37 -24.64
CA GLN D 258 -37.04 -16.06 -23.55
C GLN D 258 -36.54 -17.49 -23.43
N SER D 259 -36.03 -17.88 -22.27
CA SER D 259 -35.37 -19.20 -22.20
C SER D 259 -36.33 -20.29 -21.74
N GLU D 260 -36.74 -20.26 -20.47
CA GLU D 260 -37.55 -21.35 -19.94
C GLU D 260 -38.87 -21.50 -20.69
N GLY D 261 -39.38 -20.40 -21.24
CA GLY D 261 -40.61 -20.43 -22.00
C GLY D 261 -40.50 -21.05 -23.39
N GLY D 262 -39.31 -21.42 -23.83
CA GLY D 262 -39.15 -22.13 -25.10
C GLY D 262 -38.22 -21.50 -26.12
N ASP D 263 -37.15 -20.85 -25.66
CA ASP D 263 -36.21 -20.12 -26.53
C ASP D 263 -36.94 -19.34 -27.62
N ASN D 264 -37.74 -18.37 -27.19
CA ASN D 264 -38.48 -17.52 -28.11
C ASN D 264 -37.65 -16.29 -28.44
N HIS D 265 -37.45 -16.06 -29.74
CA HIS D 265 -36.68 -14.94 -30.23
C HIS D 265 -37.63 -13.89 -30.81
N ALA D 266 -37.13 -12.66 -30.92
CA ALA D 266 -37.79 -11.58 -31.62
C ALA D 266 -36.69 -10.76 -32.28
N SER D 267 -37.06 -9.91 -33.23
CA SER D 267 -36.04 -9.17 -33.96
C SER D 267 -35.44 -8.06 -33.09
N ASP D 268 -34.23 -7.63 -33.46
CA ASP D 268 -33.65 -6.47 -32.80
C ASP D 268 -34.56 -5.26 -32.94
N ASP D 269 -35.21 -5.12 -34.10
CA ASP D 269 -36.17 -4.05 -34.34
C ASP D 269 -37.31 -4.08 -33.32
N PHE D 270 -37.82 -5.27 -32.99
CA PHE D 270 -38.85 -5.39 -31.97
C PHE D 270 -38.39 -4.78 -30.64
N PHE D 271 -37.18 -5.11 -30.20
CA PHE D 271 -36.72 -4.63 -28.89
C PHE D 271 -36.45 -3.13 -28.91
N ARG D 272 -35.92 -2.59 -30.02
CA ARG D 272 -35.71 -1.14 -30.08
C ARG D 272 -37.03 -0.41 -29.98
N LYS D 273 -38.07 -0.94 -30.64
CA LYS D 273 -39.39 -0.36 -30.59
C LYS D 273 -40.03 -0.54 -29.23
N LEU D 274 -39.83 -1.70 -28.59
CA LEU D 274 -40.38 -1.87 -27.25
C LEU D 274 -39.74 -0.89 -26.28
N ARG D 275 -38.43 -0.71 -26.39
CA ARG D 275 -37.72 0.26 -25.56
CA ARG D 275 -37.75 0.25 -25.53
C ARG D 275 -38.29 1.66 -25.72
N ASP D 276 -38.59 2.05 -26.95
CA ASP D 276 -39.17 3.37 -27.21
C ASP D 276 -40.55 3.50 -26.60
N ILE D 277 -41.36 2.45 -26.71
CA ILE D 277 -42.68 2.45 -26.08
C ILE D 277 -42.56 2.66 -24.57
N SER D 278 -41.63 1.94 -23.94
CA SER D 278 -41.43 2.09 -22.51
C SER D 278 -41.16 3.54 -22.15
N ARG D 279 -40.20 4.15 -22.84
CA ARG D 279 -39.86 5.54 -22.58
C ARG D 279 -41.06 6.45 -22.80
N LYS D 280 -41.80 6.20 -23.89
CA LYS D 280 -42.91 7.06 -24.26
C LYS D 280 -43.97 7.12 -23.17
N HIS D 281 -44.20 5.99 -22.48
CA HIS D 281 -45.19 5.94 -21.41
C HIS D 281 -44.60 6.12 -20.01
N GLY D 282 -43.34 6.56 -19.91
CA GLY D 282 -42.78 6.78 -18.59
C GLY D 282 -42.51 5.52 -17.78
N CYS D 283 -42.47 4.36 -18.43
CA CYS D 283 -42.14 3.09 -17.79
C CYS D 283 -40.63 2.85 -17.81
N ALA D 284 -40.10 2.34 -16.70
CA ALA D 284 -38.71 1.89 -16.67
C ALA D 284 -38.58 0.65 -17.54
N PHE D 285 -37.53 0.59 -18.36
CA PHE D 285 -37.32 -0.59 -19.20
C PHE D 285 -36.30 -1.49 -18.51
N LEU D 286 -36.75 -2.66 -18.05
CA LEU D 286 -35.91 -3.59 -17.28
C LEU D 286 -35.58 -4.78 -18.17
N VAL D 287 -34.30 -4.94 -18.50
CA VAL D 287 -33.86 -6.07 -19.32
C VAL D 287 -33.26 -7.14 -18.41
N ASP D 288 -33.84 -8.32 -18.46
CA ASP D 288 -33.42 -9.44 -17.60
C ASP D 288 -32.40 -10.25 -18.40
N GLU D 289 -31.11 -10.10 -18.05
CA GLU D 289 -30.04 -10.83 -18.70
C GLU D 289 -29.49 -11.96 -17.83
N VAL D 290 -30.27 -12.39 -16.81
CA VAL D 290 -29.81 -13.49 -15.96
C VAL D 290 -29.36 -14.69 -16.79
N GLN D 291 -30.08 -15.00 -17.86
CA GLN D 291 -29.63 -16.15 -18.65
C GLN D 291 -28.91 -15.77 -19.94
N THR D 292 -29.23 -14.65 -20.56
CA THR D 292 -28.55 -14.33 -21.81
C THR D 292 -27.19 -13.69 -21.58
N GLY D 293 -26.94 -13.15 -20.37
CA GLY D 293 -25.73 -12.40 -20.12
C GLY D 293 -24.52 -13.28 -19.91
N GLY D 294 -23.36 -12.72 -20.19
CA GLY D 294 -22.11 -13.43 -20.02
C GLY D 294 -21.49 -14.02 -21.26
N GLY D 295 -22.02 -13.73 -22.46
CA GLY D 295 -21.24 -13.87 -23.68
C GLY D 295 -21.69 -14.92 -24.70
N SER D 296 -22.60 -15.83 -24.35
CA SER D 296 -22.93 -16.93 -25.25
C SER D 296 -23.57 -16.45 -26.55
N THR D 297 -24.24 -15.30 -26.55
CA THR D 297 -24.80 -14.86 -27.82
C THR D 297 -23.79 -14.19 -28.71
N GLY D 298 -22.53 -14.13 -28.29
CA GLY D 298 -21.47 -13.50 -29.06
C GLY D 298 -21.17 -12.06 -28.71
N LYS D 299 -22.00 -11.42 -27.88
CA LYS D 299 -21.68 -10.19 -27.19
C LYS D 299 -21.86 -10.43 -25.69
N PHE D 300 -21.19 -9.62 -24.86
CA PHE D 300 -21.24 -9.89 -23.43
C PHE D 300 -22.67 -9.86 -22.93
N TRP D 301 -23.42 -8.82 -23.29
CA TRP D 301 -24.84 -8.77 -23.00
C TRP D 301 -25.59 -8.92 -24.30
N ALA D 302 -26.67 -9.71 -24.28
CA ALA D 302 -27.42 -9.95 -25.51
C ALA D 302 -28.06 -8.67 -26.04
N HIS D 303 -28.45 -7.76 -25.15
CA HIS D 303 -29.06 -6.53 -25.63
C HIS D 303 -28.08 -5.71 -26.46
N GLU D 304 -26.77 -5.99 -26.36
CA GLU D 304 -25.82 -5.21 -27.17
C GLU D 304 -26.09 -5.39 -28.67
N HIS D 305 -26.69 -6.52 -29.06
CA HIS D 305 -27.04 -6.71 -30.46
C HIS D 305 -28.06 -5.69 -30.95
N TRP D 306 -28.79 -5.04 -30.04
CA TRP D 306 -29.76 -4.06 -30.50
C TRP D 306 -29.10 -2.79 -31.03
N GLY D 307 -27.81 -2.58 -30.71
CA GLY D 307 -27.09 -1.38 -31.12
C GLY D 307 -27.62 -0.06 -30.61
N LEU D 308 -28.08 0.00 -29.37
CA LEU D 308 -28.60 1.23 -28.80
C LEU D 308 -27.60 1.88 -27.85
N ASP D 309 -27.49 3.20 -27.93
CA ASP D 309 -26.76 3.93 -26.90
C ASP D 309 -27.54 4.01 -25.59
N ASP D 310 -28.86 3.85 -25.63
CA ASP D 310 -29.71 3.92 -24.43
C ASP D 310 -30.54 2.64 -24.38
N PRO D 311 -29.92 1.49 -24.08
CA PRO D 311 -30.62 0.21 -24.30
C PRO D 311 -31.71 -0.08 -23.29
N ALA D 312 -31.61 0.45 -22.07
CA ALA D 312 -32.52 0.08 -20.99
C ALA D 312 -32.25 1.01 -19.80
N ASP D 313 -33.16 1.00 -18.83
CA ASP D 313 -32.95 1.73 -17.59
C ASP D 313 -32.28 0.89 -16.50
N VAL D 314 -32.60 -0.40 -16.47
CA VAL D 314 -32.12 -1.35 -15.48
C VAL D 314 -31.80 -2.64 -16.21
N MET D 315 -30.74 -3.33 -15.78
CA MET D 315 -30.40 -4.63 -16.34
C MET D 315 -29.96 -5.56 -15.23
N THR D 316 -30.68 -6.66 -15.05
CA THR D 316 -30.34 -7.69 -14.06
C THR D 316 -29.47 -8.78 -14.67
N PHE D 317 -28.72 -9.45 -13.80
CA PHE D 317 -27.79 -10.48 -14.22
C PHE D 317 -27.60 -11.47 -13.08
N SER D 318 -27.05 -12.65 -13.42
CA SER D 318 -26.70 -13.69 -12.44
C SER D 318 -26.04 -14.85 -13.19
N LYS D 319 -26.20 -16.08 -12.71
CA LYS D 319 -25.74 -17.29 -13.38
C LYS D 319 -24.27 -17.22 -13.82
N LYS D 320 -23.98 -17.01 -15.11
CA LYS D 320 -22.57 -16.96 -15.53
C LYS D 320 -21.80 -15.87 -14.82
N MET D 321 -22.47 -14.84 -14.34
CA MET D 321 -21.76 -13.76 -13.66
C MET D 321 -21.39 -14.11 -12.22
N MET D 322 -21.68 -15.34 -11.76
N MET D 322 -21.77 -15.30 -11.75
CA MET D 322 -21.25 -15.84 -10.46
CA MET D 322 -21.36 -15.89 -10.48
C MET D 322 -22.04 -15.17 -9.34
C MET D 322 -21.99 -15.18 -9.29
N THR D 323 -22.04 -13.85 -9.32
CA THR D 323 -22.91 -13.06 -8.45
C THR D 323 -24.11 -12.56 -9.25
N GLY D 324 -25.19 -12.23 -8.53
CA GLY D 324 -26.28 -11.47 -9.12
C GLY D 324 -26.09 -9.96 -8.92
N GLY D 325 -27.09 -9.21 -9.37
CA GLY D 325 -27.07 -7.77 -9.24
C GLY D 325 -27.83 -7.12 -10.38
N PHE D 326 -27.78 -5.80 -10.40
CA PHE D 326 -28.35 -5.08 -11.53
C PHE D 326 -27.63 -3.75 -11.73
N PHE D 327 -27.34 -3.46 -12.99
CA PHE D 327 -26.90 -2.13 -13.38
C PHE D 327 -28.12 -1.25 -13.55
N HIS D 328 -27.94 0.06 -13.38
CA HIS D 328 -29.04 0.97 -13.68
C HIS D 328 -28.54 2.38 -13.94
N LYS D 329 -29.44 3.16 -14.54
CA LYS D 329 -29.19 4.57 -14.79
CA LYS D 329 -29.19 4.57 -14.79
C LYS D 329 -29.14 5.35 -13.48
N GLU D 330 -28.36 6.42 -13.50
CA GLU D 330 -28.20 7.29 -12.34
C GLU D 330 -29.54 7.77 -11.79
N GLU D 331 -30.49 8.09 -12.67
CA GLU D 331 -31.75 8.60 -12.15
C GLU D 331 -32.57 7.56 -11.38
N PHE D 332 -32.20 6.27 -11.41
CA PHE D 332 -32.85 5.27 -10.57
C PHE D 332 -32.15 5.05 -9.24
N ARG D 333 -31.07 5.75 -8.99
CA ARG D 333 -30.38 5.68 -7.70
C ARG D 333 -31.32 6.08 -6.56
N PRO D 334 -31.54 5.22 -5.59
CA PRO D 334 -32.39 5.62 -4.46
C PRO D 334 -31.72 6.75 -3.69
N ASN D 335 -32.52 7.73 -3.27
CA ASN D 335 -31.88 8.82 -2.57
C ASN D 335 -31.86 8.62 -1.07
N ALA D 336 -32.49 7.55 -0.56
CA ALA D 336 -32.38 7.17 0.83
C ALA D 336 -31.79 5.77 0.96
N PRO D 337 -30.93 5.53 1.95
CA PRO D 337 -30.40 4.19 2.17
C PRO D 337 -31.42 3.31 2.87
N TYR D 338 -31.11 2.01 2.95
CA TYR D 338 -31.94 1.00 3.61
C TYR D 338 -33.25 0.70 2.87
N ARG D 339 -33.42 1.19 1.64
CA ARG D 339 -34.60 0.85 0.85
C ARG D 339 -34.34 -0.35 -0.07
N ILE D 340 -33.17 -0.38 -0.71
CA ILE D 340 -32.67 -1.53 -1.44
C ILE D 340 -31.53 -2.09 -0.61
N PHE D 341 -31.74 -3.24 0.04
CA PHE D 341 -30.81 -3.66 1.08
C PHE D 341 -31.15 -5.08 1.52
N ASN D 342 -30.13 -5.87 1.82
CA ASN D 342 -30.33 -7.09 2.62
C ASN D 342 -29.00 -7.43 3.30
N THR D 343 -28.94 -8.60 3.95
CA THR D 343 -27.77 -8.90 4.78
C THR D 343 -26.49 -8.93 3.96
N TRP D 344 -26.48 -9.69 2.88
CA TRP D 344 -25.24 -10.02 2.22
C TRP D 344 -25.01 -9.28 0.91
N LEU D 345 -26.07 -8.98 0.16
CA LEU D 345 -25.96 -8.23 -1.09
C LEU D 345 -24.95 -8.89 -2.04
N GLY D 346 -25.04 -10.22 -2.15
CA GLY D 346 -24.05 -10.96 -2.89
C GLY D 346 -23.04 -11.64 -1.99
N ASP D 347 -21.80 -11.71 -2.46
CA ASP D 347 -20.74 -12.41 -1.76
C ASP D 347 -19.40 -12.07 -2.43
N PRO D 348 -18.46 -11.45 -1.71
CA PRO D 348 -17.20 -11.02 -2.36
C PRO D 348 -16.40 -12.15 -2.93
N SER D 349 -16.59 -13.38 -2.45
CA SER D 349 -15.88 -14.50 -3.03
C SER D 349 -16.28 -14.73 -4.48
N LYS D 350 -17.56 -14.54 -4.80
CA LYS D 350 -17.98 -14.64 -6.20
C LYS D 350 -17.39 -13.51 -7.02
N ASN D 351 -17.23 -12.32 -6.43
CA ASN D 351 -16.63 -11.22 -7.18
C ASN D 351 -15.18 -11.52 -7.52
N LEU D 352 -14.47 -12.15 -6.57
CA LEU D 352 -13.09 -12.58 -6.82
C LEU D 352 -13.01 -13.52 -8.00
N LEU D 353 -13.85 -14.56 -8.02
CA LEU D 353 -13.85 -15.49 -9.14
C LEU D 353 -14.23 -14.78 -10.43
N LEU D 354 -15.26 -13.92 -10.39
CA LEU D 354 -15.73 -13.31 -11.62
C LEU D 354 -14.65 -12.45 -12.27
N ALA D 355 -13.82 -11.79 -11.47
CA ALA D 355 -12.78 -10.94 -12.06
C ALA D 355 -11.83 -11.77 -12.90
N GLU D 356 -11.49 -12.96 -12.43
CA GLU D 356 -10.64 -13.83 -13.21
C GLU D 356 -11.38 -14.38 -14.42
N VAL D 357 -12.65 -14.75 -14.25
CA VAL D 357 -13.46 -15.21 -15.37
C VAL D 357 -13.50 -14.16 -16.47
N ILE D 358 -13.74 -12.89 -16.11
CA ILE D 358 -13.81 -11.83 -17.10
C ILE D 358 -12.45 -11.61 -17.75
N ASN D 359 -11.37 -11.77 -16.99
CA ASN D 359 -10.04 -11.67 -17.59
C ASN D 359 -9.83 -12.78 -18.62
N ILE D 360 -10.29 -13.99 -18.32
CA ILE D 360 -10.13 -15.09 -19.27
C ILE D 360 -10.99 -14.87 -20.50
N ILE D 361 -12.24 -14.42 -20.32
CA ILE D 361 -13.12 -14.16 -21.46
C ILE D 361 -12.47 -13.15 -22.41
N LYS D 362 -11.88 -12.09 -21.88
CA LYS D 362 -11.21 -11.08 -22.72
C LYS D 362 -9.96 -11.64 -23.39
N ARG D 363 -9.06 -12.25 -22.61
CA ARG D 363 -7.76 -12.64 -23.13
C ARG D 363 -7.89 -13.78 -24.15
N GLU D 364 -8.81 -14.70 -23.92
CA GLU D 364 -9.02 -15.81 -24.84
C GLU D 364 -10.04 -15.48 -25.93
N ASP D 365 -10.48 -14.23 -26.03
CA ASP D 365 -11.37 -13.80 -27.11
C ASP D 365 -12.64 -14.66 -27.13
N LEU D 366 -13.18 -14.98 -25.95
CA LEU D 366 -14.26 -15.96 -25.88
C LEU D 366 -15.60 -15.44 -26.42
N LEU D 367 -15.79 -14.12 -26.52
CA LEU D 367 -17.02 -13.62 -27.13
C LEU D 367 -17.06 -13.96 -28.61
N SER D 368 -15.96 -13.69 -29.34
CA SER D 368 -15.88 -14.06 -30.74
C SER D 368 -15.94 -15.57 -30.92
N ASN D 369 -15.33 -16.32 -30.00
CA ASN D 369 -15.41 -17.77 -30.09
C ASN D 369 -16.85 -18.26 -30.03
N ALA D 370 -17.63 -17.71 -29.10
CA ALA D 370 -19.03 -18.11 -29.01
C ALA D 370 -19.79 -17.81 -30.29
N ALA D 371 -19.53 -16.66 -30.91
CA ALA D 371 -20.17 -16.36 -32.18
C ALA D 371 -19.81 -17.42 -33.23
N HIS D 372 -18.54 -17.85 -33.24
CA HIS D 372 -18.05 -18.79 -34.24
C HIS D 372 -18.54 -20.21 -33.95
N ALA D 373 -18.37 -20.68 -32.71
CA ALA D 373 -18.83 -22.03 -32.39
C ALA D 373 -20.34 -22.12 -32.49
N GLY D 374 -21.04 -21.04 -32.15
CA GLY D 374 -22.49 -21.06 -32.30
C GLY D 374 -22.90 -21.16 -33.76
N LYS D 375 -22.17 -20.46 -34.63
CA LYS D 375 -22.47 -20.51 -36.06
C LYS D 375 -22.26 -21.90 -36.62
N VAL D 376 -21.15 -22.56 -36.24
CA VAL D 376 -20.92 -23.93 -36.66
C VAL D 376 -22.04 -24.84 -36.16
N LEU D 377 -22.38 -24.71 -34.89
CA LEU D 377 -23.45 -25.53 -34.32
C LEU D 377 -24.77 -25.29 -35.06
N LEU D 378 -25.12 -24.02 -35.28
CA LEU D 378 -26.41 -23.76 -35.92
C LEU D 378 -26.41 -24.25 -37.37
N THR D 379 -25.31 -24.06 -38.11
CA THR D 379 -25.19 -24.62 -39.44
C THR D 379 -25.45 -26.13 -39.45
N GLY D 380 -24.87 -26.85 -38.49
CA GLY D 380 -25.11 -28.28 -38.39
C GLY D 380 -26.55 -28.62 -38.01
N LEU D 381 -27.14 -27.84 -37.09
CA LEU D 381 -28.54 -28.10 -36.74
C LEU D 381 -29.45 -27.89 -37.94
N LEU D 382 -29.16 -26.89 -38.78
CA LEU D 382 -29.98 -26.64 -39.97
C LEU D 382 -29.88 -27.82 -40.94
N ASP D 383 -28.69 -28.40 -41.08
CA ASP D 383 -28.55 -29.57 -41.93
C ASP D 383 -29.34 -30.76 -41.38
N LEU D 384 -29.30 -30.96 -40.07
CA LEU D 384 -30.07 -32.05 -39.49
C LEU D 384 -31.57 -31.81 -39.65
N GLN D 385 -32.00 -30.54 -39.55
CA GLN D 385 -33.41 -30.23 -39.76
C GLN D 385 -33.84 -30.55 -41.20
N ALA D 386 -32.99 -30.29 -42.18
CA ALA D 386 -33.37 -30.62 -43.56
C ALA D 386 -33.41 -32.12 -43.78
N ARG D 387 -32.56 -32.88 -43.10
CA ARG D 387 -32.53 -34.32 -43.26
C ARG D 387 -33.56 -35.05 -42.40
N TYR D 388 -34.12 -34.40 -41.36
CA TYR D 388 -35.05 -35.06 -40.44
C TYR D 388 -36.21 -34.15 -40.07
N PRO D 389 -37.01 -33.75 -41.06
CA PRO D 389 -38.19 -32.91 -40.75
C PRO D 389 -39.21 -33.59 -39.84
N GLN D 390 -39.16 -34.90 -39.69
CA GLN D 390 -40.09 -35.57 -38.81
C GLN D 390 -39.69 -35.45 -37.33
N PHE D 391 -38.53 -34.91 -37.05
CA PHE D 391 -38.05 -34.80 -35.67
C PHE D 391 -37.62 -33.40 -35.27
N ILE D 392 -37.26 -32.54 -36.23
CA ILE D 392 -36.58 -31.29 -35.97
CA ILE D 392 -36.59 -31.29 -35.96
C ILE D 392 -37.30 -30.18 -36.71
N SER D 393 -37.69 -29.13 -36.00
CA SER D 393 -38.30 -27.95 -36.60
C SER D 393 -37.85 -26.70 -35.85
N ARG D 394 -37.96 -25.56 -36.55
CA ARG D 394 -37.77 -24.24 -35.95
C ARG D 394 -36.37 -24.08 -35.36
N VAL D 395 -35.36 -24.61 -36.04
CA VAL D 395 -33.98 -24.38 -35.59
C VAL D 395 -33.70 -22.88 -35.54
N ARG D 396 -33.09 -22.42 -34.44
CA ARG D 396 -32.97 -21.00 -34.17
C ARG D 396 -31.85 -20.78 -33.16
N GLY D 397 -31.27 -19.59 -33.17
CA GLY D 397 -30.31 -19.29 -32.13
C GLY D 397 -29.51 -18.04 -32.44
N ARG D 398 -28.71 -17.66 -31.47
CA ARG D 398 -27.80 -16.52 -31.62
C ARG D 398 -26.57 -16.87 -30.83
N GLY D 399 -25.41 -16.86 -31.48
CA GLY D 399 -24.25 -17.40 -30.78
C GLY D 399 -24.47 -18.87 -30.49
N THR D 400 -23.99 -19.32 -29.33
CA THR D 400 -24.29 -20.69 -28.96
C THR D 400 -25.64 -20.85 -28.29
N PHE D 401 -26.42 -19.76 -28.16
CA PHE D 401 -27.74 -19.81 -27.53
C PHE D 401 -28.75 -20.36 -28.54
N CYS D 402 -28.73 -21.68 -28.76
CA CYS D 402 -29.47 -22.32 -29.84
C CYS D 402 -30.57 -23.24 -29.30
N SER D 403 -31.48 -23.63 -30.19
N SER D 403 -31.48 -23.62 -30.19
CA SER D 403 -32.58 -24.48 -29.80
CA SER D 403 -32.60 -24.47 -29.79
C SER D 403 -33.27 -25.03 -31.05
C SER D 403 -33.29 -25.01 -31.04
N PHE D 404 -34.07 -26.07 -30.84
CA PHE D 404 -34.97 -26.52 -31.89
C PHE D 404 -36.15 -27.20 -31.20
N ASP D 405 -37.24 -27.35 -31.95
CA ASP D 405 -38.43 -28.04 -31.45
C ASP D 405 -38.47 -29.47 -31.97
N THR D 406 -39.07 -30.34 -31.18
CA THR D 406 -39.42 -31.70 -31.58
C THR D 406 -40.94 -31.78 -31.66
N PRO D 407 -41.48 -32.86 -32.23
CA PRO D 407 -42.95 -32.88 -32.44
C PRO D 407 -43.72 -32.91 -31.14
N ASP D 408 -43.18 -33.48 -30.05
CA ASP D 408 -43.93 -33.44 -28.80
C ASP D 408 -42.99 -33.73 -27.63
N GLU D 409 -43.56 -33.66 -26.43
CA GLU D 409 -42.78 -33.73 -25.21
C GLU D 409 -42.14 -35.09 -25.03
N SER D 410 -42.87 -36.16 -25.35
CA SER D 410 -42.31 -37.50 -25.15
C SER D 410 -41.11 -37.76 -26.06
N ILE D 411 -41.17 -37.30 -27.31
CA ILE D 411 -40.02 -37.39 -28.20
C ILE D 411 -38.87 -36.53 -27.70
N ARG D 412 -39.18 -35.32 -27.23
CA ARG D 412 -38.15 -34.45 -26.67
C ARG D 412 -37.39 -35.17 -25.56
N ASN D 413 -38.12 -35.79 -24.64
CA ASN D 413 -37.47 -36.43 -23.50
C ASN D 413 -36.69 -37.68 -23.93
N LYS D 414 -37.21 -38.44 -24.89
CA LYS D 414 -36.46 -39.59 -25.37
C LYS D 414 -35.15 -39.17 -26.03
N LEU D 415 -35.19 -38.11 -26.84
CA LEU D 415 -33.95 -37.66 -27.48
C LEU D 415 -32.93 -37.22 -26.44
N ILE D 416 -33.37 -36.48 -25.42
CA ILE D 416 -32.42 -36.05 -24.37
C ILE D 416 -31.87 -37.26 -23.62
N SER D 417 -32.75 -38.21 -23.29
CA SER D 417 -32.33 -39.42 -22.61
CA SER D 417 -32.33 -39.43 -22.61
C SER D 417 -31.33 -40.21 -23.44
N ILE D 418 -31.59 -40.38 -24.74
CA ILE D 418 -30.65 -41.15 -25.56
C ILE D 418 -29.32 -40.42 -25.68
N ALA D 419 -29.38 -39.12 -25.90
CA ALA D 419 -28.15 -38.33 -26.06
C ALA D 419 -27.33 -38.39 -24.80
N ARG D 420 -27.98 -38.38 -23.63
CA ARG D 420 -27.20 -38.43 -22.41
C ARG D 420 -26.47 -39.76 -22.28
N ASN D 421 -27.15 -40.87 -22.60
CA ASN D 421 -26.49 -42.18 -22.52
C ASN D 421 -25.39 -42.34 -23.54
N LYS D 422 -25.34 -41.48 -24.56
CA LYS D 422 -24.31 -41.51 -25.57
C LYS D 422 -23.22 -40.46 -25.37
N GLY D 423 -23.21 -39.74 -24.25
CA GLY D 423 -22.13 -38.82 -23.91
C GLY D 423 -22.42 -37.32 -24.00
N VAL D 424 -23.66 -36.91 -24.20
CA VAL D 424 -23.96 -35.50 -24.43
C VAL D 424 -25.11 -35.08 -23.51
N MET D 425 -24.86 -34.12 -22.64
N MET D 425 -24.83 -34.11 -22.65
CA MET D 425 -25.90 -33.66 -21.71
CA MET D 425 -25.82 -33.54 -21.75
C MET D 425 -26.58 -32.42 -22.29
C MET D 425 -26.56 -32.41 -22.45
N LEU D 426 -27.88 -32.54 -22.57
CA LEU D 426 -28.70 -31.49 -23.15
C LEU D 426 -29.79 -31.10 -22.17
N GLY D 427 -30.24 -29.85 -22.28
CA GLY D 427 -31.40 -29.44 -21.52
C GLY D 427 -32.61 -29.25 -22.40
N GLY D 428 -33.78 -29.23 -21.80
CA GLY D 428 -34.97 -28.95 -22.57
C GLY D 428 -35.54 -27.62 -22.13
N CYS D 429 -36.40 -27.02 -22.96
CA CYS D 429 -37.17 -25.86 -22.54
C CYS D 429 -38.53 -25.92 -23.20
N GLY D 430 -39.46 -25.15 -22.63
CA GLY D 430 -40.83 -25.29 -23.04
C GLY D 430 -41.25 -26.73 -22.81
N ASP D 431 -42.27 -27.16 -23.55
CA ASP D 431 -42.60 -28.57 -23.43
C ASP D 431 -41.84 -29.44 -24.44
N LYS D 432 -41.56 -28.93 -25.65
CA LYS D 432 -41.03 -29.85 -26.65
C LYS D 432 -39.76 -29.34 -27.31
N SER D 433 -39.06 -28.39 -26.71
CA SER D 433 -37.84 -27.88 -27.30
C SER D 433 -36.61 -28.47 -26.63
N ILE D 434 -35.52 -28.51 -27.38
CA ILE D 434 -34.21 -28.87 -26.87
C ILE D 434 -33.35 -27.62 -26.97
N ARG D 435 -32.65 -27.29 -25.88
CA ARG D 435 -31.89 -26.06 -25.86
C ARG D 435 -30.42 -26.37 -25.65
N PHE D 436 -29.58 -25.50 -26.18
CA PHE D 436 -28.13 -25.58 -25.97
C PHE D 436 -27.71 -24.42 -25.09
N ARG D 437 -26.94 -24.74 -24.04
CA ARG D 437 -26.31 -23.72 -23.20
C ARG D 437 -24.89 -24.17 -22.89
N PRO D 438 -24.01 -24.18 -23.88
CA PRO D 438 -22.64 -24.62 -23.62
C PRO D 438 -21.90 -23.57 -22.83
N THR D 439 -20.83 -24.00 -22.15
CA THR D 439 -19.94 -23.04 -21.49
CA THR D 439 -20.03 -22.98 -21.49
C THR D 439 -19.18 -22.25 -22.52
N LEU D 440 -18.50 -21.18 -22.09
CA LEU D 440 -17.77 -20.37 -23.06
C LEU D 440 -16.47 -21.00 -23.54
N VAL D 441 -16.07 -22.15 -23.02
CA VAL D 441 -14.93 -22.85 -23.62
C VAL D 441 -15.38 -23.91 -24.63
N PHE D 442 -16.66 -23.93 -24.97
CA PHE D 442 -17.19 -24.74 -26.07
C PHE D 442 -16.64 -24.23 -27.39
N ARG D 443 -16.04 -25.14 -28.16
N ARG D 443 -16.02 -25.13 -28.15
CA ARG D 443 -15.40 -24.80 -29.42
CA ARG D 443 -15.39 -24.80 -29.42
C ARG D 443 -16.22 -25.35 -30.59
C ARG D 443 -16.11 -25.48 -30.58
N ASP D 444 -15.73 -25.09 -31.80
CA ASP D 444 -16.33 -25.68 -32.99
C ASP D 444 -16.13 -27.20 -33.05
N HIS D 445 -15.02 -27.73 -32.53
CA HIS D 445 -14.90 -29.18 -32.57
C HIS D 445 -15.87 -29.87 -31.61
N HIS D 446 -16.25 -29.20 -30.49
CA HIS D 446 -17.31 -29.74 -29.62
C HIS D 446 -18.65 -29.71 -30.33
N ALA D 447 -18.90 -28.67 -31.11
CA ALA D 447 -20.13 -28.66 -31.93
C ALA D 447 -20.16 -29.87 -32.86
N HIS D 448 -19.05 -30.16 -33.52
CA HIS D 448 -19.02 -31.29 -34.45
C HIS D 448 -19.15 -32.61 -33.70
N LEU D 449 -18.56 -32.68 -32.51
CA LEU D 449 -18.71 -33.85 -31.67
C LEU D 449 -20.18 -34.14 -31.39
N PHE D 450 -20.91 -33.11 -30.96
CA PHE D 450 -22.34 -33.26 -30.72
C PHE D 450 -23.08 -33.64 -32.00
N LEU D 451 -22.82 -32.90 -33.08
CA LEU D 451 -23.58 -33.10 -34.32
C LEU D 451 -23.44 -34.52 -34.84
N ASN D 452 -22.23 -35.07 -34.78
CA ASN D 452 -22.02 -36.45 -35.24
C ASN D 452 -22.80 -37.42 -34.38
N ILE D 453 -22.76 -37.26 -33.05
CA ILE D 453 -23.53 -38.14 -32.16
C ILE D 453 -25.02 -37.98 -32.43
N PHE D 454 -25.50 -36.75 -32.54
N PHE D 454 -25.48 -36.74 -32.53
CA PHE D 454 -26.94 -36.59 -32.75
CA PHE D 454 -26.90 -36.50 -32.77
C PHE D 454 -27.36 -37.09 -34.12
C PHE D 454 -27.34 -37.09 -34.11
N SER D 455 -26.50 -36.94 -35.14
CA SER D 455 -26.80 -37.51 -36.45
C SER D 455 -27.00 -39.02 -36.36
N ASP D 456 -26.14 -39.70 -35.60
CA ASP D 456 -26.34 -41.13 -35.38
C ASP D 456 -27.65 -41.42 -34.68
N ILE D 457 -28.00 -40.64 -33.65
CA ILE D 457 -29.23 -40.90 -32.92
C ILE D 457 -30.44 -40.82 -33.86
N LEU D 458 -30.47 -39.79 -34.70
CA LEU D 458 -31.63 -39.60 -35.56
C LEU D 458 -31.71 -40.67 -36.64
N ALA D 459 -30.55 -41.14 -37.13
CA ALA D 459 -30.59 -42.22 -38.12
C ALA D 459 -31.24 -43.48 -37.55
N ASP D 460 -31.10 -43.70 -36.25
CA ASP D 460 -31.60 -44.89 -35.60
C ASP D 460 -32.92 -44.68 -34.88
N PHE D 461 -33.50 -43.48 -34.96
CA PHE D 461 -34.60 -43.14 -34.05
C PHE D 461 -35.89 -43.75 -34.55
N ALA D 462 -36.48 -44.62 -33.73
CA ALA D 462 -37.71 -45.34 -34.06
C ALA D 462 -38.93 -44.60 -33.51
FE1 FES E . 31.18 16.06 3.65
FE2 FES E . 33.00 14.58 2.14
S1 FES E . 31.38 13.92 3.48
S2 FES E . 32.91 16.74 2.43
N RMT F . 31.36 22.90 12.70
C RMT F . 32.09 21.32 14.46
O RMT F . 32.30 18.82 10.78
C1 RMT F . 31.44 22.59 14.02
C10 RMT F . 37.35 18.25 14.64
C11 RMT F . 37.34 18.47 15.97
C12 RMT F . 35.91 18.47 16.49
C13 RMT F . 38.55 18.21 13.79
C15 RMT F . 35.60 19.49 17.56
C2 RMT F . 31.85 22.10 11.74
C3 RMT F . 32.49 20.88 12.02
C4 RMT F . 32.64 20.43 13.42
C5 RMT F . 33.32 19.11 13.72
C6 RMT F . 33.04 20.04 10.88
C7 RMT F . 30.87 23.52 15.06
C8 RMT F . 35.16 18.57 15.19
C9 RMT F . 35.98 18.11 14.02
N1 RMT F . 33.99 19.02 15.02
O1 RMT F . 32.15 21.02 15.79
O14 RMT F . 39.68 18.34 14.34
O2 RMT F . 31.95 16.42 10.19
O3 RMT F . 33.62 17.80 8.87
O4 RMT F . 34.08 17.06 11.26
O5 RMT F . 38.40 18.08 12.54
O6 RMT F . 36.53 19.94 18.28
O7 RMT F . 34.41 19.82 17.74
P RMT F . 33.02 17.47 10.24
C ACT G . 23.23 24.94 32.87
O ACT G . 23.20 25.72 33.86
OXT ACT G . 22.52 25.28 31.87
CH3 ACT G . 24.05 23.69 32.87
C ACT H . 45.78 10.18 23.12
O ACT H . 45.26 9.44 23.99
OXT ACT H . 45.21 11.28 22.88
CH3 ACT H . 47.02 9.78 22.39
C1 GOL I . 50.54 1.04 -13.93
O1 GOL I . 50.64 2.44 -13.70
C2 GOL I . 50.75 0.20 -12.67
O2 GOL I . 50.17 0.86 -11.58
C3 GOL I . 50.14 -1.19 -12.80
O3 GOL I . 50.85 -1.95 -13.75
N RMT J . 36.08 13.51 -8.58
C RMT J . 34.03 12.76 -9.72
O RMT J . 32.77 13.47 -5.58
C1 RMT J . 35.51 12.89 -9.65
C2 RMT J . 35.39 14.02 -7.56
C3 RMT J . 34.00 13.98 -7.51
C4 RMT J . 33.24 13.33 -8.60
C5 RMT J . 31.73 13.26 -8.57
C6 RMT J . 33.27 14.56 -6.34
C7 RMT J . 36.36 12.34 -10.76
O1 RMT J . 33.45 12.14 -10.78
O2 RMT J . 31.27 12.34 -3.89
O3 RMT J . 30.27 13.91 -5.53
O4 RMT J . 31.75 14.78 -3.71
P RMT J . 31.47 13.64 -4.64
FE1 FES K . -31.59 -14.32 -4.02
FE2 FES K . -32.20 -15.58 -1.65
S1 FES K . -33.54 -14.43 -2.98
S2 FES K . -30.26 -15.44 -2.65
C1 GOL L . -42.10 -21.21 31.46
O1 GOL L . -43.22 -21.34 30.61
C2 GOL L . -40.93 -22.02 30.91
O2 GOL L . -40.81 -21.85 29.52
C3 GOL L . -39.66 -21.52 31.59
O3 GOL L . -38.60 -21.59 30.66
N RMT M . -35.88 -13.04 8.73
C RMT M . -34.05 -11.62 9.58
O RMT M . -32.71 -12.45 5.45
C1 RMT M . -35.24 -12.49 9.80
C10 RMT M . -32.07 -6.48 7.25
C11 RMT M . -31.87 -6.10 8.54
C12 RMT M . -31.35 -7.30 9.34
C13 RMT M . -32.37 -5.60 6.11
C15 RMT M . -31.77 -7.41 10.79
C2 RMT M . -35.50 -12.87 7.45
C3 RMT M . -34.40 -12.08 7.12
C4 RMT M . -33.63 -11.41 8.18
C5 RMT M . -32.44 -10.57 7.79
C6 RMT M . -34.00 -11.88 5.68
C7 RMT M . -35.74 -12.75 11.19
C8 RMT M . -31.79 -8.40 8.45
C9 RMT M . -31.99 -7.96 7.03
N1 RMT M . -32.01 -9.61 8.77
O1 RMT M . -33.38 -11.06 10.62
O14 RMT M . -32.43 -4.36 6.30
O2 RMT M . -32.72 -11.84 3.00
O3 RMT M . -31.31 -10.50 4.59
O4 RMT M . -30.64 -12.84 4.03
O5 RMT M . -32.59 -6.15 4.99
O6 RMT M . -31.50 -8.48 11.38
O7 RMT M . -32.32 -6.46 11.37
P RMT M . -31.82 -11.89 4.23
C ACT N . -30.64 -14.68 29.73
O ACT N . -31.21 -14.42 30.81
OXT ACT N . -30.94 -15.79 29.20
CH3 ACT N . -29.63 -13.72 29.11
N RMT O . -34.41 -14.67 -14.90
C RMT O . -33.67 -16.94 -15.53
O RMT O . -32.72 -16.74 -11.23
C1 RMT O . -34.08 -15.55 -15.88
C10 RMT O . -35.34 -22.26 -13.34
C11 RMT O . -35.25 -22.69 -14.61
C12 RMT O . -34.02 -22.07 -15.28
C13 RMT O . -36.32 -22.71 -12.36
C15 RMT O . -34.08 -21.80 -16.78
C2 RMT O . -34.40 -14.99 -13.60
C3 RMT O . -34.04 -16.26 -13.14
C4 RMT O . -33.64 -17.33 -14.10
C5 RMT O . -33.23 -18.71 -13.59
C6 RMT O . -34.06 -16.55 -11.66
C7 RMT O . -34.10 -15.12 -17.31
C8 RMT O . -33.82 -20.91 -14.34
C9 RMT O . -34.35 -21.19 -12.97
N1 RMT O . -33.34 -19.77 -14.59
O1 RMT O . -33.32 -17.82 -16.50
O14 RMT O . -36.34 -22.14 -11.23
O2 RMT O . -32.67 -19.14 -10.37
O3 RMT O . -33.25 -17.24 -8.82
O4 RMT O . -30.91 -17.57 -9.66
O5 RMT O . -37.09 -23.64 -12.68
O6 RMT O . -33.15 -21.14 -17.29
O7 RMT O . -35.00 -22.25 -17.51
P RMT O . -32.38 -17.69 -9.98
C ACT P . -26.00 -17.28 -34.87
O ACT P . -25.76 -16.19 -34.27
OXT ACT P . -26.55 -17.10 -35.99
CH3 ACT P . -25.68 -18.68 -34.34
#